data_4WSG
#
_entry.id   4WSG
#
_cell.length_a   82.528
_cell.length_b   155.523
_cell.length_c   157.260
_cell.angle_alpha   90.000
_cell.angle_beta   90.000
_cell.angle_gamma   90.000
#
_symmetry.space_group_name_H-M   'P 21 21 21'
#
loop_
_entity.id
_entity.type
_entity.pdbx_description
1 polymer 'Fusion glycoprotein F0'
2 non-polymer 2-acetamido-2-deoxy-beta-D-glucopyranose
#
_entity_poly.entity_id   1
_entity_poly.type   'polypeptide(L)'
_entity_poly.pdbx_seq_one_letter_code
;LDLAALMQIGVIPTNVRQLMYYTEASSAFIVVKLMPTIDSPISGCNITSISSYNATVTKLLQPIGENLETIRNQLIPTRR
RFAGVVIGLAALGVATAAQVTAAVALVKANENAAAILNLKNAIQKTNAAVADVVQATQSLGTAVQAVQDHINSVVSPAIT
AANCKAQDAIIGSILNLYLTELTTIFHNQITNPALSPITIQALRILLGSTLPTVVEKSFNTQISAAELLSSGLLTGQIVG
LDLTYMQMVIKIELPTLTVQPATQIIDLATISAFINNQEVMAQLPTRVMVTGSLIQAYPASQCTITPNTVYCRYNDAQVL
SDDTMACLQGNLTRCTFSPVVGSFLTRFVLFDGIVYANCRSMLCKCMQPAAVILQPSSSPVTVIDMYKCVSLQLDNLRFT
ITQLANVTYNSTIKLESSQILPIDPLDISQNLAAVNKSLSDALQHLAQSDTYLSAIEDKIEEILSKIYHIENEIARIKKL
IGEAPGGIEGRHHHHHH
;
_entity_poly.pdbx_strand_id   A,B,C
#
loop_
_chem_comp.id
_chem_comp.type
_chem_comp.name
_chem_comp.formula
NAG D-saccharide, beta linking 2-acetamido-2-deoxy-beta-D-glucopyranose 'C8 H15 N O6'
#
# COMPACT_ATOMS: atom_id res chain seq x y z
N LEU A 1 -1.92 -2.21 31.02
CA LEU A 1 -1.33 -3.07 30.00
C LEU A 1 -0.58 -4.26 30.59
N ASP A 2 -1.28 -5.39 30.73
CA ASP A 2 -0.67 -6.57 31.33
C ASP A 2 0.07 -7.41 30.29
N LEU A 3 1.38 -7.21 30.21
CA LEU A 3 2.23 -7.95 29.27
C LEU A 3 2.52 -9.39 29.70
N ALA A 4 2.73 -9.57 31.00
CA ALA A 4 3.08 -10.85 31.57
C ALA A 4 2.04 -11.85 31.15
N ALA A 5 0.78 -11.46 31.35
CA ALA A 5 -0.35 -12.33 31.06
C ALA A 5 -0.61 -12.42 29.57
N LEU A 6 -0.25 -11.37 28.83
CA LEU A 6 -0.44 -11.36 27.39
C LEU A 6 0.55 -12.30 26.68
N MET A 7 1.68 -12.59 27.32
CA MET A 7 2.67 -13.50 26.73
C MET A 7 2.25 -14.95 26.79
N GLN A 8 1.11 -15.24 27.44
CA GLN A 8 0.63 -16.59 27.59
C GLN A 8 -0.38 -16.96 26.51
N ILE A 9 -0.67 -16.01 25.64
CA ILE A 9 -1.34 -16.32 24.38
C ILE A 9 -0.50 -15.84 23.18
N GLY A 10 0.81 -15.75 23.41
CA GLY A 10 1.77 -15.50 22.35
C GLY A 10 2.05 -14.05 22.00
N VAL A 11 1.43 -13.15 22.75
CA VAL A 11 1.53 -11.73 22.43
C VAL A 11 2.80 -11.12 22.98
N ILE A 12 3.76 -10.92 22.08
CA ILE A 12 5.11 -10.51 22.44
C ILE A 12 5.35 -9.04 22.19
N PRO A 13 5.73 -8.31 23.25
CA PRO A 13 6.22 -6.93 23.14
C PRO A 13 7.64 -6.91 22.56
N THR A 14 7.76 -6.66 21.26
CA THR A 14 9.05 -6.73 20.56
C THR A 14 10.03 -5.65 21.00
N ASN A 15 9.50 -4.44 21.24
CA ASN A 15 10.32 -3.32 21.71
C ASN A 15 9.45 -2.24 22.33
N VAL A 16 10.00 -1.53 23.32
CA VAL A 16 9.28 -0.49 24.04
C VAL A 16 9.91 0.88 23.83
N ARG A 17 9.20 1.77 23.14
CA ARG A 17 9.77 3.04 22.73
C ARG A 17 9.10 4.22 23.42
N GLN A 18 9.86 5.30 23.59
CA GLN A 18 9.38 6.53 24.20
C GLN A 18 8.81 7.49 23.15
N LEU A 19 7.65 8.08 23.42
CA LEU A 19 6.99 9.00 22.48
C LEU A 19 7.57 10.42 22.54
N MET A 20 7.59 11.08 21.39
CA MET A 20 8.22 12.39 21.27
C MET A 20 7.31 13.44 20.62
N TYR A 21 7.42 14.67 21.10
CA TYR A 21 6.62 15.79 20.62
C TYR A 21 7.54 17.00 20.44
N TYR A 22 7.14 18.00 19.65
CA TYR A 22 8.05 19.13 19.41
C TYR A 22 7.77 20.44 20.16
N THR A 23 8.77 20.84 20.94
CA THR A 23 8.78 22.10 21.69
C THR A 23 8.85 23.36 20.80
N GLU A 24 9.75 23.32 19.81
CA GLU A 24 9.88 24.37 18.78
C GLU A 24 10.63 23.87 17.53
N ALA A 25 10.37 24.52 16.40
CA ALA A 25 10.85 24.01 15.12
C ALA A 25 11.96 24.85 14.50
N SER A 26 13.21 24.45 14.77
CA SER A 26 14.40 25.09 14.19
C SER A 26 14.36 25.16 12.66
N SER A 27 14.83 26.25 12.08
CA SER A 27 14.61 26.47 10.66
C SER A 27 15.86 26.97 9.87
N ALA A 28 15.75 26.92 8.54
CA ALA A 28 16.76 27.52 7.66
C ALA A 28 16.16 27.72 6.27
N PHE A 29 16.76 28.61 5.48
CA PHE A 29 16.24 28.89 4.14
C PHE A 29 17.10 28.36 2.98
N ILE A 30 16.46 28.08 1.86
CA ILE A 30 17.11 27.45 0.70
C ILE A 30 16.60 28.03 -0.61
N VAL A 31 17.51 28.50 -1.45
CA VAL A 31 17.15 28.97 -2.79
C VAL A 31 17.57 27.91 -3.78
N VAL A 32 16.69 27.57 -4.69
CA VAL A 32 17.07 26.59 -5.68
C VAL A 32 17.19 27.22 -7.04
N LYS A 33 18.41 27.25 -7.56
CA LYS A 33 18.65 27.63 -8.95
C LYS A 33 18.20 26.49 -9.86
N LEU A 34 17.11 26.73 -10.56
CA LEU A 34 16.58 25.73 -11.44
C LEU A 34 17.35 25.71 -12.75
N MET A 35 18.02 26.84 -13.03
CA MET A 35 18.85 26.99 -14.22
C MET A 35 20.31 26.98 -13.79
N PRO A 36 21.14 26.11 -14.40
CA PRO A 36 22.57 26.12 -14.04
C PRO A 36 23.24 27.33 -14.68
N THR A 37 24.42 27.68 -14.20
CA THR A 37 25.08 28.87 -14.72
C THR A 37 26.19 28.52 -15.73
N ILE A 38 26.34 29.31 -16.79
CA ILE A 38 27.48 29.13 -17.72
C ILE A 38 28.64 30.11 -17.48
N ASP A 39 29.85 29.56 -17.36
CA ASP A 39 30.99 30.45 -17.27
C ASP A 39 31.59 30.64 -18.65
N SER A 40 31.54 29.58 -19.46
CA SER A 40 31.98 29.65 -20.84
C SER A 40 31.28 30.75 -21.65
N PRO A 41 32.03 31.42 -22.53
CA PRO A 41 31.43 32.40 -23.44
C PRO A 41 30.85 31.76 -24.71
N ILE A 42 29.71 32.26 -25.13
CA ILE A 42 28.93 31.66 -26.23
C ILE A 42 28.96 32.57 -27.47
N SER A 43 29.39 31.99 -28.59
CA SER A 43 29.51 32.73 -29.85
C SER A 43 29.12 31.88 -31.07
N GLY A 44 28.24 32.46 -31.90
CA GLY A 44 27.75 31.81 -33.09
C GLY A 44 27.13 30.46 -32.81
N CYS A 45 26.44 30.37 -31.68
CA CYS A 45 25.79 29.13 -31.23
C CYS A 45 24.55 29.46 -30.41
N ASN A 46 23.37 29.04 -30.87
CA ASN A 46 22.12 29.18 -30.09
C ASN A 46 21.84 27.89 -29.36
N ILE A 47 22.23 27.81 -28.09
CA ILE A 47 22.01 26.57 -27.35
C ILE A 47 20.52 26.36 -27.08
N THR A 48 19.94 25.43 -27.85
CA THR A 48 18.50 25.22 -27.84
C THR A 48 18.03 24.55 -26.56
N SER A 49 18.92 23.80 -25.91
CA SER A 49 18.64 23.14 -24.63
C SER A 49 18.00 24.05 -23.59
N ILE A 50 18.35 25.31 -23.62
CA ILE A 50 18.01 26.15 -22.51
C ILE A 50 16.75 26.94 -22.73
N SER A 51 16.60 27.54 -23.90
CA SER A 51 15.38 28.29 -24.20
C SER A 51 14.13 27.40 -24.12
N SER A 52 14.35 26.09 -24.06
CA SER A 52 13.25 25.12 -23.88
C SER A 52 13.05 24.71 -22.42
N TYR A 53 14.07 24.08 -21.84
CA TYR A 53 14.13 23.79 -20.41
C TYR A 53 13.68 24.99 -19.58
N ASN A 54 14.00 26.20 -20.02
CA ASN A 54 13.46 27.38 -19.37
C ASN A 54 11.94 27.33 -19.52
N ALA A 55 11.46 27.26 -20.76
CA ALA A 55 10.03 27.35 -21.01
C ALA A 55 9.25 26.30 -20.24
N THR A 56 9.87 25.14 -20.04
CA THR A 56 9.15 23.99 -19.50
C THR A 56 9.15 23.94 -17.99
N VAL A 57 10.29 24.12 -17.34
CA VAL A 57 10.25 24.24 -15.88
C VAL A 57 9.43 25.48 -15.48
N THR A 58 9.29 26.42 -16.40
CA THR A 58 8.43 27.58 -16.18
C THR A 58 6.96 27.17 -16.27
N LYS A 59 6.62 26.37 -17.27
CA LYS A 59 5.26 25.86 -17.37
C LYS A 59 4.95 24.95 -16.17
N LEU A 60 5.89 24.07 -15.83
CA LEU A 60 5.75 23.15 -14.71
C LEU A 60 5.45 23.87 -13.40
N LEU A 61 6.04 25.04 -13.18
CA LEU A 61 5.84 25.76 -11.92
C LEU A 61 4.85 26.90 -11.99
N GLN A 62 4.17 27.04 -13.11
CA GLN A 62 3.18 28.10 -13.26
C GLN A 62 2.05 28.08 -12.21
N PRO A 63 1.58 26.88 -11.80
CA PRO A 63 0.60 26.84 -10.71
C PRO A 63 1.15 27.32 -9.38
N ILE A 64 2.25 26.73 -8.92
CA ILE A 64 2.81 27.12 -7.64
C ILE A 64 3.10 28.64 -7.61
N GLY A 65 3.50 29.17 -8.76
CA GLY A 65 3.65 30.60 -8.95
C GLY A 65 2.37 31.38 -8.68
N GLU A 66 1.34 31.16 -9.51
CA GLU A 66 0.08 31.92 -9.40
C GLU A 66 -0.57 31.81 -8.03
N ASN A 67 -0.21 30.76 -7.30
CA ASN A 67 -0.75 30.51 -5.97
C ASN A 67 0.03 31.27 -4.92
N LEU A 68 1.36 31.17 -4.95
CA LEU A 68 2.18 31.98 -4.06
C LEU A 68 1.74 33.44 -4.23
N GLU A 69 1.39 33.77 -5.47
CA GLU A 69 1.00 35.12 -5.86
C GLU A 69 -0.37 35.51 -5.31
N THR A 70 -1.40 34.75 -5.62
CA THR A 70 -2.74 35.04 -5.14
C THR A 70 -2.79 35.12 -3.60
N ILE A 71 -2.01 34.28 -2.95
CA ILE A 71 -1.98 34.27 -1.49
C ILE A 71 -1.27 35.51 -0.95
N ARG A 72 -0.06 35.75 -1.39
CA ARG A 72 0.68 36.92 -0.92
C ARG A 72 -0.02 38.25 -1.19
N ASN A 73 -0.78 38.28 -2.29
CA ASN A 73 -1.62 39.40 -2.61
C ASN A 73 -2.71 39.58 -1.54
N GLN A 74 -3.33 38.47 -1.09
CA GLN A 74 -4.35 38.53 -0.02
C GLN A 74 -4.00 37.78 1.28
N LEU A 75 -2.79 38.01 1.79
CA LEU A 75 -2.40 37.64 3.15
C LEU A 75 -2.75 38.81 4.04
N ILE A 76 -1.87 39.80 4.05
CA ILE A 76 -2.04 40.97 4.90
C ILE A 76 -2.15 40.53 6.36
N PRO A 77 -0.99 40.39 7.03
CA PRO A 77 -0.90 40.02 8.46
C PRO A 77 -0.87 41.22 9.43
N THR A 78 -1.76 42.19 9.26
CA THR A 78 -1.91 43.36 10.14
C THR A 78 -0.61 44.08 10.61
N ARG A 79 0.09 43.54 11.62
CA ARG A 79 1.40 44.06 12.03
C ARG A 79 2.46 42.97 11.94
N ARG A 80 2.03 41.73 12.15
CA ARG A 80 2.94 40.62 12.46
C ARG A 80 3.78 41.06 13.66
N ARG A 81 5.10 41.00 13.51
CA ARG A 81 6.07 41.40 14.55
C ARG A 81 5.54 42.51 15.48
N PHE A 82 5.12 42.14 16.69
CA PHE A 82 5.32 40.80 17.25
C PHE A 82 4.26 39.75 16.87
N ALA A 83 3.30 39.51 17.76
CA ALA A 83 2.22 38.58 17.44
C ALA A 83 1.10 39.34 16.75
N GLY A 84 0.79 38.96 15.53
CA GLY A 84 -0.24 39.64 14.78
C GLY A 84 -1.41 38.74 14.45
N VAL A 85 -2.12 39.11 13.40
CA VAL A 85 -3.35 38.43 13.01
C VAL A 85 -3.48 38.40 11.49
N VAL A 86 -3.79 37.25 10.91
CA VAL A 86 -3.93 37.16 9.46
C VAL A 86 -5.33 37.57 9.01
N ILE A 87 -5.42 38.31 7.91
CA ILE A 87 -6.67 38.89 7.44
C ILE A 87 -7.09 38.33 6.08
N GLY A 88 -8.34 37.94 5.91
CA GLY A 88 -8.80 37.47 4.62
C GLY A 88 -8.39 36.09 4.13
N LEU A 89 -8.57 35.07 4.98
CA LEU A 89 -8.24 33.70 4.62
C LEU A 89 -9.17 33.13 3.59
N ALA A 90 -10.30 33.80 3.36
CA ALA A 90 -11.27 33.36 2.36
C ALA A 90 -10.61 33.22 0.99
N ALA A 91 -9.47 33.88 0.85
CA ALA A 91 -8.65 33.76 -0.34
C ALA A 91 -8.17 32.32 -0.60
N LEU A 92 -8.19 31.47 0.42
CA LEU A 92 -7.81 30.07 0.25
C LEU A 92 -8.96 29.19 -0.26
N GLY A 93 -10.15 29.74 -0.45
CA GLY A 93 -11.28 28.90 -0.83
C GLY A 93 -11.66 27.88 0.26
N VAL A 94 -11.46 26.60 -0.03
CA VAL A 94 -11.58 25.63 1.05
C VAL A 94 -10.22 25.13 1.44
N ALA A 95 -9.97 25.05 2.74
CA ALA A 95 -8.67 24.62 3.19
C ALA A 95 -8.76 23.77 4.42
N THR A 96 -7.77 22.91 4.58
CA THR A 96 -7.68 22.12 5.78
C THR A 96 -6.85 22.84 6.83
N ALA A 97 -6.76 22.27 8.03
CA ALA A 97 -6.02 22.88 9.13
C ALA A 97 -4.53 22.94 8.81
N ALA A 98 -4.01 21.83 8.29
CA ALA A 98 -2.61 21.82 7.92
C ALA A 98 -2.33 22.83 6.80
N GLN A 99 -3.31 23.03 5.93
CA GLN A 99 -3.19 23.98 4.84
C GLN A 99 -3.22 25.39 5.39
N VAL A 100 -4.16 25.66 6.29
CA VAL A 100 -4.22 27.00 6.88
C VAL A 100 -2.97 27.31 7.71
N THR A 101 -2.49 26.35 8.48
CA THR A 101 -1.24 26.51 9.20
C THR A 101 -0.10 26.96 8.30
N ALA A 102 0.03 26.30 7.14
CA ALA A 102 1.10 26.62 6.18
C ALA A 102 0.87 27.96 5.51
N ALA A 103 -0.41 28.30 5.30
CA ALA A 103 -0.76 29.58 4.71
C ALA A 103 -0.21 30.73 5.55
N VAL A 104 -0.27 30.58 6.86
CA VAL A 104 0.22 31.60 7.78
C VAL A 104 1.75 31.60 7.89
N ALA A 105 2.35 30.42 7.79
CA ALA A 105 3.80 30.33 7.87
C ALA A 105 4.45 30.93 6.62
N LEU A 106 3.74 30.81 5.50
CA LEU A 106 4.11 31.46 4.25
C LEU A 106 4.19 32.96 4.47
N VAL A 107 3.12 33.55 4.99
CA VAL A 107 3.07 34.97 5.33
C VAL A 107 4.21 35.44 6.26
N LYS A 108 4.59 34.65 7.28
CA LYS A 108 5.70 35.08 8.14
C LYS A 108 7.02 35.10 7.39
N ALA A 109 7.32 34.00 6.69
CA ALA A 109 8.56 33.85 5.94
C ALA A 109 8.72 34.86 4.80
N ASN A 110 7.61 35.49 4.42
CA ASN A 110 7.56 36.60 3.47
C ASN A 110 8.80 37.47 3.42
N GLU A 111 9.18 38.00 4.58
CA GLU A 111 10.29 38.95 4.70
C GLU A 111 11.62 38.33 4.30
N ASN A 112 11.98 37.26 5.02
CA ASN A 112 13.24 36.58 4.78
C ASN A 112 13.27 36.09 3.33
N ALA A 113 12.08 35.82 2.78
CA ALA A 113 11.92 35.41 1.38
C ALA A 113 12.31 36.51 0.39
N ALA A 114 11.69 37.67 0.56
CA ALA A 114 11.97 38.83 -0.30
C ALA A 114 13.41 39.31 -0.15
N ALA A 115 13.93 39.17 1.07
CA ALA A 115 15.31 39.49 1.39
C ALA A 115 16.26 38.67 0.54
N ILE A 116 15.80 37.47 0.21
CA ILE A 116 16.60 36.50 -0.53
C ILE A 116 16.43 36.66 -2.04
N LEU A 117 15.19 36.77 -2.52
CA LEU A 117 14.96 36.99 -3.95
C LEU A 117 15.38 38.39 -4.39
N ASN A 118 15.66 39.25 -3.41
CA ASN A 118 16.24 40.56 -3.69
C ASN A 118 17.54 40.39 -4.44
N LEU A 119 18.36 39.47 -3.96
CA LEU A 119 19.68 39.19 -4.52
C LEU A 119 19.68 38.09 -5.59
N LYS A 120 18.62 37.97 -6.39
CA LYS A 120 18.56 36.91 -7.39
C LYS A 120 19.69 37.00 -8.44
N ASN A 121 19.98 38.22 -8.88
CA ASN A 121 21.06 38.46 -9.82
C ASN A 121 22.42 37.94 -9.38
N ALA A 122 22.76 38.19 -8.12
CA ALA A 122 24.02 37.69 -7.58
C ALA A 122 24.04 36.16 -7.60
N ILE A 123 23.02 35.57 -6.99
CA ILE A 123 22.87 34.13 -6.88
C ILE A 123 22.96 33.42 -8.23
N GLN A 124 22.33 34.01 -9.24
CA GLN A 124 22.30 33.43 -10.59
C GLN A 124 23.69 33.38 -11.20
N LYS A 125 24.36 34.52 -11.19
CA LYS A 125 25.69 34.68 -11.77
C LYS A 125 26.74 33.88 -11.03
N THR A 126 26.57 33.71 -9.71
CA THR A 126 27.48 32.88 -8.93
C THR A 126 27.46 31.46 -9.45
N ASN A 127 28.65 30.89 -9.66
CA ASN A 127 28.74 29.49 -10.05
C ASN A 127 29.17 28.66 -8.88
N ALA A 128 28.21 27.93 -8.31
CA ALA A 128 28.55 26.95 -7.29
C ALA A 128 27.47 25.89 -7.28
N ALA A 129 27.82 24.75 -6.70
CA ALA A 129 26.86 23.73 -6.37
C ALA A 129 26.12 24.18 -5.14
N VAL A 130 26.88 24.68 -4.17
CA VAL A 130 26.36 25.10 -2.87
C VAL A 130 27.02 26.40 -2.41
N ALA A 131 26.43 27.54 -2.77
CA ALA A 131 26.93 28.85 -2.34
C ALA A 131 26.16 29.37 -1.15
N ASP A 132 26.79 30.25 -0.38
CA ASP A 132 26.16 30.97 0.72
C ASP A 132 25.42 32.17 0.11
N VAL A 133 24.33 32.64 0.74
CA VAL A 133 23.71 33.89 0.32
C VAL A 133 23.84 34.99 1.36
N VAL A 134 24.59 36.04 1.02
CA VAL A 134 25.06 37.02 1.99
C VAL A 134 24.40 38.40 1.81
N GLN A 135 24.00 39.01 2.92
CA GLN A 135 23.67 40.43 2.95
C GLN A 135 24.07 41.05 4.29
N ALA A 136 24.88 42.10 4.20
CA ALA A 136 25.42 42.79 5.38
C ALA A 136 26.24 41.85 6.27
N THR A 137 27.11 41.06 5.62
CA THR A 137 27.94 40.03 6.26
C THR A 137 27.13 39.11 7.16
N GLN A 138 25.87 38.94 6.81
CA GLN A 138 25.01 37.98 7.45
C GLN A 138 24.56 36.98 6.37
N SER A 139 24.26 35.75 6.77
CA SER A 139 23.73 34.81 5.80
C SER A 139 22.20 34.73 5.90
N LEU A 140 21.54 35.11 4.81
CA LEU A 140 20.12 34.88 4.64
C LEU A 140 19.86 33.41 4.35
N GLY A 141 20.92 32.63 4.09
CA GLY A 141 20.78 31.20 3.83
C GLY A 141 21.69 30.55 2.77
N THR A 142 21.21 29.46 2.19
CA THR A 142 21.97 28.75 1.15
C THR A 142 21.23 28.68 -0.19
N ALA A 143 21.98 28.87 -1.28
CA ALA A 143 21.47 28.73 -2.64
C ALA A 143 22.16 27.54 -3.27
N VAL A 144 21.39 26.67 -3.92
CA VAL A 144 21.92 25.44 -4.52
C VAL A 144 21.48 25.25 -5.96
N GLN A 145 22.28 24.44 -6.68
CA GLN A 145 22.06 24.09 -8.08
C GLN A 145 22.52 22.66 -8.24
N ALA A 146 21.55 21.77 -8.44
CA ALA A 146 21.76 20.31 -8.33
C ALA A 146 22.68 19.67 -9.36
N VAL A 147 22.84 20.34 -10.51
CA VAL A 147 23.65 19.81 -11.61
C VAL A 147 24.89 20.63 -11.95
N GLN A 148 25.09 21.77 -11.29
CA GLN A 148 26.16 22.72 -11.66
C GLN A 148 27.51 22.02 -11.73
N ASP A 149 27.91 21.39 -10.62
CA ASP A 149 29.09 20.54 -10.60
C ASP A 149 29.27 19.68 -11.83
N HIS A 150 28.17 19.09 -12.28
CA HIS A 150 28.19 18.29 -13.49
C HIS A 150 28.35 19.14 -14.75
N ILE A 151 27.67 20.28 -14.83
CA ILE A 151 27.81 21.17 -15.97
C ILE A 151 29.25 21.65 -16.10
N ASN A 152 29.79 22.16 -15.00
CA ASN A 152 31.18 22.61 -14.92
C ASN A 152 32.16 21.55 -15.44
N SER A 153 31.88 20.29 -15.17
CA SER A 153 32.81 19.24 -15.49
C SER A 153 32.70 18.80 -16.96
N VAL A 154 31.84 19.45 -17.74
CA VAL A 154 31.60 18.95 -19.10
C VAL A 154 31.58 19.98 -20.26
N VAL A 155 31.19 21.22 -20.00
CA VAL A 155 31.19 22.20 -21.10
C VAL A 155 32.61 22.57 -21.53
N SER A 156 32.75 22.94 -22.80
CA SER A 156 34.00 23.51 -23.28
C SER A 156 34.28 24.85 -22.60
N PRO A 157 35.56 25.14 -22.36
CA PRO A 157 35.91 26.48 -21.87
C PRO A 157 35.38 27.55 -22.82
N ALA A 158 35.11 27.17 -24.07
CA ALA A 158 34.58 28.13 -25.03
C ALA A 158 33.55 27.52 -25.96
N ILE A 159 32.37 28.11 -25.98
CA ILE A 159 31.31 27.65 -26.89
C ILE A 159 31.42 28.43 -28.20
N THR A 160 31.66 27.69 -29.27
CA THR A 160 31.88 28.25 -30.59
C THR A 160 30.85 27.68 -31.54
N ALA A 161 30.83 28.17 -32.78
CA ALA A 161 29.91 27.66 -33.80
C ALA A 161 30.29 26.26 -34.28
N ALA A 162 31.47 25.78 -33.87
CA ALA A 162 31.86 24.37 -34.09
C ALA A 162 31.27 23.46 -32.99
N ASN A 163 31.38 23.92 -31.74
CA ASN A 163 30.98 23.17 -30.57
C ASN A 163 29.46 23.01 -30.41
N CYS A 164 28.73 23.84 -31.16
CA CYS A 164 27.30 24.06 -30.95
C CYS A 164 26.45 22.83 -30.71
N LYS A 165 26.26 22.00 -31.75
CA LYS A 165 25.46 20.77 -31.60
C LYS A 165 25.97 19.89 -30.45
N ALA A 166 27.29 19.69 -30.38
CA ALA A 166 27.87 18.79 -29.36
C ALA A 166 27.62 19.31 -27.96
N GLN A 167 27.69 20.63 -27.80
CA GLN A 167 27.41 21.23 -26.50
C GLN A 167 25.91 21.17 -26.18
N ASP A 168 25.10 21.76 -27.06
CA ASP A 168 23.64 21.75 -26.94
C ASP A 168 23.08 20.33 -26.80
N ALA A 169 23.86 19.35 -27.22
CA ALA A 169 23.54 17.97 -26.90
C ALA A 169 23.72 17.78 -25.42
N ILE A 170 24.97 17.71 -24.94
CA ILE A 170 25.16 17.20 -23.60
C ILE A 170 24.66 18.13 -22.51
N ILE A 171 24.42 19.40 -22.86
CA ILE A 171 23.71 20.25 -21.91
C ILE A 171 22.29 19.73 -21.83
N GLY A 172 21.62 19.61 -22.98
CA GLY A 172 20.30 19.00 -23.06
C GLY A 172 20.09 17.70 -22.28
N SER A 173 21.09 16.82 -22.34
CA SER A 173 21.10 15.59 -21.55
C SER A 173 20.90 15.87 -20.05
N ILE A 174 21.80 16.67 -19.49
CA ILE A 174 21.78 17.02 -18.08
C ILE A 174 20.54 17.80 -17.66
N LEU A 175 20.26 18.87 -18.40
CA LEU A 175 19.02 19.59 -18.23
C LEU A 175 17.80 18.68 -18.29
N ASN A 176 17.57 17.99 -19.41
CA ASN A 176 16.35 17.21 -19.57
C ASN A 176 16.18 16.05 -18.60
N LEU A 177 17.27 15.61 -17.99
CA LEU A 177 17.20 14.58 -16.97
C LEU A 177 16.69 15.16 -15.64
N TYR A 178 17.23 16.29 -15.24
CA TYR A 178 16.75 16.96 -14.04
C TYR A 178 15.31 17.41 -14.25
N LEU A 179 14.95 17.75 -15.49
CA LEU A 179 13.59 18.18 -15.80
C LEU A 179 12.62 17.02 -15.69
N THR A 180 13.10 15.80 -15.94
CA THR A 180 12.23 14.62 -15.80
C THR A 180 11.97 14.36 -14.33
N GLU A 181 12.96 14.61 -13.49
CA GLU A 181 12.78 14.37 -12.08
C GLU A 181 11.91 15.42 -11.39
N LEU A 182 11.90 16.63 -11.93
CA LEU A 182 11.01 17.66 -11.43
C LEU A 182 9.57 17.37 -11.86
N THR A 183 9.40 16.59 -12.93
CA THR A 183 8.04 16.32 -13.39
C THR A 183 7.31 15.26 -12.57
N THR A 184 8.04 14.60 -11.68
CA THR A 184 7.37 13.76 -10.70
C THR A 184 6.84 14.62 -9.55
N ILE A 185 7.75 15.24 -8.80
CA ILE A 185 7.36 15.93 -7.58
C ILE A 185 6.55 17.20 -7.79
N PHE A 186 6.13 17.51 -9.01
CA PHE A 186 5.44 18.78 -9.22
C PHE A 186 4.17 18.65 -10.01
N HIS A 187 3.55 17.48 -9.96
CA HIS A 187 2.22 17.38 -10.52
C HIS A 187 1.25 18.21 -9.71
N ASN A 188 0.36 18.91 -10.40
CA ASN A 188 -0.62 19.76 -9.76
C ASN A 188 -2.03 19.16 -9.66
N GLN A 189 -2.45 18.78 -8.46
CA GLN A 189 -3.79 18.22 -8.27
C GLN A 189 -4.78 19.18 -7.61
N ILE A 190 -4.29 19.90 -6.62
CA ILE A 190 -5.14 20.63 -5.68
C ILE A 190 -5.26 22.13 -5.94
N THR A 191 -5.97 22.84 -5.06
CA THR A 191 -6.29 24.25 -5.26
C THR A 191 -5.24 25.24 -4.72
N ASN A 192 -4.50 24.87 -3.68
CA ASN A 192 -3.42 25.72 -3.16
C ASN A 192 -2.12 24.95 -3.07
N PRO A 193 -1.51 24.66 -4.22
CA PRO A 193 -0.37 23.74 -4.22
C PRO A 193 0.84 24.36 -3.54
N ALA A 194 0.93 25.69 -3.50
CA ALA A 194 2.05 26.36 -2.84
C ALA A 194 2.17 25.89 -1.40
N LEU A 195 1.02 25.61 -0.81
CA LEU A 195 0.91 25.21 0.59
C LEU A 195 1.31 23.76 0.83
N SER A 196 1.41 22.98 -0.26
CA SER A 196 1.78 21.57 -0.16
C SER A 196 3.13 21.40 0.49
N PRO A 197 3.25 20.37 1.32
CA PRO A 197 4.54 20.08 1.98
C PRO A 197 5.54 19.55 0.95
N ILE A 198 6.81 19.79 1.22
CA ILE A 198 7.89 19.21 0.44
C ILE A 198 8.46 18.06 1.28
N THR A 199 8.34 16.81 0.78
CA THR A 199 8.77 15.61 1.53
C THR A 199 10.28 15.54 1.53
N ILE A 200 10.89 14.72 2.38
CA ILE A 200 12.35 14.54 2.29
C ILE A 200 12.70 13.85 0.98
N GLN A 201 11.71 13.23 0.37
CA GLN A 201 11.85 12.67 -0.96
C GLN A 201 11.97 13.77 -2.04
N ALA A 202 10.96 14.62 -2.15
CA ALA A 202 10.97 15.72 -3.13
C ALA A 202 12.22 16.61 -3.00
N LEU A 203 12.73 16.73 -1.77
CA LEU A 203 13.97 17.46 -1.49
C LEU A 203 15.21 16.79 -2.10
N ARG A 204 15.33 15.47 -1.97
CA ARG A 204 16.47 14.74 -2.54
C ARG A 204 16.49 14.88 -4.03
N ILE A 205 15.31 14.99 -4.63
CA ILE A 205 15.22 15.25 -6.05
C ILE A 205 15.69 16.67 -6.41
N LEU A 206 15.20 17.67 -5.70
CA LEU A 206 15.52 19.06 -6.02
C LEU A 206 17.02 19.39 -5.83
N LEU A 207 17.57 18.97 -4.69
CA LEU A 207 18.92 19.38 -4.33
C LEU A 207 19.98 18.47 -4.92
N GLY A 208 19.61 17.23 -5.20
CA GLY A 208 20.53 16.26 -5.75
C GLY A 208 21.66 15.93 -4.80
N SER A 209 22.89 15.95 -5.33
CA SER A 209 24.07 15.65 -4.54
C SER A 209 24.40 16.75 -3.52
N THR A 210 23.72 17.89 -3.63
CA THR A 210 23.95 19.01 -2.72
C THR A 210 23.35 18.81 -1.34
N LEU A 211 22.43 17.85 -1.22
CA LEU A 211 21.68 17.66 0.01
C LEU A 211 22.54 17.48 1.27
N PRO A 212 23.54 16.57 1.26
CA PRO A 212 24.28 16.41 2.51
C PRO A 212 24.98 17.69 2.96
N THR A 213 25.52 18.43 2.01
CA THR A 213 26.22 19.68 2.32
C THR A 213 25.29 20.71 2.96
N VAL A 214 24.05 20.79 2.45
CA VAL A 214 23.07 21.74 2.96
C VAL A 214 22.56 21.37 4.36
N VAL A 215 22.44 20.08 4.62
CA VAL A 215 22.00 19.61 5.94
C VAL A 215 23.08 19.89 6.99
N GLU A 216 24.36 19.72 6.63
CA GLU A 216 25.47 20.03 7.54
C GLU A 216 25.53 21.54 7.78
N LYS A 217 25.14 22.30 6.75
CA LYS A 217 25.25 23.75 6.73
C LYS A 217 24.04 24.48 7.34
N SER A 218 22.83 24.10 6.95
CA SER A 218 21.62 24.84 7.32
C SER A 218 21.22 24.68 8.79
N PHE A 219 21.59 23.56 9.37
CA PHE A 219 21.27 23.32 10.76
C PHE A 219 22.55 23.04 11.52
N ASN A 220 22.63 23.60 12.73
CA ASN A 220 23.68 23.21 13.67
C ASN A 220 23.04 22.60 14.91
N THR A 221 23.53 21.42 15.29
CA THR A 221 22.90 20.64 16.34
C THR A 221 23.79 19.48 16.80
N GLN A 222 23.35 18.79 17.86
CA GLN A 222 23.98 17.55 18.30
C GLN A 222 23.61 16.37 17.40
N ILE A 223 22.60 16.56 16.56
CA ILE A 223 22.18 15.53 15.61
C ILE A 223 23.23 15.37 14.50
N SER A 224 23.50 14.12 14.10
CA SER A 224 24.43 13.85 13.01
C SER A 224 23.70 13.92 11.68
N ALA A 225 24.39 14.44 10.66
CA ALA A 225 23.82 14.55 9.32
C ALA A 225 23.42 13.17 8.81
N ALA A 226 24.08 12.14 9.33
CA ALA A 226 23.73 10.78 8.98
C ALA A 226 22.26 10.49 9.32
N GLU A 227 21.92 10.52 10.60
CA GLU A 227 20.56 10.18 11.04
C GLU A 227 19.53 11.23 10.57
N LEU A 228 20.02 12.41 10.26
CA LEU A 228 19.19 13.54 9.88
C LEU A 228 18.72 13.42 8.44
N LEU A 229 19.63 12.92 7.60
CA LEU A 229 19.37 12.64 6.18
C LEU A 229 18.54 11.37 6.02
N SER A 230 18.69 10.45 6.99
CA SER A 230 18.19 9.09 6.87
C SER A 230 16.76 8.95 7.39
N SER A 231 16.46 9.70 8.45
CA SER A 231 15.12 9.76 9.01
C SER A 231 14.27 10.70 8.14
N GLY A 232 13.15 11.15 8.68
CA GLY A 232 12.26 11.98 7.89
C GLY A 232 11.81 13.16 8.71
N LEU A 233 12.64 13.55 9.67
CA LEU A 233 12.38 14.73 10.50
C LEU A 233 12.22 15.95 9.61
N LEU A 234 13.17 16.13 8.68
CA LEU A 234 13.23 17.27 7.75
C LEU A 234 12.00 17.43 6.87
N THR A 235 11.59 18.69 6.68
CA THR A 235 10.40 18.99 5.91
C THR A 235 10.52 20.40 5.38
N GLY A 236 9.73 20.71 4.37
CA GLY A 236 9.87 22.00 3.72
C GLY A 236 8.58 22.59 3.22
N GLN A 237 8.55 23.92 3.15
CA GLN A 237 7.45 24.62 2.55
C GLN A 237 8.06 25.60 1.55
N ILE A 238 7.54 25.61 0.34
CA ILE A 238 7.91 26.63 -0.64
C ILE A 238 7.44 27.98 -0.10
N VAL A 239 8.38 28.88 0.17
CA VAL A 239 8.00 30.19 0.68
C VAL A 239 8.22 31.35 -0.29
N GLY A 240 8.88 31.10 -1.43
CA GLY A 240 9.08 32.15 -2.41
C GLY A 240 9.54 31.60 -3.74
N LEU A 241 9.12 32.26 -4.82
CA LEU A 241 9.51 31.80 -6.16
C LEU A 241 9.47 32.85 -7.26
N ASP A 242 10.63 33.13 -7.82
CA ASP A 242 10.70 33.95 -9.02
C ASP A 242 10.89 33.09 -10.27
N LEU A 243 10.02 33.28 -11.26
CA LEU A 243 10.02 32.49 -12.49
C LEU A 243 11.16 32.84 -13.44
N THR A 244 11.33 34.14 -13.70
CA THR A 244 12.31 34.58 -14.68
C THR A 244 13.72 34.12 -14.31
N TYR A 245 14.05 34.15 -13.03
CA TYR A 245 15.34 33.62 -12.60
C TYR A 245 15.32 32.10 -12.35
N MET A 246 14.11 31.54 -12.31
CA MET A 246 13.91 30.14 -11.95
C MET A 246 14.66 29.86 -10.65
N GLN A 247 14.30 30.63 -9.62
CA GLN A 247 14.84 30.47 -8.28
C GLN A 247 13.66 30.30 -7.32
N MET A 248 13.76 29.30 -6.46
CA MET A 248 12.62 28.86 -5.67
C MET A 248 13.02 28.76 -4.20
N VAL A 249 12.42 29.59 -3.36
CA VAL A 249 12.86 29.63 -1.97
C VAL A 249 12.09 28.64 -1.14
N ILE A 250 12.80 27.88 -0.31
CA ILE A 250 12.16 26.84 0.49
C ILE A 250 12.54 26.87 1.95
N LYS A 251 11.56 27.06 2.83
CA LYS A 251 11.84 27.00 4.25
C LYS A 251 11.93 25.54 4.66
N ILE A 252 12.93 25.23 5.46
CA ILE A 252 13.22 23.87 5.84
C ILE A 252 13.21 23.85 7.32
N GLU A 253 12.39 22.99 7.90
CA GLU A 253 12.23 22.95 9.35
C GLU A 253 12.76 21.64 9.94
N LEU A 254 13.69 21.75 10.88
CA LEU A 254 14.09 20.62 11.70
C LEU A 254 13.55 20.84 13.11
N PRO A 255 12.55 20.04 13.51
CA PRO A 255 11.88 20.16 14.81
C PRO A 255 12.75 19.72 15.98
N THR A 256 12.78 20.53 17.04
CA THR A 256 13.46 20.17 18.28
C THR A 256 12.52 19.31 19.13
N LEU A 257 12.96 18.12 19.47
CA LEU A 257 12.06 17.17 20.11
C LEU A 257 12.36 17.05 21.58
N THR A 258 11.35 16.58 22.31
CA THR A 258 11.52 16.19 23.69
C THR A 258 10.55 15.06 24.00
N VAL A 259 10.97 14.19 24.91
CA VAL A 259 10.14 13.13 25.47
C VAL A 259 8.79 13.65 25.98
N GLN A 260 7.72 12.90 25.72
CA GLN A 260 6.45 13.11 26.42
C GLN A 260 6.37 12.08 27.54
N PRO A 261 6.30 12.55 28.79
CA PRO A 261 6.51 11.73 29.99
C PRO A 261 5.34 10.79 30.27
N ALA A 262 5.64 9.72 31.02
CA ALA A 262 4.66 8.69 31.37
C ALA A 262 3.92 8.06 30.20
N THR A 263 4.51 8.14 29.00
CA THR A 263 3.92 7.51 27.83
C THR A 263 4.92 6.55 27.22
N GLN A 264 4.44 5.40 26.77
CA GLN A 264 5.30 4.48 26.05
C GLN A 264 4.56 4.02 24.80
N ILE A 265 5.32 3.66 23.77
CA ILE A 265 4.75 3.06 22.57
C ILE A 265 5.34 1.66 22.41
N ILE A 266 4.46 0.65 22.46
CA ILE A 266 4.89 -0.75 22.49
C ILE A 266 4.44 -1.53 21.26
N ASP A 267 5.40 -2.10 20.53
CA ASP A 267 5.06 -2.90 19.36
C ASP A 267 4.67 -4.31 19.79
N LEU A 268 3.56 -4.80 19.27
CA LEU A 268 3.10 -6.14 19.63
C LEU A 268 3.19 -7.09 18.44
N ALA A 269 3.98 -8.14 18.57
CA ALA A 269 3.92 -9.24 17.61
C ALA A 269 3.28 -10.47 18.27
N THR A 270 2.75 -11.40 17.45
CA THR A 270 2.05 -12.57 17.97
C THR A 270 2.53 -13.87 17.35
N ILE A 271 3.01 -14.82 18.16
CA ILE A 271 3.28 -16.17 17.64
C ILE A 271 1.97 -16.93 17.58
N SER A 272 1.95 -18.05 16.86
CA SER A 272 0.76 -18.88 16.83
C SER A 272 0.56 -19.59 18.18
N ALA A 273 -0.69 -19.82 18.52
CA ALA A 273 -1.02 -20.50 19.77
C ALA A 273 -1.95 -21.69 19.47
N PHE A 274 -1.96 -22.67 20.38
CA PHE A 274 -2.84 -23.83 20.21
C PHE A 274 -3.94 -23.84 21.25
N ILE A 275 -5.17 -23.64 20.78
CA ILE A 275 -6.32 -23.38 21.64
C ILE A 275 -7.59 -24.00 21.06
N ASN A 276 -8.23 -24.91 21.80
CA ASN A 276 -9.46 -25.53 21.32
C ASN A 276 -9.22 -26.20 19.94
N ASN A 277 -8.10 -26.92 19.88
CA ASN A 277 -7.73 -27.71 18.68
C ASN A 277 -7.51 -26.95 17.36
N GLN A 278 -7.39 -25.63 17.42
CA GLN A 278 -7.00 -24.86 16.25
C GLN A 278 -5.67 -24.12 16.48
N GLU A 279 -4.93 -23.87 15.40
CA GLU A 279 -3.78 -22.98 15.48
C GLU A 279 -4.23 -21.56 15.15
N VAL A 280 -4.13 -20.67 16.14
CA VAL A 280 -4.59 -19.30 16.00
C VAL A 280 -3.51 -18.31 16.42
N MET A 281 -3.82 -17.03 16.30
CA MET A 281 -3.00 -15.95 16.88
C MET A 281 -3.94 -14.94 17.49
N ALA A 282 -3.44 -14.19 18.47
CA ALA A 282 -4.22 -13.09 19.02
C ALA A 282 -4.53 -12.01 17.97
N GLN A 283 -5.76 -11.53 17.99
CA GLN A 283 -6.14 -10.39 17.17
C GLN A 283 -6.03 -9.07 17.94
N LEU A 284 -4.81 -8.52 17.98
CA LEU A 284 -4.54 -7.26 18.64
C LEU A 284 -3.85 -6.26 17.70
N PRO A 285 -4.01 -4.96 17.99
CA PRO A 285 -3.18 -3.90 17.41
C PRO A 285 -1.67 -4.25 17.45
N THR A 286 -0.94 -3.93 16.39
CA THR A 286 0.46 -4.35 16.30
C THR A 286 1.37 -3.43 17.06
N ARG A 287 0.82 -2.28 17.45
CA ARG A 287 1.57 -1.28 18.20
C ARG A 287 0.59 -0.32 18.85
N VAL A 288 0.69 -0.18 20.17
CA VAL A 288 -0.21 0.69 20.89
C VAL A 288 0.52 1.78 21.67
N MET A 289 -0.20 2.85 22.01
CA MET A 289 0.32 3.88 22.88
C MET A 289 -0.28 3.69 24.25
N VAL A 290 0.55 3.85 25.27
CA VAL A 290 0.14 3.58 26.64
C VAL A 290 0.54 4.74 27.51
N THR A 291 -0.45 5.44 28.06
CA THR A 291 -0.21 6.47 29.07
C THR A 291 -1.03 6.17 30.32
N GLY A 292 -0.35 5.74 31.37
CA GLY A 292 -1.02 5.36 32.60
C GLY A 292 -1.99 4.24 32.34
N SER A 293 -3.29 4.55 32.47
CA SER A 293 -4.33 3.53 32.30
C SER A 293 -5.06 3.66 30.95
N LEU A 294 -4.46 4.41 30.04
CA LEU A 294 -5.05 4.62 28.73
C LEU A 294 -4.30 3.80 27.68
N ILE A 295 -5.02 3.29 26.68
CA ILE A 295 -4.40 2.54 25.59
C ILE A 295 -5.10 2.80 24.26
N GLN A 296 -4.33 3.15 23.23
CA GLN A 296 -4.84 3.24 21.86
C GLN A 296 -3.94 2.67 20.80
N ALA A 297 -4.53 2.41 19.63
CA ALA A 297 -3.79 1.85 18.53
C ALA A 297 -2.94 2.94 17.91
N TYR A 298 -1.62 2.78 17.96
CA TYR A 298 -0.73 3.79 17.41
C TYR A 298 0.09 3.31 16.23
N PRO A 299 -0.50 3.38 15.02
CA PRO A 299 0.33 3.11 13.85
C PRO A 299 1.18 4.35 13.51
N ALA A 300 2.49 4.20 13.60
CA ALA A 300 3.35 5.30 13.21
C ALA A 300 3.74 5.12 11.75
N SER A 301 2.92 5.66 10.84
CA SER A 301 3.16 5.50 9.42
C SER A 301 4.21 6.48 8.89
N GLN A 302 3.81 7.73 8.69
CA GLN A 302 4.70 8.79 8.28
C GLN A 302 5.74 9.10 9.37
N CYS A 303 5.51 8.57 10.57
CA CYS A 303 6.27 8.97 11.74
C CYS A 303 7.72 8.45 11.74
N THR A 304 8.56 9.13 12.51
CA THR A 304 9.99 8.81 12.55
C THR A 304 10.39 7.92 13.74
N ILE A 305 10.63 6.65 13.45
CA ILE A 305 10.93 5.66 14.48
C ILE A 305 12.43 5.43 14.60
N THR A 306 12.90 5.23 15.82
CA THR A 306 14.28 4.88 16.10
C THR A 306 14.28 3.88 17.28
N PRO A 307 15.37 3.11 17.48
CA PRO A 307 15.47 2.09 18.53
C PRO A 307 14.75 2.42 19.85
N ASN A 308 14.89 3.65 20.35
CA ASN A 308 14.29 4.01 21.63
C ASN A 308 13.25 5.12 21.53
N THR A 309 12.75 5.42 20.33
CA THR A 309 12.01 6.66 20.16
C THR A 309 11.04 6.68 18.99
N VAL A 310 9.87 7.29 19.18
CA VAL A 310 8.97 7.60 18.05
C VAL A 310 8.60 9.07 18.03
N TYR A 311 8.91 9.75 16.93
CA TYR A 311 8.44 11.11 16.75
C TYR A 311 7.32 11.12 15.76
N CYS A 312 6.13 11.35 16.27
CA CYS A 312 5.02 11.65 15.40
C CYS A 312 4.74 13.13 15.44
N ARG A 313 5.00 13.77 14.30
CA ARG A 313 4.65 15.15 14.07
C ARG A 313 3.13 15.26 14.18
N TYR A 314 2.47 14.21 13.68
CA TYR A 314 1.02 14.11 13.57
C TYR A 314 0.46 13.16 14.64
N ASN A 315 -0.82 12.83 14.56
CA ASN A 315 -1.42 11.91 15.53
C ASN A 315 -2.57 11.08 14.93
N ASP A 316 -2.30 9.81 14.64
CA ASP A 316 -3.28 8.99 13.92
C ASP A 316 -3.78 7.81 14.76
N ALA A 317 -3.94 8.05 16.06
CA ALA A 317 -4.42 7.01 16.96
C ALA A 317 -5.83 6.53 16.57
N GLN A 318 -6.03 5.24 16.79
CA GLN A 318 -7.33 4.64 16.59
C GLN A 318 -7.85 4.27 17.97
N VAL A 319 -9.16 4.17 18.14
CA VAL A 319 -9.71 3.80 19.44
C VAL A 319 -9.86 2.30 19.60
N LEU A 320 -9.75 1.81 20.82
CA LEU A 320 -9.82 0.37 21.06
C LEU A 320 -11.17 -0.07 21.65
N SER A 321 -11.74 -1.14 21.09
CA SER A 321 -13.04 -1.65 21.53
C SER A 321 -12.98 -2.14 22.96
N ASP A 322 -14.13 -2.34 23.57
CA ASP A 322 -14.15 -2.65 24.99
C ASP A 322 -13.49 -3.98 25.35
N ASP A 323 -13.68 -4.99 24.52
CA ASP A 323 -13.04 -6.30 24.71
C ASP A 323 -11.54 -6.17 24.53
N THR A 324 -11.16 -5.48 23.47
CA THR A 324 -9.76 -5.22 23.11
C THR A 324 -8.97 -4.60 24.27
N MET A 325 -9.59 -3.65 24.97
CA MET A 325 -9.00 -3.05 26.18
C MET A 325 -8.90 -4.11 27.26
N ALA A 326 -10.01 -4.78 27.49
CA ALA A 326 -10.10 -5.82 28.50
C ALA A 326 -9.02 -6.82 28.21
N CYS A 327 -8.92 -7.21 26.95
CA CYS A 327 -7.96 -8.18 26.49
C CYS A 327 -6.55 -7.74 26.87
N LEU A 328 -6.23 -6.49 26.54
CA LEU A 328 -4.89 -5.97 26.78
C LEU A 328 -4.64 -5.80 28.28
N GLN A 329 -5.70 -5.73 29.07
CA GLN A 329 -5.56 -5.42 30.47
C GLN A 329 -5.66 -6.61 31.41
N GLY A 330 -5.56 -7.82 30.87
CA GLY A 330 -5.57 -9.00 31.71
C GLY A 330 -6.67 -10.00 31.45
N ASN A 331 -7.91 -9.54 31.26
CA ASN A 331 -9.04 -10.47 31.06
C ASN A 331 -8.95 -11.18 29.72
N LEU A 332 -8.32 -12.35 29.72
CA LEU A 332 -7.98 -13.07 28.50
C LEU A 332 -9.18 -13.76 27.86
N THR A 333 -10.33 -13.65 28.51
CA THR A 333 -11.56 -14.26 27.99
C THR A 333 -12.24 -13.31 27.02
N ARG A 334 -11.57 -12.18 26.79
CA ARG A 334 -12.04 -11.14 25.90
C ARG A 334 -11.07 -10.90 24.74
N CYS A 335 -9.88 -11.52 24.83
CA CYS A 335 -9.00 -11.59 23.67
C CYS A 335 -9.70 -12.35 22.56
N THR A 336 -9.40 -11.97 21.32
CA THR A 336 -10.10 -12.53 20.18
C THR A 336 -9.09 -13.26 19.29
N PHE A 337 -9.37 -14.51 18.95
CA PHE A 337 -8.42 -15.28 18.15
C PHE A 337 -8.95 -15.61 16.76
N SER A 338 -8.08 -16.11 15.91
CA SER A 338 -8.47 -16.39 14.55
C SER A 338 -7.55 -17.47 13.99
N PRO A 339 -8.13 -18.43 13.25
CA PRO A 339 -7.32 -19.51 12.68
C PRO A 339 -6.24 -18.93 11.78
N VAL A 340 -5.03 -19.45 11.89
CA VAL A 340 -3.93 -19.05 11.02
C VAL A 340 -3.25 -20.30 10.51
N VAL A 341 -2.52 -20.17 9.40
CA VAL A 341 -1.73 -21.30 8.94
C VAL A 341 -0.32 -21.04 9.39
N GLY A 342 0.00 -21.59 10.55
CA GLY A 342 1.30 -21.38 11.16
C GLY A 342 2.46 -21.72 10.26
N SER A 343 3.61 -21.25 10.68
CA SER A 343 4.84 -21.57 10.02
C SER A 343 5.94 -21.39 11.04
N PHE A 344 7.05 -22.04 10.74
CA PHE A 344 8.25 -22.00 11.53
C PHE A 344 8.58 -20.58 12.00
N LEU A 345 8.47 -19.60 11.10
CA LEU A 345 8.84 -18.21 11.38
C LEU A 345 7.90 -17.58 12.37
N THR A 346 6.65 -18.02 12.32
CA THR A 346 5.57 -17.44 13.11
C THR A 346 5.22 -18.26 14.35
N ARG A 347 5.98 -19.33 14.63
CA ARG A 347 5.62 -20.25 15.70
C ARG A 347 6.49 -20.16 16.94
N PHE A 348 7.41 -19.21 16.97
CA PHE A 348 8.18 -18.93 18.18
C PHE A 348 8.98 -17.64 18.04
N VAL A 349 9.22 -16.96 19.15
CA VAL A 349 10.20 -15.89 19.16
C VAL A 349 11.20 -16.18 20.25
N LEU A 350 12.05 -15.21 20.53
CA LEU A 350 13.07 -15.41 21.55
C LEU A 350 13.29 -14.12 22.33
N PHE A 351 13.10 -14.22 23.64
CA PHE A 351 12.90 -13.08 24.53
C PHE A 351 13.93 -13.06 25.67
N ASP A 352 14.95 -12.20 25.55
CA ASP A 352 16.02 -12.09 26.55
C ASP A 352 16.66 -13.43 26.91
N GLY A 353 16.73 -14.35 25.93
CA GLY A 353 17.34 -15.65 26.15
C GLY A 353 16.39 -16.77 26.55
N ILE A 354 15.09 -16.54 26.43
CA ILE A 354 14.09 -17.56 26.76
C ILE A 354 13.23 -17.82 25.52
N VAL A 355 12.73 -19.05 25.37
CA VAL A 355 11.96 -19.41 24.20
C VAL A 355 10.45 -19.41 24.47
N TYR A 356 9.71 -18.57 23.77
CA TYR A 356 8.25 -18.64 23.81
C TYR A 356 7.75 -19.27 22.53
N ALA A 357 7.37 -20.55 22.61
CA ALA A 357 6.98 -21.30 21.42
C ALA A 357 5.60 -21.94 21.51
N ASN A 358 5.03 -22.20 20.34
CA ASN A 358 3.86 -23.05 20.22
C ASN A 358 4.35 -24.48 19.99
N CYS A 359 4.75 -25.14 21.07
CA CYS A 359 5.43 -26.45 21.01
C CYS A 359 4.50 -27.59 20.65
N ARG A 360 3.32 -27.26 20.12
CA ARG A 360 2.38 -28.29 19.73
C ARG A 360 2.17 -28.34 18.22
N SER A 361 2.05 -27.17 17.57
CA SER A 361 1.93 -27.13 16.11
C SER A 361 3.29 -27.40 15.51
N MET A 362 4.31 -27.18 16.33
CA MET A 362 5.70 -27.34 15.91
C MET A 362 6.45 -28.26 16.87
N LEU A 363 7.45 -28.97 16.36
CA LEU A 363 8.22 -29.92 17.17
C LEU A 363 9.29 -29.21 17.99
N CYS A 364 9.13 -29.28 19.32
CA CYS A 364 10.15 -28.78 20.22
C CYS A 364 10.89 -29.99 20.77
N LYS A 365 12.11 -30.21 20.30
CA LYS A 365 12.91 -31.33 20.76
C LYS A 365 14.08 -30.84 21.60
N CYS A 366 14.12 -31.25 22.86
CA CYS A 366 15.20 -30.93 23.76
C CYS A 366 16.37 -31.87 23.49
N MET A 367 17.59 -31.35 23.67
CA MET A 367 18.79 -32.19 23.57
C MET A 367 19.26 -32.65 24.95
N GLN A 368 19.53 -31.71 25.86
CA GLN A 368 19.93 -32.06 27.23
C GLN A 368 18.93 -31.62 28.31
N PRO A 369 18.19 -32.57 28.89
CA PRO A 369 18.13 -33.95 28.40
C PRO A 369 17.19 -34.09 27.19
N ALA A 370 17.36 -35.13 26.40
CA ALA A 370 16.56 -35.28 25.19
C ALA A 370 15.19 -35.91 25.45
N ALA A 371 14.15 -35.09 25.35
CA ALA A 371 12.77 -35.56 25.47
C ALA A 371 11.88 -34.63 24.65
N VAL A 372 11.19 -35.18 23.65
CA VAL A 372 10.27 -34.38 22.85
C VAL A 372 9.30 -33.64 23.79
N ILE A 373 9.34 -32.31 23.76
CA ILE A 373 8.53 -31.50 24.67
C ILE A 373 7.09 -31.36 24.19
N LEU A 374 6.18 -31.99 24.93
CA LEU A 374 4.76 -32.00 24.57
C LEU A 374 4.03 -30.84 25.22
N GLN A 375 3.11 -30.24 24.48
CA GLN A 375 2.36 -29.10 25.01
C GLN A 375 0.91 -29.45 25.34
N PRO A 376 0.55 -29.35 26.64
CA PRO A 376 -0.79 -29.62 27.16
C PRO A 376 -1.83 -28.69 26.55
N SER A 377 -3.10 -29.08 26.62
CA SER A 377 -4.16 -28.29 26.02
C SER A 377 -4.52 -27.07 26.87
N SER A 378 -4.21 -27.15 28.16
CA SER A 378 -4.44 -26.05 29.09
C SER A 378 -3.40 -24.95 28.90
N SER A 379 -2.42 -25.20 28.03
CA SER A 379 -1.41 -24.21 27.68
C SER A 379 -1.40 -23.92 26.19
N PRO A 380 -1.76 -22.68 25.82
CA PRO A 380 -1.87 -22.27 24.41
C PRO A 380 -0.52 -22.18 23.72
N VAL A 381 0.51 -21.73 24.44
CA VAL A 381 1.89 -21.71 23.96
C VAL A 381 2.80 -22.11 25.10
N THR A 382 4.04 -22.46 24.78
CA THR A 382 4.94 -23.02 25.78
C THR A 382 6.17 -22.15 26.09
N VAL A 383 6.45 -21.98 27.39
CA VAL A 383 7.65 -21.28 27.84
C VAL A 383 8.80 -22.27 28.06
N ILE A 384 10.00 -21.89 27.63
CA ILE A 384 11.17 -22.79 27.72
C ILE A 384 12.41 -22.09 28.26
N ASP A 385 12.85 -22.47 29.46
CA ASP A 385 14.08 -21.90 30.02
C ASP A 385 15.12 -22.99 30.36
N MET A 386 16.11 -22.62 31.17
CA MET A 386 17.19 -23.53 31.59
C MET A 386 16.66 -24.85 32.17
N TYR A 387 15.65 -24.76 33.04
CA TYR A 387 15.11 -25.93 33.74
C TYR A 387 14.42 -26.94 32.81
N LYS A 388 13.57 -26.45 31.91
CA LYS A 388 12.89 -27.33 30.97
C LYS A 388 13.88 -27.90 29.97
N CYS A 389 14.98 -27.19 29.75
CA CYS A 389 15.98 -27.58 28.75
C CYS A 389 17.24 -26.72 28.80
N VAL A 390 18.41 -27.34 28.73
CA VAL A 390 19.67 -26.58 28.67
C VAL A 390 20.22 -26.55 27.24
N SER A 391 19.68 -27.40 26.36
CA SER A 391 20.09 -27.40 24.97
C SER A 391 18.93 -27.74 24.03
N LEU A 392 18.42 -26.75 23.32
CA LEU A 392 17.30 -26.99 22.42
C LEU A 392 17.75 -27.41 21.03
N GLN A 393 16.87 -28.08 20.31
CA GLN A 393 17.05 -28.23 18.88
C GLN A 393 15.76 -27.78 18.26
N LEU A 394 15.81 -27.17 17.08
CA LEU A 394 14.59 -26.96 16.36
C LEU A 394 14.92 -27.00 14.88
N ASP A 395 14.37 -28.03 14.25
CA ASP A 395 14.82 -28.50 12.95
C ASP A 395 16.32 -28.65 12.86
N ASN A 396 16.91 -27.64 12.23
CA ASN A 396 18.34 -27.55 12.01
C ASN A 396 18.94 -26.55 12.98
N LEU A 397 18.09 -25.65 13.46
CA LEU A 397 18.49 -24.57 14.36
C LEU A 397 18.63 -25.06 15.81
N ARG A 398 19.84 -25.00 16.35
CA ARG A 398 20.09 -25.54 17.68
C ARG A 398 20.83 -24.53 18.55
N PHE A 399 20.56 -24.54 19.85
CA PHE A 399 21.20 -23.61 20.77
C PHE A 399 21.07 -24.02 22.23
N THR A 400 21.84 -23.39 23.10
CA THR A 400 21.74 -23.63 24.52
C THR A 400 21.07 -22.46 25.24
N ILE A 401 20.68 -22.69 26.49
CA ILE A 401 19.99 -21.69 27.30
C ILE A 401 20.66 -21.53 28.67
N THR A 402 20.97 -20.30 29.05
CA THR A 402 21.47 -20.03 30.40
C THR A 402 20.38 -19.35 31.22
N GLN A 403 19.39 -18.82 30.51
CA GLN A 403 18.33 -18.00 31.12
C GLN A 403 17.27 -18.77 31.92
N LEU A 404 16.77 -18.12 32.96
CA LEU A 404 15.76 -18.70 33.84
C LEU A 404 14.66 -17.65 34.10
N ALA A 405 13.40 -18.02 33.83
CA ALA A 405 12.29 -17.08 33.95
C ALA A 405 11.79 -16.95 35.38
N ASN A 406 11.52 -15.71 35.80
CA ASN A 406 10.89 -15.49 37.10
C ASN A 406 9.50 -16.12 37.07
N VAL A 407 9.27 -17.10 37.96
CA VAL A 407 8.04 -17.94 37.99
C VAL A 407 6.76 -17.26 37.50
N THR A 408 6.24 -16.34 38.32
CA THR A 408 5.21 -15.35 37.96
C THR A 408 4.17 -15.79 36.92
N TYR A 409 3.62 -16.99 37.08
CA TYR A 409 2.69 -17.52 36.10
C TYR A 409 1.41 -18.00 36.75
N ASN A 410 1.52 -19.09 37.51
CA ASN A 410 0.40 -19.81 38.10
C ASN A 410 -0.80 -20.08 37.16
N SER A 411 -0.78 -21.26 36.55
CA SER A 411 -1.83 -21.76 35.66
C SER A 411 -3.23 -21.76 36.32
N THR A 412 -4.32 -21.82 35.53
CA THR A 412 -4.26 -21.90 34.07
C THR A 412 -5.18 -20.92 33.35
N ILE A 413 -5.23 -21.08 32.03
CA ILE A 413 -5.87 -20.13 31.15
C ILE A 413 -7.02 -20.83 30.43
N LYS A 414 -8.25 -20.43 30.73
CA LYS A 414 -9.42 -21.05 30.10
C LYS A 414 -10.06 -20.10 29.10
N LEU A 415 -10.26 -20.60 27.88
CA LEU A 415 -10.75 -19.81 26.77
C LEU A 415 -11.71 -20.64 25.96
N GLU A 416 -12.89 -20.09 25.68
CA GLU A 416 -13.89 -20.82 24.91
C GLU A 416 -13.72 -20.58 23.43
N SER A 417 -14.11 -21.58 22.63
CA SER A 417 -14.10 -21.49 21.18
C SER A 417 -14.83 -20.27 20.63
N SER A 418 -15.66 -19.63 21.47
CA SER A 418 -16.38 -18.42 21.06
C SER A 418 -15.43 -17.22 21.01
N GLN A 419 -14.19 -17.43 21.40
CA GLN A 419 -13.18 -16.39 21.32
C GLN A 419 -12.37 -16.51 20.02
N ILE A 420 -12.91 -17.26 19.08
CA ILE A 420 -12.22 -17.54 17.83
C ILE A 420 -13.11 -17.06 16.68
N LEU A 421 -12.76 -15.90 16.14
CA LEU A 421 -13.60 -15.19 15.21
C LEU A 421 -12.95 -15.08 13.82
N PRO A 422 -13.77 -14.89 12.78
CA PRO A 422 -13.23 -14.48 11.48
C PRO A 422 -12.77 -13.06 11.61
N ILE A 423 -11.68 -12.70 10.95
CA ILE A 423 -11.25 -11.32 10.90
C ILE A 423 -11.36 -10.81 9.49
N ASP A 424 -11.77 -11.68 8.58
CA ASP A 424 -11.89 -11.30 7.18
C ASP A 424 -13.29 -10.84 6.80
N PRO A 425 -13.39 -9.69 6.11
CA PRO A 425 -14.63 -9.11 5.59
C PRO A 425 -15.57 -10.14 4.98
N LEU A 426 -15.05 -10.98 4.10
CA LEU A 426 -15.89 -12.00 3.50
C LEU A 426 -16.36 -13.03 4.53
N ASP A 427 -15.39 -13.59 5.27
CA ASP A 427 -15.68 -14.55 6.33
C ASP A 427 -16.74 -14.01 7.30
N ILE A 428 -16.50 -12.81 7.81
CA ILE A 428 -17.46 -12.14 8.67
C ILE A 428 -18.80 -11.95 7.97
N SER A 429 -18.81 -11.33 6.78
CA SER A 429 -20.06 -11.09 6.07
C SER A 429 -20.87 -12.36 5.92
N GLN A 430 -20.18 -13.48 5.89
CA GLN A 430 -20.81 -14.81 5.81
C GLN A 430 -21.43 -15.21 7.14
N ASN A 431 -20.64 -15.15 8.21
CA ASN A 431 -21.11 -15.45 9.56
C ASN A 431 -22.30 -14.58 9.93
N LEU A 432 -22.35 -13.37 9.37
CA LEU A 432 -23.49 -12.49 9.57
C LEU A 432 -24.75 -13.01 8.90
N ALA A 433 -24.68 -13.37 7.62
CA ALA A 433 -25.87 -13.83 6.92
C ALA A 433 -26.46 -15.09 7.61
N ALA A 434 -25.57 -15.89 8.21
CA ALA A 434 -25.96 -17.10 8.93
C ALA A 434 -26.80 -16.77 10.13
N VAL A 435 -26.30 -15.86 10.96
CA VAL A 435 -27.02 -15.38 12.10
C VAL A 435 -28.34 -14.79 11.65
N ASN A 436 -28.36 -14.00 10.58
CA ASN A 436 -29.61 -13.46 10.07
C ASN A 436 -30.64 -14.57 9.78
N LYS A 437 -30.17 -15.63 9.11
CA LYS A 437 -30.98 -16.82 8.85
C LYS A 437 -31.54 -17.42 10.15
N SER A 438 -30.64 -17.69 11.09
CA SER A 438 -31.01 -18.22 12.39
C SER A 438 -32.08 -17.35 13.02
N LEU A 439 -31.89 -16.04 12.97
CA LEU A 439 -32.86 -15.11 13.51
C LEU A 439 -34.21 -15.18 12.80
N SER A 440 -34.22 -15.60 11.54
CA SER A 440 -35.49 -15.70 10.82
C SER A 440 -36.21 -16.98 11.16
N ASP A 441 -35.42 -17.96 11.61
CA ASP A 441 -35.93 -19.20 12.19
C ASP A 441 -36.65 -18.89 13.51
N ALA A 442 -36.01 -18.05 14.33
CA ALA A 442 -36.61 -17.62 15.60
C ALA A 442 -37.80 -16.67 15.43
N LEU A 443 -37.97 -16.09 14.23
CA LEU A 443 -39.13 -15.23 14.00
C LEU A 443 -40.36 -16.03 13.55
N GLN A 444 -40.13 -16.98 12.65
CA GLN A 444 -41.22 -17.84 12.20
C GLN A 444 -41.66 -18.73 13.38
N HIS A 445 -40.70 -19.07 14.23
CA HIS A 445 -40.93 -19.91 15.41
C HIS A 445 -41.90 -19.22 16.38
N LEU A 446 -41.68 -17.92 16.60
CA LEU A 446 -42.52 -17.12 17.47
C LEU A 446 -43.93 -17.03 16.92
N ALA A 447 -44.07 -16.62 15.67
CA ALA A 447 -45.39 -16.50 15.05
C ALA A 447 -46.20 -17.81 15.21
N GLN A 448 -45.47 -18.92 15.27
CA GLN A 448 -46.06 -20.23 15.46
C GLN A 448 -46.37 -20.54 16.93
N SER A 449 -45.58 -19.99 17.83
CA SER A 449 -45.79 -20.15 19.26
C SER A 449 -46.86 -19.16 19.71
N ASP A 450 -47.36 -18.35 18.77
CA ASP A 450 -48.39 -17.35 19.06
C ASP A 450 -49.76 -17.77 18.55
N THR A 451 -49.75 -18.81 17.73
CA THR A 451 -50.97 -19.46 17.29
C THR A 451 -51.38 -20.52 18.33
N TYR A 452 -50.38 -21.05 19.04
CA TYR A 452 -50.64 -21.96 20.15
C TYR A 452 -51.33 -21.23 21.29
N LEU A 453 -50.84 -20.05 21.60
CA LEU A 453 -51.46 -19.22 22.63
C LEU A 453 -52.92 -18.93 22.30
N SER A 454 -53.16 -18.41 21.09
CA SER A 454 -54.52 -18.11 20.66
C SER A 454 -55.42 -19.34 20.81
N ALA A 455 -54.86 -20.52 20.55
CA ALA A 455 -55.56 -21.78 20.81
C ALA A 455 -55.85 -21.93 22.30
N ILE A 456 -54.80 -22.16 23.08
CA ILE A 456 -54.89 -22.30 24.53
C ILE A 456 -55.77 -21.24 25.22
N GLU A 457 -55.67 -19.99 24.80
CA GLU A 457 -56.51 -18.96 25.43
C GLU A 457 -57.99 -19.22 25.13
N ASP A 458 -58.24 -19.85 23.99
CA ASP A 458 -59.61 -20.09 23.54
C ASP A 458 -60.23 -21.36 24.16
N LYS A 459 -59.34 -22.27 24.59
CA LYS A 459 -59.71 -23.49 25.32
C LYS A 459 -59.99 -23.17 26.79
N ILE A 460 -59.32 -22.16 27.30
CA ILE A 460 -59.60 -21.60 28.62
C ILE A 460 -60.97 -20.93 28.62
N GLU A 461 -61.32 -20.26 27.53
CA GLU A 461 -62.63 -19.61 27.40
C GLU A 461 -63.80 -20.63 27.38
N GLU A 462 -63.56 -21.78 26.78
CA GLU A 462 -64.52 -22.88 26.83
C GLU A 462 -64.68 -23.43 28.25
N ILE A 463 -63.57 -23.66 28.95
CA ILE A 463 -63.61 -24.07 30.36
C ILE A 463 -64.35 -23.07 31.27
N LEU A 464 -64.21 -21.78 31.00
CA LEU A 464 -64.97 -20.79 31.76
C LEU A 464 -66.46 -20.98 31.53
N SER A 465 -66.85 -21.18 30.27
CA SER A 465 -68.26 -21.37 29.90
C SER A 465 -68.87 -22.59 30.60
N LYS A 466 -68.13 -23.70 30.59
CA LYS A 466 -68.55 -24.89 31.32
C LYS A 466 -68.71 -24.59 32.81
N ILE A 467 -67.76 -23.84 33.38
CA ILE A 467 -67.77 -23.56 34.82
C ILE A 467 -68.90 -22.61 35.24
N TYR A 468 -69.30 -21.71 34.36
CA TYR A 468 -70.40 -20.80 34.66
C TYR A 468 -71.72 -21.56 34.67
N HIS A 469 -71.78 -22.66 33.92
CA HIS A 469 -73.01 -23.43 33.85
C HIS A 469 -73.17 -24.43 35.00
N ILE A 470 -72.11 -25.18 35.31
CA ILE A 470 -72.11 -26.02 36.51
C ILE A 470 -72.50 -25.21 37.75
N GLU A 471 -71.71 -24.19 38.09
CA GLU A 471 -71.94 -23.39 39.28
C GLU A 471 -73.36 -22.77 39.35
N ASN A 472 -73.98 -22.59 38.19
CA ASN A 472 -75.36 -22.09 38.16
C ASN A 472 -76.41 -23.21 38.36
N GLU A 473 -76.11 -24.40 37.85
CA GLU A 473 -77.00 -25.54 38.04
C GLU A 473 -76.97 -25.99 39.49
N ILE A 474 -75.88 -25.67 40.19
CA ILE A 474 -75.79 -25.94 41.62
C ILE A 474 -76.68 -24.97 42.39
N ALA A 475 -76.79 -23.73 41.92
CA ALA A 475 -77.72 -22.77 42.50
C ALA A 475 -79.17 -23.25 42.34
N ARG A 476 -79.43 -23.89 41.20
CA ARG A 476 -80.74 -24.47 40.86
C ARG A 476 -81.17 -25.49 41.90
N ILE A 477 -80.20 -26.09 42.58
CA ILE A 477 -80.48 -26.97 43.70
C ILE A 477 -80.62 -26.17 45.02
N LYS A 478 -81.82 -25.63 45.23
CA LYS A 478 -82.21 -24.99 46.49
C LYS A 478 -83.28 -25.85 47.16
N LYS A 479 -82.90 -26.52 48.24
CA LYS A 479 -83.73 -27.50 48.92
C LYS A 479 -84.07 -27.05 50.33
N LEU B 1 -11.95 -28.90 -6.06
CA LEU B 1 -11.85 -27.67 -6.83
C LEU B 1 -12.49 -27.82 -8.20
N ASP B 2 -13.78 -27.57 -8.27
CA ASP B 2 -14.48 -27.63 -9.55
C ASP B 2 -14.33 -26.31 -10.28
N LEU B 3 -13.33 -26.23 -11.16
CA LEU B 3 -13.09 -25.01 -11.90
C LEU B 3 -14.18 -24.78 -12.94
N ALA B 4 -14.59 -25.87 -13.58
CA ALA B 4 -15.59 -25.77 -14.64
C ALA B 4 -16.97 -25.32 -14.13
N ALA B 5 -17.31 -25.68 -12.89
CA ALA B 5 -18.54 -25.18 -12.32
C ALA B 5 -18.34 -23.72 -11.98
N LEU B 6 -17.21 -23.43 -11.35
CA LEU B 6 -16.84 -22.08 -11.01
C LEU B 6 -16.95 -21.15 -12.23
N MET B 7 -16.56 -21.65 -13.40
CA MET B 7 -16.62 -20.81 -14.58
C MET B 7 -18.03 -20.35 -14.92
N GLN B 8 -19.03 -21.10 -14.45
CA GLN B 8 -20.41 -20.83 -14.85
C GLN B 8 -20.95 -19.54 -14.25
N ILE B 9 -20.30 -19.09 -13.18
CA ILE B 9 -20.68 -17.85 -12.51
C ILE B 9 -19.60 -16.79 -12.72
N GLY B 10 -18.73 -17.05 -13.69
CA GLY B 10 -17.75 -16.06 -14.10
C GLY B 10 -16.42 -16.09 -13.37
N VAL B 11 -16.10 -17.24 -12.78
CA VAL B 11 -14.84 -17.39 -12.07
C VAL B 11 -13.82 -18.05 -12.96
N ILE B 12 -12.81 -17.26 -13.33
CA ILE B 12 -11.87 -17.65 -14.37
C ILE B 12 -10.50 -17.93 -13.79
N PRO B 13 -9.94 -19.13 -14.08
CA PRO B 13 -8.58 -19.45 -13.65
C PRO B 13 -7.63 -19.03 -14.75
N THR B 14 -6.94 -17.91 -14.53
CA THR B 14 -6.15 -17.29 -15.59
C THR B 14 -4.70 -17.74 -15.59
N ASN B 15 -4.28 -18.42 -14.53
CA ASN B 15 -2.92 -18.94 -14.45
C ASN B 15 -2.89 -20.21 -13.64
N VAL B 16 -2.07 -21.17 -14.06
CA VAL B 16 -1.83 -22.35 -13.25
C VAL B 16 -0.33 -22.55 -13.12
N ARG B 17 0.19 -22.58 -11.89
CA ARG B 17 1.64 -22.61 -11.70
C ARG B 17 2.10 -23.67 -10.70
N GLN B 18 3.36 -24.12 -10.87
CA GLN B 18 4.03 -24.97 -9.91
C GLN B 18 4.48 -24.16 -8.71
N LEU B 19 4.84 -24.84 -7.63
CA LEU B 19 5.36 -24.16 -6.45
C LEU B 19 6.73 -24.73 -6.08
N MET B 20 7.69 -23.85 -5.79
CA MET B 20 9.05 -24.28 -5.50
C MET B 20 9.35 -24.11 -4.04
N TYR B 21 10.02 -25.11 -3.45
CA TYR B 21 10.46 -24.99 -2.06
C TYR B 21 11.96 -24.79 -1.94
N TYR B 22 12.32 -23.82 -1.09
CA TYR B 22 13.70 -23.57 -0.71
C TYR B 22 14.40 -24.87 -0.28
N THR B 23 15.62 -25.08 -0.76
CA THR B 23 16.42 -26.23 -0.36
C THR B 23 17.72 -25.78 0.32
N GLU B 24 18.70 -25.36 -0.48
CA GLU B 24 19.95 -24.84 0.06
C GLU B 24 20.15 -23.45 -0.47
N ALA B 25 21.16 -22.76 0.05
CA ALA B 25 21.57 -21.48 -0.51
C ALA B 25 22.91 -21.65 -1.21
N SER B 26 23.17 -20.78 -2.18
CA SER B 26 24.50 -20.65 -2.75
C SER B 26 25.09 -19.38 -2.18
N SER B 27 26.06 -19.49 -1.28
CA SER B 27 26.65 -18.31 -0.68
C SER B 27 27.86 -17.75 -1.46
N ALA B 28 27.84 -16.44 -1.68
CA ALA B 28 28.93 -15.69 -2.30
C ALA B 28 29.31 -14.54 -1.38
N PHE B 29 30.55 -14.09 -1.41
CA PHE B 29 30.95 -12.97 -0.55
C PHE B 29 31.32 -11.73 -1.34
N ILE B 30 30.88 -10.57 -0.86
CA ILE B 30 31.17 -9.27 -1.48
C ILE B 30 31.86 -8.42 -0.44
N VAL B 31 32.72 -7.50 -0.89
CA VAL B 31 33.20 -6.43 -0.03
C VAL B 31 32.98 -5.09 -0.72
N VAL B 32 32.17 -4.23 -0.11
CA VAL B 32 31.95 -2.90 -0.65
C VAL B 32 33.02 -1.93 -0.18
N LYS B 33 33.94 -1.63 -1.09
CA LYS B 33 34.90 -0.55 -0.93
C LYS B 33 34.01 0.70 -0.97
N LEU B 34 33.73 1.25 0.21
CA LEU B 34 32.85 2.40 0.29
C LEU B 34 33.60 3.66 -0.11
N MET B 35 34.88 3.68 0.23
CA MET B 35 35.74 4.81 -0.06
C MET B 35 36.56 4.52 -1.32
N PRO B 36 36.33 5.30 -2.38
CA PRO B 36 37.03 5.04 -3.64
C PRO B 36 38.51 5.38 -3.49
N THR B 37 39.37 4.73 -4.26
CA THR B 37 40.81 5.02 -4.16
C THR B 37 41.20 6.15 -5.12
N ILE B 38 42.10 7.02 -4.66
CA ILE B 38 42.54 8.18 -5.47
C ILE B 38 44.05 8.25 -5.77
N ASP B 39 44.43 7.87 -6.99
CA ASP B 39 45.83 7.77 -7.37
C ASP B 39 46.48 9.12 -7.70
N SER B 40 45.66 10.09 -8.07
CA SER B 40 46.17 11.40 -8.42
C SER B 40 46.97 11.95 -7.24
N PRO B 41 48.12 12.56 -7.54
CA PRO B 41 48.90 13.29 -6.51
C PRO B 41 48.19 14.56 -6.09
N ILE B 42 48.17 14.79 -4.78
CA ILE B 42 47.63 16.03 -4.22
C ILE B 42 48.81 16.88 -3.72
N SER B 43 48.76 18.17 -3.95
CA SER B 43 49.85 19.04 -3.53
C SER B 43 49.34 20.34 -2.95
N GLY B 44 49.52 20.51 -1.65
CA GLY B 44 49.04 21.70 -0.96
C GLY B 44 47.57 21.92 -1.25
N CYS B 45 46.75 21.07 -0.63
CA CYS B 45 45.34 20.98 -0.93
C CYS B 45 44.70 19.94 -0.03
N ASN B 46 43.78 20.37 0.82
CA ASN B 46 42.99 19.47 1.66
C ASN B 46 41.67 19.18 0.95
N ILE B 47 41.54 18.00 0.35
CA ILE B 47 40.27 17.63 -0.28
C ILE B 47 39.24 17.33 0.80
N THR B 48 38.40 18.32 1.07
CA THR B 48 37.48 18.27 2.19
C THR B 48 36.38 17.21 2.01
N SER B 49 36.01 16.95 0.76
CA SER B 49 34.95 16.01 0.43
C SER B 49 35.17 14.64 1.04
N ILE B 50 36.40 14.14 0.95
CA ILE B 50 36.78 12.87 1.57
C ILE B 50 36.45 12.81 3.07
N SER B 51 36.89 13.81 3.82
CA SER B 51 36.76 13.76 5.27
C SER B 51 35.32 13.88 5.73
N SER B 52 34.52 14.67 5.01
CA SER B 52 33.08 14.74 5.30
C SER B 52 32.37 13.41 4.97
N TYR B 53 32.52 12.95 3.73
CA TYR B 53 32.09 11.62 3.33
C TYR B 53 32.50 10.55 4.37
N ASN B 54 33.80 10.47 4.65
CA ASN B 54 34.36 9.54 5.63
C ASN B 54 33.63 9.62 6.98
N ALA B 55 33.45 10.82 7.49
CA ALA B 55 32.75 11.00 8.76
C ALA B 55 31.28 10.61 8.66
N THR B 56 30.58 11.26 7.73
CA THR B 56 29.13 11.11 7.62
C THR B 56 28.76 9.64 7.46
N VAL B 57 29.49 8.94 6.60
CA VAL B 57 29.29 7.50 6.39
C VAL B 57 29.59 6.67 7.64
N THR B 58 30.68 6.99 8.34
CA THR B 58 31.06 6.29 9.58
C THR B 58 29.96 6.38 10.68
N LYS B 59 29.33 7.55 10.78
CA LYS B 59 28.21 7.74 11.69
C LYS B 59 27.02 6.91 11.24
N LEU B 60 26.68 6.98 9.96
CA LEU B 60 25.56 6.21 9.38
C LEU B 60 25.61 4.71 9.72
N LEU B 61 26.82 4.17 9.80
CA LEU B 61 27.02 2.75 10.08
C LEU B 61 27.15 2.38 11.56
N GLN B 62 27.27 3.38 12.44
CA GLN B 62 27.37 3.14 13.89
C GLN B 62 26.47 2.01 14.39
N PRO B 63 25.16 2.03 14.06
CA PRO B 63 24.28 0.96 14.56
C PRO B 63 24.72 -0.41 14.11
N ILE B 64 24.98 -0.58 12.82
CA ILE B 64 25.27 -1.90 12.29
C ILE B 64 26.59 -2.45 12.81
N GLY B 65 27.58 -1.59 12.91
CA GLY B 65 28.87 -1.98 13.46
C GLY B 65 28.75 -2.46 14.88
N GLU B 66 28.14 -1.63 15.73
CA GLU B 66 27.91 -1.96 17.15
C GLU B 66 27.19 -3.28 17.27
N ASN B 67 26.05 -3.36 16.60
CA ASN B 67 25.23 -4.55 16.65
C ASN B 67 25.94 -5.77 16.04
N LEU B 68 26.87 -5.52 15.12
CA LEU B 68 27.74 -6.57 14.58
C LEU B 68 28.66 -7.10 15.69
N GLU B 69 29.49 -6.20 16.24
CA GLU B 69 30.45 -6.58 17.28
C GLU B 69 29.78 -7.14 18.53
N THR B 70 28.66 -6.53 18.95
CA THR B 70 27.92 -7.00 20.11
C THR B 70 27.55 -8.48 19.96
N ILE B 71 27.05 -8.85 18.80
CA ILE B 71 26.68 -10.24 18.55
C ILE B 71 27.88 -11.17 18.42
N ARG B 72 28.96 -10.71 17.77
CA ARG B 72 30.19 -11.51 17.61
C ARG B 72 30.89 -11.80 18.93
N ASN B 73 30.92 -10.81 19.82
CA ASN B 73 31.47 -10.98 21.16
C ASN B 73 30.64 -11.98 21.98
N GLN B 74 29.33 -11.81 21.92
CA GLN B 74 28.43 -12.55 22.80
C GLN B 74 28.04 -13.93 22.27
N LEU B 75 27.78 -14.02 20.97
CA LEU B 75 27.22 -15.27 20.44
C LEU B 75 28.14 -16.50 20.57
N ILE B 76 29.25 -16.53 19.83
CA ILE B 76 30.08 -17.76 19.67
C ILE B 76 29.27 -19.02 19.31
N PRO B 77 29.59 -19.66 18.16
CA PRO B 77 28.83 -20.89 17.91
C PRO B 77 28.97 -21.92 19.06
N THR B 78 30.10 -22.54 19.40
CA THR B 78 31.19 -22.94 18.52
C THR B 78 31.03 -24.45 18.63
N ARG B 79 29.88 -24.82 19.20
CA ARG B 79 29.48 -26.19 19.42
C ARG B 79 30.47 -26.91 20.32
N ARG B 80 30.61 -28.21 20.07
CA ARG B 80 31.50 -29.11 20.78
C ARG B 80 31.20 -30.48 20.19
N ARG B 81 30.12 -31.08 20.69
CA ARG B 81 29.65 -32.35 20.15
C ARG B 81 28.12 -32.37 19.99
N PHE B 82 27.64 -32.41 18.75
CA PHE B 82 28.50 -32.38 17.56
C PHE B 82 27.86 -31.56 16.42
N ALA B 83 26.81 -30.82 16.76
CA ALA B 83 26.03 -30.11 15.74
C ALA B 83 26.34 -28.63 15.67
N GLY B 84 25.42 -27.85 15.12
CA GLY B 84 25.59 -26.41 15.06
C GLY B 84 25.00 -25.72 16.27
N VAL B 85 24.99 -26.42 17.40
CA VAL B 85 24.43 -25.89 18.65
C VAL B 85 25.12 -24.58 19.13
N VAL B 86 24.32 -23.60 19.56
CA VAL B 86 24.79 -22.23 19.85
C VAL B 86 24.57 -21.74 21.31
N ILE B 87 25.36 -20.74 21.74
CA ILE B 87 25.36 -20.29 23.14
C ILE B 87 25.04 -18.79 23.25
N GLY B 88 24.30 -18.39 24.29
CA GLY B 88 24.19 -16.99 24.69
C GLY B 88 23.20 -16.06 24.00
N LEU B 89 22.16 -16.63 23.39
CA LEU B 89 21.19 -15.89 22.57
C LEU B 89 20.52 -14.69 23.22
N ALA B 90 20.73 -14.48 24.51
CA ALA B 90 20.10 -13.36 25.21
C ALA B 90 20.70 -12.00 24.79
N ALA B 91 21.67 -12.01 23.89
CA ALA B 91 22.27 -10.77 23.41
C ALA B 91 21.35 -10.12 22.37
N LEU B 92 20.47 -10.92 21.80
CA LEU B 92 19.56 -10.45 20.75
C LEU B 92 18.35 -9.80 21.38
N GLY B 93 18.13 -10.14 22.65
CA GLY B 93 17.00 -9.63 23.39
C GLY B 93 15.73 -10.23 22.84
N VAL B 94 14.75 -9.37 22.60
CA VAL B 94 13.52 -9.79 21.95
C VAL B 94 13.73 -9.74 20.45
N ALA B 95 13.81 -10.91 19.85
CA ALA B 95 14.06 -11.02 18.41
C ALA B 95 13.22 -12.13 17.83
N THR B 96 12.76 -11.95 16.61
CA THR B 96 11.90 -12.92 15.98
C THR B 96 12.72 -14.08 15.40
N ALA B 97 12.01 -15.20 15.17
CA ALA B 97 12.58 -16.47 14.68
C ALA B 97 13.50 -16.24 13.49
N ALA B 98 12.95 -15.62 12.47
CA ALA B 98 13.68 -15.31 11.26
C ALA B 98 15.04 -14.62 11.49
N GLN B 99 15.14 -13.80 12.55
CA GLN B 99 16.38 -13.07 12.90
C GLN B 99 17.38 -13.93 13.71
N VAL B 100 16.87 -14.93 14.43
CA VAL B 100 17.74 -15.87 15.12
C VAL B 100 18.36 -16.76 14.07
N THR B 101 17.57 -17.10 13.06
CA THR B 101 18.05 -17.75 11.85
C THR B 101 19.20 -16.93 11.25
N ALA B 102 19.00 -15.61 11.15
CA ALA B 102 19.99 -14.72 10.57
C ALA B 102 21.25 -14.60 11.43
N ALA B 103 21.10 -14.83 12.73
CA ALA B 103 22.22 -14.66 13.66
C ALA B 103 23.17 -15.85 13.66
N VAL B 104 22.62 -17.06 13.54
CA VAL B 104 23.47 -18.24 13.45
C VAL B 104 24.17 -18.19 12.11
N ALA B 105 23.45 -17.70 11.10
CA ALA B 105 24.03 -17.49 9.79
C ALA B 105 25.22 -16.54 9.94
N LEU B 106 24.99 -15.45 10.66
CA LEU B 106 26.00 -14.43 10.91
C LEU B 106 27.21 -14.99 11.64
N VAL B 107 26.99 -15.97 12.50
CA VAL B 107 28.06 -16.48 13.35
C VAL B 107 28.80 -17.69 12.75
N LYS B 108 28.26 -18.26 11.67
CA LYS B 108 29.00 -19.27 10.91
C LYS B 108 30.09 -18.58 10.08
N ALA B 109 29.70 -17.50 9.40
CA ALA B 109 30.58 -16.82 8.45
C ALA B 109 31.69 -15.98 9.11
N ASN B 110 32.01 -16.25 10.36
CA ASN B 110 33.05 -15.52 11.09
C ASN B 110 34.41 -15.63 10.44
N GLU B 111 34.94 -16.85 10.49
CA GLU B 111 36.26 -17.17 9.95
C GLU B 111 36.44 -16.61 8.53
N ASN B 112 35.45 -16.80 7.66
CA ASN B 112 35.56 -16.26 6.31
C ASN B 112 35.40 -14.74 6.22
N ALA B 113 34.61 -14.15 7.12
CA ALA B 113 34.51 -12.70 7.16
C ALA B 113 35.84 -12.10 7.62
N ALA B 114 36.41 -12.65 8.68
CA ALA B 114 37.65 -12.12 9.25
C ALA B 114 38.84 -12.41 8.35
N ALA B 115 38.72 -13.46 7.54
CA ALA B 115 39.75 -13.79 6.56
C ALA B 115 39.80 -12.74 5.45
N ILE B 116 38.63 -12.39 4.92
CA ILE B 116 38.54 -11.35 3.93
C ILE B 116 39.07 -10.05 4.52
N LEU B 117 38.62 -9.75 5.73
CA LEU B 117 38.95 -8.48 6.34
C LEU B 117 40.43 -8.34 6.74
N ASN B 118 41.16 -9.45 6.67
CA ASN B 118 42.61 -9.41 6.85
C ASN B 118 43.32 -8.73 5.68
N LEU B 119 42.69 -8.81 4.51
CA LEU B 119 43.24 -8.27 3.28
C LEU B 119 42.80 -6.84 3.05
N LYS B 120 42.22 -6.21 4.07
CA LYS B 120 41.62 -4.88 3.93
C LYS B 120 42.59 -3.84 3.35
N ASN B 121 43.82 -3.82 3.85
CA ASN B 121 44.79 -2.82 3.43
C ASN B 121 45.05 -2.93 1.93
N ALA B 122 45.18 -4.16 1.47
CA ALA B 122 45.38 -4.44 0.05
C ALA B 122 44.20 -3.93 -0.79
N ILE B 123 42.99 -4.21 -0.32
CA ILE B 123 41.78 -3.90 -1.08
C ILE B 123 41.59 -2.40 -1.26
N GLN B 124 41.82 -1.65 -0.19
CA GLN B 124 41.60 -0.21 -0.17
C GLN B 124 42.59 0.53 -1.08
N LYS B 125 43.76 -0.05 -1.29
CA LYS B 125 44.79 0.58 -2.11
C LYS B 125 44.71 0.17 -3.58
N THR B 126 43.75 -0.69 -3.91
CA THR B 126 43.62 -1.18 -5.28
C THR B 126 42.54 -0.41 -6.05
N ASN B 127 42.97 0.53 -6.90
CA ASN B 127 42.01 1.25 -7.72
C ASN B 127 41.41 0.33 -8.78
N ALA B 128 40.30 -0.31 -8.43
CA ALA B 128 39.58 -1.12 -9.40
C ALA B 128 38.09 -1.06 -9.11
N ALA B 129 37.30 -1.01 -10.17
CA ALA B 129 35.85 -1.09 -10.03
C ALA B 129 35.54 -2.42 -9.35
N VAL B 130 35.42 -3.46 -10.18
CA VAL B 130 35.28 -4.81 -9.66
C VAL B 130 36.70 -5.36 -9.52
N ALA B 131 36.91 -6.23 -8.52
CA ALA B 131 38.25 -6.68 -8.17
C ALA B 131 38.21 -7.89 -7.28
N ASP B 132 38.94 -8.93 -7.66
CA ASP B 132 38.91 -10.18 -6.91
C ASP B 132 39.67 -10.10 -5.57
N VAL B 133 39.32 -10.98 -4.64
CA VAL B 133 39.97 -11.05 -3.34
C VAL B 133 40.54 -12.44 -3.08
N VAL B 134 41.88 -12.52 -3.06
CA VAL B 134 42.57 -13.79 -2.88
C VAL B 134 43.45 -13.90 -1.63
N GLN B 135 43.49 -15.10 -1.05
CA GLN B 135 44.50 -15.46 -0.03
C GLN B 135 45.05 -16.87 -0.23
N ALA B 136 46.36 -16.94 -0.51
CA ALA B 136 47.06 -18.18 -0.81
C ALA B 136 46.48 -18.79 -2.06
N THR B 137 46.39 -17.97 -3.12
CA THR B 137 45.81 -18.38 -4.40
C THR B 137 44.37 -18.94 -4.28
N GLN B 138 43.60 -18.41 -3.34
CA GLN B 138 42.22 -18.84 -3.15
C GLN B 138 41.30 -17.62 -3.29
N SER B 139 40.28 -17.71 -4.15
CA SER B 139 39.31 -16.61 -4.26
C SER B 139 38.33 -16.68 -3.08
N LEU B 140 38.35 -15.65 -2.23
CA LEU B 140 37.49 -15.61 -1.04
C LEU B 140 36.19 -14.85 -1.31
N GLY B 141 36.28 -13.87 -2.20
CA GLY B 141 35.12 -13.10 -2.61
C GLY B 141 35.49 -12.05 -3.67
N THR B 142 34.55 -11.16 -3.94
CA THR B 142 34.79 -10.05 -4.86
C THR B 142 34.72 -8.71 -4.12
N ALA B 143 35.61 -7.79 -4.46
CA ALA B 143 35.66 -6.47 -3.82
C ALA B 143 35.20 -5.36 -4.77
N VAL B 144 33.97 -4.91 -4.58
CA VAL B 144 33.35 -3.94 -5.47
C VAL B 144 33.54 -2.53 -4.92
N GLN B 145 33.22 -1.53 -5.73
CA GLN B 145 33.33 -0.12 -5.34
C GLN B 145 32.52 0.72 -6.32
N ALA B 146 31.44 1.32 -5.84
CA ALA B 146 30.37 1.74 -6.72
C ALA B 146 30.71 2.91 -7.62
N VAL B 147 31.69 3.71 -7.21
CA VAL B 147 31.98 4.96 -7.91
C VAL B 147 33.38 5.02 -8.50
N GLN B 148 34.16 3.97 -8.32
CA GLN B 148 35.57 3.97 -8.71
C GLN B 148 35.78 4.48 -10.13
N ASP B 149 34.98 3.96 -11.05
CA ASP B 149 35.11 4.34 -12.45
C ASP B 149 34.75 5.82 -12.67
N HIS B 150 33.60 6.27 -12.19
CA HIS B 150 33.18 7.65 -12.44
C HIS B 150 34.22 8.61 -11.88
N ILE B 151 34.72 8.27 -10.69
CA ILE B 151 35.84 8.97 -10.07
C ILE B 151 37.02 9.12 -11.05
N ASN B 152 37.51 7.98 -11.54
CA ASN B 152 38.67 7.92 -12.43
C ASN B 152 38.46 8.73 -13.71
N SER B 153 37.24 8.78 -14.21
CA SER B 153 36.95 9.52 -15.42
C SER B 153 37.04 11.03 -15.28
N VAL B 154 37.01 11.54 -14.05
CA VAL B 154 36.92 12.99 -13.88
C VAL B 154 38.02 13.64 -13.01
N VAL B 155 38.61 12.89 -12.08
CA VAL B 155 39.69 13.44 -11.26
C VAL B 155 40.94 13.72 -12.09
N SER B 156 41.45 14.96 -11.98
CA SER B 156 42.60 15.41 -12.76
C SER B 156 43.86 14.64 -12.41
N PRO B 157 44.73 14.42 -13.42
CA PRO B 157 45.97 13.63 -13.32
C PRO B 157 46.82 14.02 -12.11
N ALA B 158 46.89 15.30 -11.79
CA ALA B 158 47.54 15.76 -10.58
C ALA B 158 46.71 16.86 -9.92
N ILE B 159 46.41 16.70 -8.64
CA ILE B 159 45.66 17.72 -7.91
C ILE B 159 46.56 18.77 -7.28
N THR B 160 46.52 19.96 -7.85
CA THR B 160 47.39 21.08 -7.49
C THR B 160 46.61 22.10 -6.66
N ALA B 161 47.10 23.32 -6.57
CA ALA B 161 46.33 24.30 -5.80
C ALA B 161 45.44 25.13 -6.71
N ALA B 162 45.76 25.17 -8.01
CA ALA B 162 44.90 25.83 -8.99
C ALA B 162 43.78 24.87 -9.40
N ASN B 163 43.74 23.73 -8.71
CA ASN B 163 42.88 22.61 -9.05
C ASN B 163 41.78 22.45 -8.01
N CYS B 164 42.17 22.64 -6.75
CA CYS B 164 41.43 22.19 -5.59
C CYS B 164 39.92 22.39 -5.72
N LYS B 165 39.52 23.63 -5.97
CA LYS B 165 38.11 23.99 -6.07
C LYS B 165 37.28 23.13 -7.05
N ALA B 166 37.62 23.10 -8.33
CA ALA B 166 36.86 22.29 -9.26
C ALA B 166 36.96 20.82 -8.88
N GLN B 167 38.06 20.47 -8.22
CA GLN B 167 38.34 19.08 -7.92
C GLN B 167 37.62 18.61 -6.67
N ASP B 168 37.72 19.37 -5.58
CA ASP B 168 36.96 19.03 -4.39
C ASP B 168 35.47 19.05 -4.71
N ALA B 169 35.06 19.91 -5.65
CA ALA B 169 33.68 20.00 -6.11
C ALA B 169 33.17 18.71 -6.75
N ILE B 170 33.78 18.35 -7.87
CA ILE B 170 33.35 17.20 -8.65
C ILE B 170 33.44 15.91 -7.84
N ILE B 171 34.39 15.85 -6.92
CA ILE B 171 34.57 14.64 -6.11
C ILE B 171 33.54 14.51 -4.98
N GLY B 172 33.18 15.64 -4.38
CA GLY B 172 32.11 15.66 -3.38
C GLY B 172 30.79 15.34 -4.04
N SER B 173 30.57 15.92 -5.21
CA SER B 173 29.40 15.65 -6.03
C SER B 173 29.22 14.18 -6.48
N ILE B 174 30.27 13.38 -6.38
CA ILE B 174 30.17 11.95 -6.63
C ILE B 174 29.98 11.32 -5.29
N LEU B 175 30.78 11.72 -4.32
CA LEU B 175 30.75 11.07 -3.02
C LEU B 175 29.41 11.30 -2.33
N ASN B 176 28.88 12.52 -2.44
CA ASN B 176 27.62 12.87 -1.80
C ASN B 176 26.42 12.21 -2.44
N LEU B 177 26.37 12.18 -3.77
CA LEU B 177 25.25 11.53 -4.42
C LEU B 177 25.13 10.09 -3.94
N TYR B 178 26.23 9.37 -3.96
CA TYR B 178 26.30 7.99 -3.47
C TYR B 178 25.96 7.93 -1.98
N LEU B 179 26.46 8.91 -1.22
CA LEU B 179 26.13 8.99 0.20
C LEU B 179 24.63 9.18 0.44
N THR B 180 24.01 10.06 -0.35
CA THR B 180 22.55 10.27 -0.26
C THR B 180 21.79 8.95 -0.44
N GLU B 181 22.18 8.16 -1.44
CA GLU B 181 21.57 6.86 -1.66
C GLU B 181 21.79 5.96 -0.45
N LEU B 182 22.97 6.02 0.14
CA LEU B 182 23.28 5.21 1.31
C LEU B 182 22.27 5.43 2.44
N THR B 183 21.75 6.65 2.53
CA THR B 183 20.85 7.03 3.60
C THR B 183 19.41 6.54 3.40
N THR B 184 19.07 6.13 2.18
CA THR B 184 17.73 5.61 1.92
C THR B 184 17.62 4.14 2.32
N ILE B 185 18.77 3.47 2.44
CA ILE B 185 18.77 2.04 2.72
C ILE B 185 19.42 1.72 4.05
N PHE B 186 19.97 2.73 4.71
CA PHE B 186 20.52 2.52 6.05
C PHE B 186 19.86 3.42 7.09
N HIS B 187 18.90 2.87 7.84
CA HIS B 187 18.28 3.62 8.92
C HIS B 187 17.77 2.67 10.00
N ASN B 188 18.44 2.64 11.15
CA ASN B 188 18.03 1.76 12.25
C ASN B 188 16.75 2.24 12.92
N GLN B 189 15.70 1.42 12.80
CA GLN B 189 14.52 1.67 13.58
C GLN B 189 14.55 0.64 14.69
N ILE B 190 15.34 -0.40 14.48
CA ILE B 190 15.18 -1.63 15.23
C ILE B 190 16.37 -2.05 16.08
N THR B 191 16.08 -3.00 16.97
CA THR B 191 17.01 -3.54 17.96
C THR B 191 18.34 -3.97 17.36
N ASN B 192 18.29 -4.98 16.50
CA ASN B 192 19.47 -5.55 15.85
C ASN B 192 19.47 -5.26 14.34
N PRO B 193 19.98 -4.08 13.94
CA PRO B 193 19.93 -3.66 12.53
C PRO B 193 20.98 -4.32 11.64
N ALA B 194 21.75 -5.25 12.20
CA ALA B 194 22.75 -5.96 11.41
C ALA B 194 22.16 -7.23 10.80
N LEU B 195 21.01 -7.64 11.31
CA LEU B 195 20.39 -8.84 10.79
C LEU B 195 19.34 -8.49 9.73
N SER B 196 19.07 -7.19 9.59
CA SER B 196 18.16 -6.70 8.55
C SER B 196 18.59 -7.16 7.15
N PRO B 197 17.74 -7.96 6.50
CA PRO B 197 17.92 -8.44 5.13
C PRO B 197 18.22 -7.29 4.17
N ILE B 198 19.05 -7.58 3.18
CA ILE B 198 19.45 -6.59 2.20
C ILE B 198 18.78 -6.91 0.88
N THR B 199 17.77 -6.09 0.58
CA THR B 199 16.95 -6.25 -0.60
C THR B 199 17.77 -6.16 -1.88
N ILE B 200 17.23 -6.71 -2.96
CA ILE B 200 17.80 -6.51 -4.29
C ILE B 200 17.83 -5.00 -4.56
N GLN B 201 16.86 -4.28 -3.99
CA GLN B 201 16.78 -2.84 -4.15
C GLN B 201 17.99 -2.18 -3.50
N ALA B 202 18.37 -2.74 -2.34
CA ALA B 202 19.52 -2.26 -1.61
C ALA B 202 20.83 -2.53 -2.36
N LEU B 203 20.98 -3.72 -2.90
CA LEU B 203 22.17 -4.09 -3.66
C LEU B 203 22.39 -3.20 -4.88
N ARG B 204 21.31 -2.88 -5.59
CA ARG B 204 21.40 -2.07 -6.79
C ARG B 204 21.97 -0.70 -6.46
N ILE B 205 21.79 -0.30 -5.21
CA ILE B 205 22.23 1.00 -4.70
C ILE B 205 23.63 0.88 -4.09
N LEU B 206 23.84 -0.23 -3.40
CA LEU B 206 25.00 -0.44 -2.56
C LEU B 206 26.22 -0.77 -3.40
N LEU B 207 25.98 -1.35 -4.57
CA LEU B 207 27.05 -1.77 -5.48
C LEU B 207 27.02 -1.00 -6.79
N GLY B 208 25.91 -0.32 -7.06
CA GLY B 208 25.80 0.55 -8.21
C GLY B 208 25.86 -0.16 -9.55
N SER B 209 26.89 0.16 -10.33
CA SER B 209 27.07 -0.46 -11.65
C SER B 209 27.88 -1.75 -11.60
N THR B 210 28.47 -2.04 -10.44
CA THR B 210 29.20 -3.29 -10.27
C THR B 210 28.25 -4.49 -10.12
N LEU B 211 26.96 -4.23 -9.91
CA LEU B 211 26.01 -5.30 -9.66
C LEU B 211 25.89 -6.36 -10.79
N PRO B 212 25.69 -5.94 -12.06
CA PRO B 212 25.63 -6.99 -13.06
C PRO B 212 26.90 -7.85 -13.08
N THR B 213 28.05 -7.19 -13.18
CA THR B 213 29.35 -7.86 -13.23
C THR B 213 29.63 -8.77 -12.05
N VAL B 214 29.24 -8.35 -10.84
CA VAL B 214 29.53 -9.14 -9.65
C VAL B 214 28.56 -10.31 -9.47
N VAL B 215 27.47 -10.33 -10.25
CA VAL B 215 26.49 -11.41 -10.17
C VAL B 215 26.86 -12.58 -11.09
N GLU B 216 27.39 -12.27 -12.28
CA GLU B 216 27.91 -13.31 -13.17
C GLU B 216 29.18 -13.94 -12.61
N LYS B 217 29.94 -13.17 -11.83
CA LYS B 217 31.21 -13.63 -11.26
C LYS B 217 31.04 -14.65 -10.15
N SER B 218 29.92 -14.57 -9.42
CA SER B 218 29.80 -15.30 -8.16
C SER B 218 28.86 -16.51 -8.23
N PHE B 219 28.02 -16.55 -9.25
CA PHE B 219 27.02 -17.61 -9.36
C PHE B 219 27.09 -18.47 -10.63
N ASN B 220 27.48 -19.72 -10.42
CA ASN B 220 27.38 -20.76 -11.44
C ASN B 220 26.00 -21.40 -11.36
N THR B 221 25.21 -21.24 -12.43
CA THR B 221 23.83 -21.70 -12.45
C THR B 221 23.18 -21.56 -13.83
N GLN B 222 21.99 -22.15 -13.98
CA GLN B 222 21.28 -22.13 -15.27
C GLN B 222 20.33 -20.93 -15.39
N ILE B 223 20.13 -20.24 -14.26
CA ILE B 223 19.51 -18.92 -14.26
C ILE B 223 20.55 -17.90 -14.68
N SER B 224 20.26 -17.24 -15.79
CA SER B 224 21.08 -16.18 -16.34
C SER B 224 20.98 -14.91 -15.49
N ALA B 225 21.91 -13.99 -15.71
CA ALA B 225 21.87 -12.69 -15.05
C ALA B 225 20.51 -12.00 -15.23
N ALA B 226 20.02 -11.94 -16.45
CA ALA B 226 18.70 -11.38 -16.72
C ALA B 226 17.69 -11.86 -15.69
N GLU B 227 17.48 -13.17 -15.60
CA GLU B 227 16.60 -13.73 -14.57
C GLU B 227 17.06 -13.36 -13.16
N LEU B 228 18.33 -13.63 -12.85
CA LEU B 228 18.95 -13.31 -11.55
C LEU B 228 18.73 -11.86 -11.09
N LEU B 229 18.93 -10.90 -11.99
CA LEU B 229 18.76 -9.48 -11.64
C LEU B 229 17.30 -9.02 -11.65
N SER B 230 16.48 -9.63 -12.50
CA SER B 230 15.10 -9.20 -12.70
C SER B 230 14.15 -9.65 -11.60
N SER B 231 14.53 -10.69 -10.87
CA SER B 231 13.64 -11.31 -9.88
C SER B 231 14.12 -11.07 -8.45
N GLY B 232 13.36 -11.58 -7.48
CA GLY B 232 13.70 -11.34 -6.10
C GLY B 232 14.44 -12.47 -5.43
N LEU B 233 15.18 -13.24 -6.21
CA LEU B 233 15.93 -14.38 -5.68
C LEU B 233 17.16 -13.93 -4.89
N LEU B 234 17.76 -12.82 -5.30
CA LEU B 234 18.97 -12.32 -4.67
C LEU B 234 18.77 -11.63 -3.31
N THR B 235 19.31 -12.25 -2.27
CA THR B 235 19.20 -11.74 -0.91
C THR B 235 20.61 -11.57 -0.39
N GLY B 236 20.81 -10.64 0.54
CA GLY B 236 22.11 -10.50 1.15
C GLY B 236 22.03 -10.30 2.65
N GLN B 237 23.08 -10.69 3.34
CA GLN B 237 23.21 -10.43 4.77
C GLN B 237 24.58 -9.78 5.05
N ILE B 238 24.63 -8.84 5.98
CA ILE B 238 25.90 -8.26 6.40
C ILE B 238 26.63 -9.15 7.37
N VAL B 239 27.79 -9.66 6.98
CA VAL B 239 28.51 -10.58 7.85
C VAL B 239 29.78 -9.99 8.45
N GLY B 240 30.18 -8.80 8.01
CA GLY B 240 31.33 -8.14 8.59
C GLY B 240 31.51 -6.67 8.19
N LEU B 241 32.26 -5.91 8.99
CA LEU B 241 32.44 -4.48 8.70
C LEU B 241 33.68 -3.88 9.38
N ASP B 242 34.47 -3.12 8.62
CA ASP B 242 35.55 -2.31 9.20
C ASP B 242 35.32 -0.81 8.96
N LEU B 243 35.00 -0.10 10.04
CA LEU B 243 34.64 1.33 9.99
C LEU B 243 35.83 2.23 9.65
N THR B 244 37.02 1.82 10.05
CA THR B 244 38.26 2.54 9.75
C THR B 244 38.52 2.60 8.25
N TYR B 245 38.32 1.47 7.58
CA TYR B 245 38.56 1.36 6.15
C TYR B 245 37.31 1.57 5.30
N MET B 246 36.15 1.62 5.96
CA MET B 246 34.87 1.75 5.27
C MET B 246 34.69 0.63 4.26
N GLN B 247 34.83 -0.60 4.77
CA GLN B 247 34.57 -1.80 4.01
C GLN B 247 33.54 -2.69 4.73
N MET B 248 32.53 -3.13 3.98
CA MET B 248 31.44 -3.92 4.54
C MET B 248 31.34 -5.27 3.84
N VAL B 249 31.39 -6.36 4.60
CA VAL B 249 31.29 -7.70 4.00
C VAL B 249 29.83 -8.16 3.90
N ILE B 250 29.44 -8.55 2.69
CA ILE B 250 28.07 -8.95 2.40
C ILE B 250 28.02 -10.38 1.83
N LYS B 251 27.15 -11.21 2.38
CA LYS B 251 27.01 -12.58 1.93
C LYS B 251 25.75 -12.69 1.10
N ILE B 252 25.90 -12.79 -0.22
CA ILE B 252 24.75 -13.00 -1.10
C ILE B 252 24.35 -14.47 -1.06
N GLU B 253 23.05 -14.72 -1.03
CA GLU B 253 22.56 -16.08 -1.09
C GLU B 253 21.63 -16.20 -2.28
N LEU B 254 21.80 -17.28 -3.04
CA LEU B 254 20.90 -17.60 -4.15
C LEU B 254 20.33 -18.98 -3.87
N PRO B 255 19.00 -19.05 -3.69
CA PRO B 255 18.32 -20.29 -3.27
C PRO B 255 18.38 -21.37 -4.34
N THR B 256 18.10 -22.60 -3.93
CA THR B 256 18.03 -23.70 -4.87
C THR B 256 16.62 -24.27 -4.82
N LEU B 257 15.87 -24.12 -5.92
CA LEU B 257 14.44 -24.39 -5.90
C LEU B 257 14.02 -25.76 -6.43
N THR B 258 13.34 -26.54 -5.60
CA THR B 258 12.89 -27.85 -6.03
C THR B 258 11.36 -27.94 -6.01
N VAL B 259 10.79 -28.50 -7.08
CA VAL B 259 9.33 -28.51 -7.26
C VAL B 259 8.61 -29.22 -6.12
N GLN B 260 7.53 -28.59 -5.64
CA GLN B 260 6.70 -29.19 -4.59
C GLN B 260 5.57 -30.00 -5.23
N PRO B 261 5.54 -31.31 -4.93
CA PRO B 261 4.64 -32.26 -5.58
C PRO B 261 3.16 -32.17 -5.14
N ALA B 262 2.28 -32.32 -6.14
CA ALA B 262 0.82 -32.29 -5.98
C ALA B 262 0.29 -30.89 -5.67
N THR B 263 1.18 -29.92 -5.67
CA THR B 263 0.84 -28.57 -5.25
C THR B 263 0.78 -27.65 -6.45
N GLN B 264 -0.20 -26.76 -6.47
CA GLN B 264 -0.36 -25.80 -7.56
C GLN B 264 -0.83 -24.46 -7.03
N ILE B 265 -0.46 -23.39 -7.71
CA ILE B 265 -0.90 -22.08 -7.32
C ILE B 265 -1.74 -21.54 -8.47
N ILE B 266 -3.05 -21.48 -8.25
CA ILE B 266 -3.95 -21.05 -9.30
C ILE B 266 -4.46 -19.63 -9.06
N ASP B 267 -4.47 -18.81 -10.10
CA ASP B 267 -4.93 -17.45 -9.98
C ASP B 267 -6.36 -17.39 -10.47
N LEU B 268 -7.25 -16.92 -9.61
CA LEU B 268 -8.66 -16.78 -9.97
C LEU B 268 -9.02 -15.33 -10.15
N ALA B 269 -9.46 -15.00 -11.36
CA ALA B 269 -10.00 -13.68 -11.61
C ALA B 269 -11.49 -13.81 -11.80
N THR B 270 -12.20 -12.70 -11.80
CA THR B 270 -13.65 -12.78 -11.85
C THR B 270 -14.20 -11.83 -12.89
N ILE B 271 -14.99 -12.36 -13.84
CA ILE B 271 -15.79 -11.47 -14.68
C ILE B 271 -17.06 -11.15 -13.94
N SER B 272 -17.92 -10.32 -14.50
CA SER B 272 -19.13 -9.92 -13.80
C SER B 272 -20.28 -10.75 -14.30
N ALA B 273 -21.12 -11.21 -13.39
CA ALA B 273 -22.24 -12.06 -13.73
C ALA B 273 -23.52 -11.31 -13.45
N PHE B 274 -24.63 -11.75 -14.03
CA PHE B 274 -25.93 -11.16 -13.75
C PHE B 274 -26.77 -12.13 -12.94
N ILE B 275 -27.06 -11.76 -11.70
CA ILE B 275 -27.77 -12.65 -10.78
C ILE B 275 -28.91 -11.94 -10.03
N ASN B 276 -30.15 -12.28 -10.35
CA ASN B 276 -31.32 -11.62 -9.76
C ASN B 276 -31.28 -10.11 -10.03
N ASN B 277 -31.51 -9.73 -11.28
CA ASN B 277 -31.49 -8.32 -11.71
C ASN B 277 -30.30 -7.50 -11.21
N GLN B 278 -29.26 -8.17 -10.74
CA GLN B 278 -28.13 -7.50 -10.10
C GLN B 278 -26.80 -7.84 -10.77
N GLU B 279 -26.07 -6.82 -11.20
CA GLU B 279 -24.73 -7.06 -11.70
C GLU B 279 -23.80 -7.28 -10.52
N VAL B 280 -23.22 -8.47 -10.44
CA VAL B 280 -22.46 -8.86 -9.28
C VAL B 280 -21.16 -9.54 -9.65
N MET B 281 -20.47 -10.07 -8.65
CA MET B 281 -19.16 -10.62 -8.88
C MET B 281 -18.79 -11.58 -7.77
N ALA B 282 -18.55 -12.85 -8.13
CA ALA B 282 -18.15 -13.90 -7.17
C ALA B 282 -17.11 -13.36 -6.22
N GLN B 283 -17.17 -13.78 -4.97
CA GLN B 283 -16.26 -13.23 -3.99
C GLN B 283 -15.34 -14.31 -3.49
N LEU B 284 -14.20 -14.39 -4.17
CA LEU B 284 -13.28 -15.49 -4.03
C LEU B 284 -11.87 -15.01 -3.79
N PRO B 285 -11.03 -15.87 -3.22
CA PRO B 285 -9.60 -15.62 -3.19
C PRO B 285 -9.00 -15.44 -4.61
N THR B 286 -8.30 -14.34 -4.81
CA THR B 286 -7.61 -14.12 -6.04
C THR B 286 -6.56 -15.20 -6.32
N ARG B 287 -6.09 -15.86 -5.27
CA ARG B 287 -5.02 -16.83 -5.44
C ARG B 287 -4.96 -17.88 -4.36
N VAL B 288 -4.85 -19.15 -4.76
CA VAL B 288 -4.96 -20.29 -3.85
C VAL B 288 -3.96 -21.41 -4.08
N MET B 289 -3.74 -22.24 -3.06
CA MET B 289 -2.79 -23.33 -3.14
C MET B 289 -3.48 -24.67 -2.98
N VAL B 290 -3.30 -25.59 -3.91
CA VAL B 290 -4.07 -26.84 -3.89
C VAL B 290 -3.20 -28.09 -3.91
N THR B 291 -3.20 -28.84 -2.80
CA THR B 291 -2.56 -30.15 -2.76
C THR B 291 -3.67 -31.17 -2.65
N GLY B 292 -3.99 -31.79 -3.78
CA GLY B 292 -5.09 -32.74 -3.83
C GLY B 292 -6.35 -32.16 -3.22
N SER B 293 -6.75 -32.71 -2.06
CA SER B 293 -8.05 -32.40 -1.47
C SER B 293 -8.06 -31.11 -0.63
N LEU B 294 -6.91 -30.46 -0.55
CA LEU B 294 -6.74 -29.30 0.33
C LEU B 294 -6.66 -27.95 -0.43
N ILE B 295 -7.33 -26.91 0.09
CA ILE B 295 -7.29 -25.57 -0.53
C ILE B 295 -7.03 -24.46 0.47
N GLN B 296 -5.95 -23.69 0.30
CA GLN B 296 -5.69 -22.51 1.13
C GLN B 296 -5.52 -21.23 0.31
N ALA B 297 -5.73 -20.07 0.91
CA ALA B 297 -5.45 -18.81 0.22
C ALA B 297 -3.94 -18.60 0.18
N TYR B 298 -3.41 -18.37 -1.01
CA TYR B 298 -1.97 -18.21 -1.17
C TYR B 298 -1.70 -16.99 -2.03
N PRO B 299 -1.90 -15.80 -1.46
CA PRO B 299 -1.62 -14.62 -2.30
C PRO B 299 -0.15 -14.30 -2.17
N ALA B 300 0.68 -14.78 -3.09
CA ALA B 300 2.12 -14.70 -2.90
C ALA B 300 2.64 -13.28 -3.16
N SER B 301 2.61 -12.46 -2.12
CA SER B 301 2.84 -11.03 -2.28
C SER B 301 4.31 -10.67 -2.28
N GLN B 302 5.11 -11.36 -1.47
CA GLN B 302 6.53 -11.04 -1.40
C GLN B 302 7.36 -12.15 -2.04
N CYS B 303 6.75 -12.84 -3.00
CA CYS B 303 7.36 -14.00 -3.62
C CYS B 303 7.72 -13.75 -5.08
N THR B 304 8.70 -14.51 -5.56
CA THR B 304 9.12 -14.45 -6.96
C THR B 304 8.15 -15.25 -7.83
N ILE B 305 7.69 -14.62 -8.92
CA ILE B 305 6.71 -15.28 -9.79
C ILE B 305 7.08 -15.28 -11.27
N THR B 306 7.25 -16.49 -11.81
CA THR B 306 7.49 -16.70 -13.23
C THR B 306 6.22 -17.33 -13.83
N PRO B 307 6.07 -17.30 -15.16
CA PRO B 307 4.83 -17.79 -15.79
C PRO B 307 4.46 -19.24 -15.50
N ASN B 308 5.43 -20.02 -15.03
CA ASN B 308 5.20 -21.43 -14.72
C ASN B 308 5.40 -21.73 -13.26
N THR B 309 6.15 -20.89 -12.57
CA THR B 309 6.57 -21.29 -11.25
C THR B 309 6.51 -20.15 -10.23
N VAL B 310 6.31 -20.51 -8.96
CA VAL B 310 6.23 -19.54 -7.86
C VAL B 310 7.12 -19.96 -6.70
N TYR B 311 8.03 -19.09 -6.26
CA TYR B 311 8.84 -19.38 -5.06
C TYR B 311 8.66 -18.39 -3.93
N CYS B 312 8.46 -18.94 -2.73
CA CYS B 312 8.42 -18.14 -1.52
C CYS B 312 9.40 -18.69 -0.48
N ARG B 313 10.00 -17.80 0.31
CA ARG B 313 10.89 -18.25 1.38
C ARG B 313 10.12 -19.04 2.45
N TYR B 314 9.07 -18.42 3.02
CA TYR B 314 8.12 -19.10 3.89
C TYR B 314 6.68 -19.00 3.33
N ASN B 315 5.67 -18.99 4.21
CA ASN B 315 4.27 -19.07 3.75
C ASN B 315 3.34 -17.92 4.12
N ASP B 316 2.42 -17.61 3.22
CA ASP B 316 1.43 -16.57 3.42
C ASP B 316 0.05 -17.21 3.35
N ALA B 317 0.02 -18.52 3.56
CA ALA B 317 -1.22 -19.29 3.51
C ALA B 317 -2.21 -18.84 4.58
N GLN B 318 -3.46 -18.61 4.19
CA GLN B 318 -4.50 -18.29 5.17
C GLN B 318 -5.62 -19.33 5.10
N VAL B 319 -6.32 -19.55 6.21
CA VAL B 319 -7.33 -20.61 6.26
C VAL B 319 -8.67 -20.18 5.68
N LEU B 320 -9.24 -20.97 4.78
CA LEU B 320 -10.49 -20.61 4.14
C LEU B 320 -11.75 -20.91 4.97
N SER B 321 -12.75 -20.05 4.82
CA SER B 321 -14.05 -20.26 5.46
C SER B 321 -14.69 -21.50 4.86
N ASP B 322 -15.68 -22.06 5.54
CA ASP B 322 -16.32 -23.30 5.08
C ASP B 322 -17.18 -23.11 3.83
N ASP B 323 -17.94 -22.02 3.78
CA ASP B 323 -18.73 -21.66 2.60
C ASP B 323 -17.90 -21.53 1.31
N THR B 324 -16.76 -20.83 1.39
CA THR B 324 -15.92 -20.64 0.20
C THR B 324 -15.25 -21.95 -0.26
N MET B 325 -14.84 -22.76 0.70
CA MET B 325 -14.35 -24.11 0.45
C MET B 325 -15.40 -24.93 -0.30
N ALA B 326 -16.66 -24.75 0.12
CA ALA B 326 -17.79 -25.42 -0.50
C ALA B 326 -18.09 -24.84 -1.86
N CYS B 327 -17.90 -23.52 -1.96
CA CYS B 327 -18.08 -22.81 -3.21
C CYS B 327 -16.99 -23.18 -4.20
N LEU B 328 -15.75 -23.24 -3.72
CA LEU B 328 -14.63 -23.65 -4.56
C LEU B 328 -14.73 -25.08 -5.04
N GLN B 329 -15.42 -25.92 -4.26
CA GLN B 329 -15.50 -27.34 -4.56
C GLN B 329 -16.76 -27.75 -5.33
N GLY B 330 -17.59 -26.79 -5.68
CA GLY B 330 -18.62 -27.05 -6.67
C GLY B 330 -20.03 -26.78 -6.21
N ASN B 331 -20.20 -26.49 -4.93
CA ASN B 331 -21.51 -26.14 -4.41
C ASN B 331 -21.69 -24.65 -4.68
N LEU B 332 -22.36 -24.32 -5.79
CA LEU B 332 -22.55 -22.92 -6.18
C LEU B 332 -23.56 -22.14 -5.32
N THR B 333 -24.24 -22.83 -4.41
CA THR B 333 -25.22 -22.17 -3.56
C THR B 333 -24.55 -21.76 -2.27
N ARG B 334 -23.27 -22.08 -2.16
CA ARG B 334 -22.47 -21.63 -1.03
C ARG B 334 -21.54 -20.47 -1.44
N CYS B 335 -21.75 -19.95 -2.64
CA CYS B 335 -20.94 -18.83 -3.13
C CYS B 335 -21.43 -17.51 -2.59
N THR B 336 -20.52 -16.56 -2.50
CA THR B 336 -20.85 -15.22 -2.06
C THR B 336 -20.65 -14.25 -3.24
N PHE B 337 -21.66 -13.43 -3.52
CA PHE B 337 -21.58 -12.46 -4.61
C PHE B 337 -21.80 -11.05 -4.08
N SER B 338 -21.10 -10.06 -4.65
CA SER B 338 -21.36 -8.66 -4.29
C SER B 338 -21.65 -7.87 -5.53
N PRO B 339 -22.47 -6.81 -5.41
CA PRO B 339 -22.73 -5.98 -6.59
C PRO B 339 -21.49 -5.18 -7.02
N VAL B 340 -21.37 -4.92 -8.32
CA VAL B 340 -20.27 -4.12 -8.87
C VAL B 340 -20.80 -3.19 -9.94
N VAL B 341 -20.04 -2.14 -10.26
CA VAL B 341 -20.31 -1.41 -11.49
C VAL B 341 -19.29 -1.88 -12.54
N GLY B 342 -19.56 -3.01 -13.18
CA GLY B 342 -18.61 -3.56 -14.11
C GLY B 342 -18.27 -2.63 -15.26
N SER B 343 -17.12 -2.85 -15.88
CA SER B 343 -16.76 -2.08 -17.07
C SER B 343 -16.71 -3.02 -18.22
N PHE B 344 -16.46 -2.48 -19.40
CA PHE B 344 -16.12 -3.30 -20.54
C PHE B 344 -14.96 -4.22 -20.16
N LEU B 345 -14.09 -3.75 -19.28
CA LEU B 345 -12.89 -4.48 -18.92
C LEU B 345 -13.12 -5.71 -18.04
N THR B 346 -14.19 -5.69 -17.27
CA THR B 346 -14.43 -6.79 -16.33
C THR B 346 -15.65 -7.58 -16.71
N ARG B 347 -16.20 -7.29 -17.88
CA ARG B 347 -17.40 -7.97 -18.38
C ARG B 347 -17.12 -9.19 -19.28
N PHE B 348 -15.84 -9.50 -19.52
CA PHE B 348 -15.48 -10.67 -20.34
C PHE B 348 -13.99 -11.01 -20.29
N VAL B 349 -13.68 -12.28 -20.55
CA VAL B 349 -12.32 -12.71 -20.80
C VAL B 349 -12.32 -13.59 -22.04
N LEU B 350 -11.13 -13.98 -22.48
CA LEU B 350 -11.02 -15.01 -23.50
C LEU B 350 -10.29 -16.24 -22.95
N PHE B 351 -10.96 -17.39 -23.05
CA PHE B 351 -10.39 -18.64 -22.55
C PHE B 351 -10.11 -19.63 -23.68
N ASP B 352 -8.81 -19.77 -24.01
CA ASP B 352 -8.32 -20.57 -25.15
C ASP B 352 -9.25 -20.53 -26.35
N GLY B 353 -9.54 -19.32 -26.82
CA GLY B 353 -10.38 -19.16 -27.99
C GLY B 353 -11.84 -18.86 -27.70
N ILE B 354 -12.40 -19.41 -26.63
CA ILE B 354 -13.82 -19.20 -26.28
C ILE B 354 -14.01 -17.93 -25.45
N VAL B 355 -15.09 -17.20 -25.74
CA VAL B 355 -15.47 -16.00 -24.99
C VAL B 355 -16.43 -16.25 -23.82
N TYR B 356 -16.00 -15.99 -22.60
CA TYR B 356 -16.90 -16.01 -21.42
C TYR B 356 -17.30 -14.57 -21.08
N ALA B 357 -18.57 -14.25 -21.21
CA ALA B 357 -19.00 -12.86 -21.05
C ALA B 357 -20.32 -12.65 -20.30
N ASN B 358 -20.60 -11.38 -19.99
CA ASN B 358 -21.85 -10.97 -19.41
C ASN B 358 -22.69 -10.30 -20.48
N CYS B 359 -23.43 -11.10 -21.26
CA CYS B 359 -24.18 -10.56 -22.39
C CYS B 359 -25.50 -9.88 -22.04
N ARG B 360 -25.71 -9.68 -20.74
CA ARG B 360 -26.81 -8.85 -20.25
C ARG B 360 -26.33 -7.42 -20.13
N SER B 361 -25.41 -7.23 -19.18
CA SER B 361 -24.74 -5.96 -18.95
C SER B 361 -24.08 -5.39 -20.20
N MET B 362 -23.16 -6.14 -20.77
CA MET B 362 -22.42 -5.69 -21.93
C MET B 362 -23.11 -6.16 -23.17
N LEU B 363 -23.06 -5.39 -24.24
CA LEU B 363 -23.70 -5.84 -25.48
C LEU B 363 -22.82 -6.84 -26.22
N CYS B 364 -23.21 -8.11 -26.16
CA CYS B 364 -22.56 -9.14 -26.97
C CYS B 364 -23.24 -9.19 -28.32
N LYS B 365 -22.77 -8.32 -29.22
CA LYS B 365 -23.22 -8.25 -30.61
C LYS B 365 -22.53 -9.31 -31.47
N CYS B 366 -23.32 -10.18 -32.10
CA CYS B 366 -22.75 -11.21 -32.94
C CYS B 366 -22.82 -10.85 -34.43
N MET B 367 -21.65 -10.69 -35.06
CA MET B 367 -21.55 -10.25 -36.47
C MET B 367 -21.89 -11.35 -37.48
N GLN B 368 -21.71 -12.60 -37.07
CA GLN B 368 -22.21 -13.75 -37.83
C GLN B 368 -22.41 -14.95 -36.91
N PRO B 369 -23.67 -15.42 -36.78
CA PRO B 369 -24.87 -14.92 -37.48
C PRO B 369 -25.38 -13.56 -36.96
N ALA B 370 -25.50 -12.58 -37.85
CA ALA B 370 -25.85 -11.20 -37.43
C ALA B 370 -27.11 -11.09 -36.59
N ALA B 371 -26.96 -11.39 -35.30
CA ALA B 371 -28.00 -11.22 -34.29
C ALA B 371 -27.36 -10.74 -33.00
N VAL B 372 -28.19 -10.23 -32.08
CA VAL B 372 -27.74 -9.76 -30.79
C VAL B 372 -27.82 -10.90 -29.80
N ILE B 373 -26.79 -11.09 -28.97
CA ILE B 373 -26.85 -12.17 -28.01
C ILE B 373 -27.52 -11.69 -26.73
N LEU B 374 -28.66 -12.30 -26.42
CA LEU B 374 -29.40 -12.05 -25.18
C LEU B 374 -29.07 -13.15 -24.19
N GLN B 375 -28.85 -12.76 -22.95
CA GLN B 375 -28.50 -13.73 -21.93
C GLN B 375 -29.66 -13.98 -20.98
N PRO B 376 -30.08 -15.25 -20.84
CA PRO B 376 -31.21 -15.66 -19.99
C PRO B 376 -30.97 -15.40 -18.51
N SER B 377 -32.03 -15.37 -17.70
CA SER B 377 -31.89 -15.02 -16.29
C SER B 377 -31.30 -16.17 -15.50
N SER B 378 -31.57 -17.37 -15.99
CA SER B 378 -31.00 -18.58 -15.44
C SER B 378 -29.48 -18.58 -15.50
N SER B 379 -28.93 -17.82 -16.45
CA SER B 379 -27.49 -17.78 -16.78
C SER B 379 -26.79 -16.57 -16.19
N PRO B 380 -25.82 -16.81 -15.30
CA PRO B 380 -25.02 -15.72 -14.72
C PRO B 380 -24.05 -15.14 -15.76
N VAL B 381 -23.37 -16.01 -16.48
CA VAL B 381 -22.50 -15.59 -17.59
C VAL B 381 -22.91 -16.34 -18.85
N THR B 382 -22.41 -15.87 -19.99
CA THR B 382 -22.66 -16.50 -21.29
C THR B 382 -21.38 -17.18 -21.78
N VAL B 383 -21.51 -18.33 -22.44
CA VAL B 383 -20.34 -18.95 -23.09
C VAL B 383 -20.50 -18.96 -24.61
N ILE B 384 -19.76 -18.08 -25.28
CA ILE B 384 -19.85 -17.94 -26.73
C ILE B 384 -18.74 -18.70 -27.41
N ASP B 385 -19.06 -19.81 -28.06
CA ASP B 385 -18.05 -20.53 -28.80
C ASP B 385 -18.34 -20.39 -30.29
N MET B 386 -17.69 -21.20 -31.10
CA MET B 386 -17.87 -21.07 -32.53
C MET B 386 -19.32 -21.30 -32.96
N TYR B 387 -19.99 -22.23 -32.30
CA TYR B 387 -21.37 -22.56 -32.65
C TYR B 387 -22.32 -21.41 -32.40
N LYS B 388 -22.12 -20.69 -31.29
CA LYS B 388 -22.91 -19.51 -30.96
C LYS B 388 -22.66 -18.39 -31.95
N CYS B 389 -21.38 -18.10 -32.15
CA CYS B 389 -20.98 -16.99 -32.97
C CYS B 389 -19.60 -17.28 -33.53
N VAL B 390 -19.46 -17.22 -34.86
CA VAL B 390 -18.13 -17.34 -35.49
C VAL B 390 -17.38 -16.01 -35.51
N SER B 391 -18.12 -14.92 -35.71
CA SER B 391 -17.54 -13.59 -35.72
C SER B 391 -18.27 -12.62 -34.77
N LEU B 392 -17.58 -12.21 -33.72
CA LEU B 392 -18.15 -11.40 -32.65
C LEU B 392 -17.75 -9.94 -32.74
N GLN B 393 -18.54 -9.08 -32.10
CA GLN B 393 -18.16 -7.69 -31.91
C GLN B 393 -18.52 -7.27 -30.50
N LEU B 394 -17.52 -6.82 -29.73
CA LEU B 394 -17.72 -6.31 -28.38
C LEU B 394 -17.19 -4.90 -28.32
N ASP B 395 -18.08 -3.91 -28.41
CA ASP B 395 -17.68 -2.51 -28.51
C ASP B 395 -16.90 -2.27 -29.80
N ASN B 396 -15.60 -1.99 -29.66
CA ASN B 396 -14.74 -1.71 -30.81
C ASN B 396 -14.00 -2.94 -31.34
N LEU B 397 -13.92 -3.97 -30.50
CA LEU B 397 -13.29 -5.23 -30.87
C LEU B 397 -14.13 -6.07 -31.84
N ARG B 398 -13.49 -6.61 -32.87
CA ARG B 398 -14.10 -7.62 -33.72
C ARG B 398 -13.15 -8.80 -33.86
N PHE B 399 -13.61 -9.99 -33.55
CA PHE B 399 -12.73 -11.14 -33.73
C PHE B 399 -13.50 -12.41 -34.12
N THR B 400 -12.79 -13.52 -34.29
CA THR B 400 -13.44 -14.77 -34.62
C THR B 400 -13.24 -15.75 -33.50
N ILE B 401 -14.17 -16.69 -33.41
CA ILE B 401 -14.13 -17.77 -32.45
C ILE B 401 -14.29 -18.98 -33.32
N THR B 402 -13.37 -19.94 -33.18
CA THR B 402 -13.39 -21.11 -34.05
C THR B 402 -13.31 -22.32 -33.20
N GLN B 403 -12.95 -22.13 -31.94
CA GLN B 403 -12.83 -23.24 -31.02
C GLN B 403 -14.23 -23.60 -30.55
N LEU B 404 -14.37 -24.81 -30.03
CA LEU B 404 -15.70 -25.33 -29.76
C LEU B 404 -15.91 -25.53 -28.29
N ALA B 405 -17.14 -25.23 -27.87
CA ALA B 405 -17.64 -25.44 -26.52
C ALA B 405 -16.86 -26.39 -25.63
N ASN B 406 -17.07 -27.69 -25.86
CA ASN B 406 -16.90 -28.71 -24.82
C ASN B 406 -17.89 -28.41 -23.70
N VAL B 407 -19.17 -28.64 -23.96
CA VAL B 407 -20.25 -28.23 -23.06
C VAL B 407 -20.05 -28.73 -21.63
N THR B 408 -20.16 -30.05 -21.46
CA THR B 408 -20.06 -30.69 -20.14
C THR B 408 -21.20 -30.33 -19.16
N TYR B 409 -21.75 -29.13 -19.27
CA TYR B 409 -22.89 -28.73 -18.44
C TYR B 409 -23.72 -27.64 -19.13
N THR B 412 -28.06 -27.13 -15.07
CA THR B 412 -27.91 -25.73 -14.72
C THR B 412 -28.06 -25.51 -13.21
N ILE B 413 -27.64 -24.33 -12.74
CA ILE B 413 -27.55 -24.03 -11.30
C ILE B 413 -28.46 -22.89 -10.88
N LYS B 414 -29.12 -23.06 -9.72
CA LYS B 414 -30.05 -22.05 -9.16
C LYS B 414 -29.47 -21.32 -7.95
N LEU B 415 -29.43 -19.99 -8.00
CA LEU B 415 -28.72 -19.21 -6.98
C LEU B 415 -29.57 -18.16 -6.30
N GLU B 416 -29.62 -18.21 -4.97
CA GLU B 416 -30.51 -17.39 -4.15
C GLU B 416 -30.03 -15.96 -3.97
N SER B 417 -30.95 -15.00 -4.05
CA SER B 417 -30.62 -13.61 -3.75
C SER B 417 -29.93 -13.42 -2.39
N SER B 418 -30.02 -14.42 -1.53
CA SER B 418 -29.39 -14.35 -0.21
C SER B 418 -27.86 -14.51 -0.31
N GLN B 419 -27.40 -15.10 -1.40
CA GLN B 419 -25.96 -15.30 -1.56
C GLN B 419 -25.24 -13.97 -1.90
N ILE B 420 -26.02 -12.93 -2.20
CA ILE B 420 -25.48 -11.60 -2.44
C ILE B 420 -25.28 -10.90 -1.11
N LEU B 421 -24.04 -10.54 -0.78
CA LEU B 421 -23.71 -9.90 0.50
C LEU B 421 -22.79 -8.69 0.28
N PRO B 422 -22.67 -7.83 1.29
CA PRO B 422 -21.60 -6.84 1.15
C PRO B 422 -20.26 -7.41 1.63
N ILE B 423 -19.16 -6.80 1.23
CA ILE B 423 -17.83 -7.22 1.67
C ILE B 423 -17.02 -6.04 2.15
N ASP B 424 -17.56 -4.84 1.95
CA ASP B 424 -16.92 -3.62 2.40
C ASP B 424 -17.29 -3.39 3.85
N PRO B 425 -16.29 -3.42 4.75
CA PRO B 425 -16.51 -3.33 6.20
C PRO B 425 -17.60 -2.34 6.66
N LEU B 426 -17.77 -1.20 6.01
CA LEU B 426 -18.88 -0.30 6.35
C LEU B 426 -20.29 -0.87 6.08
N ASP B 427 -20.55 -1.32 4.86
CA ASP B 427 -21.88 -1.80 4.51
C ASP B 427 -22.24 -3.04 5.32
N ILE B 428 -21.22 -3.86 5.61
CA ILE B 428 -21.36 -4.98 6.54
C ILE B 428 -21.81 -4.48 7.90
N SER B 429 -21.07 -3.51 8.44
CA SER B 429 -21.35 -2.96 9.76
C SER B 429 -22.77 -2.36 9.84
N GLN B 430 -23.22 -1.70 8.78
CA GLN B 430 -24.58 -1.18 8.72
C GLN B 430 -25.61 -2.32 8.69
N ASN B 431 -25.21 -3.46 8.15
CA ASN B 431 -26.09 -4.62 8.12
C ASN B 431 -26.18 -5.27 9.48
N LEU B 432 -25.02 -5.51 10.10
CA LEU B 432 -24.95 -6.06 11.45
C LEU B 432 -25.82 -5.26 12.42
N ALA B 433 -25.92 -3.95 12.21
CA ALA B 433 -26.84 -3.11 12.96
C ALA B 433 -28.30 -3.45 12.65
N ALA B 434 -28.63 -3.55 11.37
CA ALA B 434 -29.98 -3.84 10.91
C ALA B 434 -30.49 -5.22 11.40
N VAL B 435 -29.56 -6.16 11.58
CA VAL B 435 -29.89 -7.42 12.18
C VAL B 435 -30.06 -7.27 13.70
N ASN B 436 -29.22 -6.45 14.35
CA ASN B 436 -29.38 -6.26 15.79
C ASN B 436 -30.71 -5.61 16.11
N LYS B 437 -31.17 -4.75 15.20
CA LYS B 437 -32.47 -4.10 15.35
C LYS B 437 -33.59 -5.13 15.24
N SER B 438 -33.40 -6.14 14.41
CA SER B 438 -34.38 -7.23 14.34
C SER B 438 -34.36 -8.13 15.58
N LEU B 439 -33.16 -8.46 16.08
CA LEU B 439 -33.03 -9.25 17.31
C LEU B 439 -33.78 -8.56 18.43
N SER B 440 -33.88 -7.24 18.34
CA SER B 440 -34.61 -6.49 19.34
C SER B 440 -36.11 -6.70 19.17
N ASP B 441 -36.57 -6.89 17.94
CA ASP B 441 -37.98 -7.20 17.72
C ASP B 441 -38.33 -8.58 18.31
N ALA B 442 -37.42 -9.53 18.13
CA ALA B 442 -37.59 -10.87 18.67
C ALA B 442 -37.53 -10.90 20.19
N LEU B 443 -36.73 -10.01 20.77
CA LEU B 443 -36.59 -9.96 22.22
C LEU B 443 -37.85 -9.37 22.85
N GLN B 444 -38.42 -8.36 22.19
CA GLN B 444 -39.64 -7.73 22.65
C GLN B 444 -40.80 -8.69 22.47
N HIS B 445 -40.77 -9.44 21.38
CA HIS B 445 -41.83 -10.37 21.08
C HIS B 445 -41.81 -11.53 22.08
N LEU B 446 -40.63 -11.85 22.57
CA LEU B 446 -40.47 -12.85 23.63
C LEU B 446 -40.95 -12.31 24.97
N ALA B 447 -40.60 -11.07 25.24
CA ALA B 447 -40.92 -10.47 26.52
C ALA B 447 -42.42 -10.22 26.58
N GLN B 448 -43.05 -10.11 25.41
CA GLN B 448 -44.47 -9.80 25.35
C GLN B 448 -45.28 -11.09 25.46
N SER B 449 -44.78 -12.17 24.87
CA SER B 449 -45.37 -13.50 25.08
C SER B 449 -45.06 -14.05 26.48
N ASP B 450 -43.97 -13.57 27.08
CA ASP B 450 -43.68 -13.80 28.49
C ASP B 450 -44.87 -13.30 29.32
N THR B 451 -45.54 -12.26 28.82
CA THR B 451 -46.65 -11.64 29.53
C THR B 451 -47.98 -12.35 29.30
N TYR B 452 -48.27 -12.76 28.07
CA TYR B 452 -49.46 -13.57 27.80
C TYR B 452 -49.35 -14.94 28.48
N LEU B 453 -48.22 -15.21 29.13
CA LEU B 453 -48.05 -16.47 29.86
C LEU B 453 -48.25 -16.35 31.38
N SER B 454 -47.96 -15.17 31.94
CA SER B 454 -48.24 -14.95 33.36
C SER B 454 -49.74 -14.65 33.50
N ALA B 455 -50.27 -13.87 32.56
CA ALA B 455 -51.71 -13.80 32.35
C ALA B 455 -51.94 -15.09 31.62
N ILE B 456 -53.16 -15.64 31.66
CA ILE B 456 -53.39 -16.98 31.10
C ILE B 456 -52.83 -18.08 32.07
N GLU B 457 -52.02 -17.68 33.04
CA GLU B 457 -51.70 -18.55 34.16
C GLU B 457 -52.45 -17.94 35.34
N ASP B 458 -53.03 -16.78 35.07
CA ASP B 458 -53.90 -16.11 36.01
C ASP B 458 -55.28 -16.66 35.78
N LYS B 459 -55.61 -16.92 34.52
CA LYS B 459 -56.85 -17.56 34.20
C LYS B 459 -56.92 -18.97 34.80
N ILE B 460 -55.85 -19.76 34.74
CA ILE B 460 -55.93 -21.11 35.32
C ILE B 460 -56.00 -21.07 36.84
N GLU B 461 -55.49 -20.00 37.44
CA GLU B 461 -55.59 -19.85 38.88
C GLU B 461 -57.01 -19.47 39.29
N GLU B 462 -57.69 -18.78 38.39
CA GLU B 462 -59.11 -18.44 38.55
C GLU B 462 -59.90 -19.72 38.46
N ILE B 463 -59.53 -20.57 37.50
CA ILE B 463 -60.19 -21.86 37.30
C ILE B 463 -60.07 -22.69 38.57
N LEU B 464 -58.83 -22.89 39.03
CA LEU B 464 -58.55 -23.69 40.22
C LEU B 464 -59.42 -23.29 41.41
N SER B 465 -59.54 -21.98 41.62
CA SER B 465 -60.40 -21.42 42.66
C SER B 465 -61.88 -21.60 42.34
N LYS B 466 -62.34 -21.09 41.20
CA LYS B 466 -63.74 -21.23 40.79
C LYS B 466 -64.23 -22.70 40.86
N ILE B 467 -63.31 -23.66 40.77
CA ILE B 467 -63.63 -25.08 41.01
C ILE B 467 -63.76 -25.43 42.51
N TYR B 468 -62.71 -25.21 43.30
CA TYR B 468 -62.76 -25.32 44.76
C TYR B 468 -64.05 -24.82 45.42
N HIS B 469 -64.66 -23.79 44.82
CA HIS B 469 -65.89 -23.20 45.32
C HIS B 469 -67.13 -23.96 44.87
N ILE B 470 -67.03 -24.63 43.73
CA ILE B 470 -68.11 -25.55 43.35
C ILE B 470 -67.79 -26.92 43.92
N GLU B 471 -66.74 -26.98 44.72
CA GLU B 471 -66.39 -28.18 45.45
C GLU B 471 -66.77 -28.02 46.92
N ASN B 472 -67.11 -26.79 47.31
CA ASN B 472 -67.65 -26.48 48.63
C ASN B 472 -69.11 -26.81 48.60
N GLU B 473 -69.85 -26.15 47.71
CA GLU B 473 -71.12 -26.70 47.24
C GLU B 473 -70.74 -28.07 46.72
N ILE B 474 -71.67 -29.01 46.68
CA ILE B 474 -71.35 -30.39 46.26
C ILE B 474 -70.61 -31.15 47.37
N ALA B 475 -70.08 -30.44 48.35
CA ALA B 475 -69.54 -31.11 49.52
C ALA B 475 -70.52 -30.96 50.66
N ARG B 476 -71.07 -29.76 50.78
CA ARG B 476 -72.05 -29.46 51.81
C ARG B 476 -73.45 -29.79 51.28
N ILE B 477 -73.52 -30.08 49.98
CA ILE B 477 -74.77 -30.57 49.38
C ILE B 477 -74.94 -32.07 49.66
N LYS B 478 -74.02 -32.65 50.43
CA LYS B 478 -74.20 -34.00 50.98
C LYS B 478 -75.07 -34.03 52.27
N LYS B 479 -76.22 -34.70 52.14
CA LYS B 479 -77.20 -34.98 53.21
C LYS B 479 -78.06 -36.18 52.80
N LEU C 1 -27.99 14.76 -4.15
CA LEU C 1 -27.03 15.07 -3.09
C LEU C 1 -27.39 16.35 -2.33
N ASP C 2 -27.26 16.32 -1.02
CA ASP C 2 -27.52 17.50 -0.19
C ASP C 2 -26.25 17.87 0.60
N LEU C 3 -25.37 18.63 -0.04
CA LEU C 3 -24.11 18.99 0.61
C LEU C 3 -24.34 19.89 1.84
N ALA C 4 -25.40 20.68 1.79
CA ALA C 4 -25.75 21.55 2.91
C ALA C 4 -25.95 20.75 4.18
N ALA C 5 -26.70 19.65 4.08
CA ALA C 5 -26.99 18.80 5.23
C ALA C 5 -25.71 18.22 5.80
N LEU C 6 -24.91 17.63 4.93
CA LEU C 6 -23.72 16.91 5.35
C LEU C 6 -22.76 17.81 6.15
N MET C 7 -22.74 19.09 5.80
CA MET C 7 -21.82 20.02 6.44
C MET C 7 -22.08 20.05 7.93
N GLN C 8 -23.34 20.00 8.30
CA GLN C 8 -23.72 20.14 9.69
C GLN C 8 -23.24 18.98 10.57
N ILE C 9 -22.74 17.91 9.94
CA ILE C 9 -22.15 16.78 10.67
C ILE C 9 -20.64 16.58 10.43
N GLY C 10 -19.97 17.64 9.98
CA GLY C 10 -18.53 17.61 9.79
C GLY C 10 -18.08 17.11 8.43
N VAL C 11 -19.03 17.00 7.49
CA VAL C 11 -18.74 16.47 6.15
C VAL C 11 -18.56 17.60 5.14
N ILE C 12 -17.33 17.77 4.66
CA ILE C 12 -16.93 18.96 3.90
C ILE C 12 -16.52 18.66 2.47
N PRO C 13 -17.15 19.34 1.50
CA PRO C 13 -16.79 19.23 0.07
C PRO C 13 -15.51 20.02 -0.32
N THR C 14 -14.37 19.34 -0.32
CA THR C 14 -13.06 19.93 -0.61
C THR C 14 -12.83 20.29 -2.09
N ASN C 15 -13.26 19.39 -2.98
CA ASN C 15 -13.15 19.62 -4.42
C ASN C 15 -14.41 19.20 -5.20
N VAL C 16 -14.72 19.95 -6.26
CA VAL C 16 -15.77 19.60 -7.21
C VAL C 16 -15.11 19.64 -8.59
N ARG C 17 -15.18 18.55 -9.35
CA ARG C 17 -14.45 18.42 -10.62
C ARG C 17 -15.27 17.83 -11.78
N GLN C 18 -15.02 18.33 -12.99
CA GLN C 18 -15.59 17.76 -14.21
C GLN C 18 -15.02 16.37 -14.44
N LEU C 19 -15.82 15.48 -15.03
CA LEU C 19 -15.33 14.13 -15.31
C LEU C 19 -15.14 13.94 -16.79
N MET C 20 -13.98 13.42 -17.18
CA MET C 20 -13.60 13.38 -18.59
C MET C 20 -13.29 11.98 -19.09
N TYR C 21 -13.89 11.61 -20.20
CA TYR C 21 -13.72 10.28 -20.79
C TYR C 21 -12.98 10.37 -22.11
N TYR C 22 -12.46 9.24 -22.59
CA TYR C 22 -11.59 9.21 -23.78
C TYR C 22 -12.27 8.75 -25.06
N THR C 23 -12.31 9.63 -26.06
CA THR C 23 -13.08 9.39 -27.28
C THR C 23 -12.20 9.09 -28.52
N GLU C 24 -10.88 8.96 -28.30
CA GLU C 24 -9.86 8.53 -29.30
C GLU C 24 -8.47 9.03 -28.90
N ALA C 25 -7.44 8.24 -29.18
CA ALA C 25 -6.06 8.64 -28.88
C ALA C 25 -5.30 9.10 -30.11
N SER C 26 -4.20 9.79 -29.87
CA SER C 26 -3.25 10.16 -30.90
C SER C 26 -2.02 9.33 -30.57
N SER C 27 -1.28 8.88 -31.57
CA SER C 27 -0.15 8.00 -31.28
C SER C 27 1.14 8.35 -32.00
N ALA C 28 2.24 7.89 -31.43
CA ALA C 28 3.56 8.16 -31.95
C ALA C 28 4.33 6.86 -31.98
N PHE C 29 5.28 6.71 -32.87
CA PHE C 29 6.09 5.52 -32.85
C PHE C 29 7.51 5.87 -32.48
N ILE C 30 7.96 5.34 -31.36
CA ILE C 30 9.33 5.52 -30.93
C ILE C 30 10.08 4.24 -31.29
N VAL C 31 11.39 4.29 -31.44
CA VAL C 31 12.17 3.05 -31.45
C VAL C 31 13.34 3.23 -30.51
N VAL C 32 13.49 2.29 -29.59
CA VAL C 32 14.54 2.39 -28.61
C VAL C 32 15.71 1.50 -28.97
N LYS C 33 16.80 2.10 -29.44
CA LYS C 33 18.00 1.30 -29.61
C LYS C 33 18.72 1.17 -28.30
N LEU C 34 18.69 -0.04 -27.77
CA LEU C 34 19.29 -0.35 -26.49
C LEU C 34 20.82 -0.42 -26.61
N MET C 35 21.32 -0.49 -27.85
CA MET C 35 22.76 -0.46 -28.12
C MET C 35 23.25 0.85 -28.77
N PRO C 36 24.03 1.66 -28.01
CA PRO C 36 24.45 2.95 -28.56
C PRO C 36 25.58 2.77 -29.58
N THR C 37 25.70 3.68 -30.55
CA THR C 37 26.75 3.53 -31.57
C THR C 37 28.14 4.00 -31.10
N ILE C 38 29.17 3.19 -31.34
CA ILE C 38 30.55 3.61 -31.06
C ILE C 38 31.35 3.87 -32.36
N ASP C 39 31.47 5.14 -32.71
CA ASP C 39 32.09 5.56 -33.97
C ASP C 39 33.61 5.34 -33.98
N SER C 40 34.26 5.66 -32.86
CA SER C 40 35.72 5.64 -32.74
C SER C 40 36.37 4.31 -33.12
N PRO C 41 37.56 4.38 -33.76
CA PRO C 41 38.31 3.21 -34.25
C PRO C 41 39.04 2.41 -33.16
N ILE C 42 39.14 1.10 -33.40
CA ILE C 42 39.67 0.10 -32.45
C ILE C 42 41.13 -0.28 -32.77
N SER C 43 41.78 -0.97 -31.83
CA SER C 43 43.12 -1.53 -32.04
C SER C 43 43.35 -2.73 -31.13
N GLY C 44 43.23 -3.92 -31.70
CA GLY C 44 43.59 -5.17 -31.05
C GLY C 44 43.01 -5.49 -29.68
N CYS C 45 41.77 -5.09 -29.43
CA CYS C 45 41.12 -5.43 -28.15
C CYS C 45 39.60 -5.63 -28.23
N ASN C 46 39.10 -6.44 -27.31
CA ASN C 46 37.68 -6.76 -27.16
C ASN C 46 37.05 -5.85 -26.10
N ILE C 47 35.89 -5.26 -26.41
CA ILE C 47 35.21 -4.42 -25.42
C ILE C 47 34.21 -5.26 -24.60
N THR C 48 34.69 -5.90 -23.54
CA THR C 48 33.90 -6.86 -22.76
C THR C 48 32.53 -6.36 -22.30
N SER C 49 32.42 -5.04 -22.14
CA SER C 49 31.19 -4.38 -21.71
C SER C 49 30.05 -4.69 -22.68
N ILE C 50 30.26 -4.30 -23.94
CA ILE C 50 29.24 -4.48 -24.97
C ILE C 50 28.91 -5.96 -25.20
N SER C 51 29.83 -6.84 -24.82
CA SER C 51 29.61 -8.27 -24.88
C SER C 51 28.56 -8.72 -23.86
N SER C 52 28.86 -8.54 -22.57
CA SER C 52 27.94 -9.00 -21.54
C SER C 52 26.64 -8.21 -21.62
N TYR C 53 26.74 -6.97 -22.09
CA TYR C 53 25.56 -6.12 -22.29
C TYR C 53 24.64 -6.60 -23.42
N ASN C 54 25.20 -6.85 -24.61
CA ASN C 54 24.42 -7.44 -25.70
C ASN C 54 23.76 -8.73 -25.20
N ALA C 55 24.54 -9.58 -24.55
CA ALA C 55 24.03 -10.85 -24.04
C ALA C 55 22.88 -10.65 -23.07
N THR C 56 23.13 -9.87 -22.03
CA THR C 56 22.22 -9.76 -20.89
C THR C 56 20.94 -8.98 -21.21
N VAL C 57 21.05 -7.93 -22.03
CA VAL C 57 19.84 -7.23 -22.48
C VAL C 57 19.03 -8.10 -23.42
N THR C 58 19.70 -8.77 -24.37
CA THR C 58 19.02 -9.64 -25.31
C THR C 58 18.26 -10.77 -24.61
N LYS C 59 18.83 -11.38 -23.58
CA LYS C 59 18.12 -12.44 -22.89
C LYS C 59 16.94 -11.95 -22.07
N LEU C 60 17.06 -10.74 -21.52
CA LEU C 60 15.98 -10.10 -20.78
C LEU C 60 14.76 -9.84 -21.66
N LEU C 61 15.00 -9.50 -22.92
CA LEU C 61 13.93 -9.26 -23.89
C LEU C 61 13.35 -10.54 -24.50
N GLN C 62 14.00 -11.68 -24.24
CA GLN C 62 13.60 -12.94 -24.85
C GLN C 62 12.11 -13.28 -24.66
N PRO C 63 11.61 -13.22 -23.40
CA PRO C 63 10.17 -13.42 -23.24
C PRO C 63 9.31 -12.44 -24.05
N ILE C 64 9.67 -11.16 -24.02
CA ILE C 64 8.89 -10.19 -24.77
C ILE C 64 9.03 -10.50 -26.24
N GLY C 65 10.20 -10.99 -26.62
CA GLY C 65 10.50 -11.30 -28.00
C GLY C 65 9.76 -12.53 -28.50
N GLU C 66 9.97 -13.67 -27.83
CA GLU C 66 9.27 -14.91 -28.17
C GLU C 66 7.76 -14.72 -28.23
N ASN C 67 7.22 -13.94 -27.29
CA ASN C 67 5.79 -13.72 -27.26
C ASN C 67 5.30 -12.80 -28.39
N LEU C 68 6.09 -11.77 -28.66
CA LEU C 68 5.84 -10.91 -29.80
C LEU C 68 5.76 -11.75 -31.06
N GLU C 69 6.63 -12.75 -31.13
CA GLU C 69 6.76 -13.61 -32.31
C GLU C 69 5.58 -14.53 -32.51
N THR C 70 5.21 -15.27 -31.47
CA THR C 70 4.02 -16.11 -31.47
C THR C 70 2.81 -15.35 -31.98
N ILE C 71 2.39 -14.32 -31.26
CA ILE C 71 1.13 -13.64 -31.56
C ILE C 71 1.04 -13.14 -32.99
N ARG C 72 2.16 -12.65 -33.49
CA ARG C 72 2.30 -12.08 -34.83
C ARG C 72 2.13 -13.20 -35.89
N ASN C 73 2.61 -14.38 -35.56
CA ASN C 73 2.45 -15.57 -36.40
C ASN C 73 1.01 -16.08 -36.44
N GLN C 74 0.37 -16.15 -35.28
CA GLN C 74 -0.96 -16.77 -35.17
C GLN C 74 -2.11 -15.80 -35.41
N LEU C 75 -1.88 -14.51 -35.17
CA LEU C 75 -2.85 -13.49 -35.53
C LEU C 75 -2.31 -12.76 -36.73
N ILE C 76 -2.85 -13.06 -37.92
CA ILE C 76 -2.45 -12.32 -39.13
C ILE C 76 -0.96 -12.62 -39.48
N PRO C 77 -0.71 -13.74 -40.22
CA PRO C 77 0.59 -14.32 -40.60
C PRO C 77 1.02 -14.09 -42.05
N THR C 78 1.76 -13.00 -42.29
CA THR C 78 2.25 -12.67 -43.63
C THR C 78 1.14 -12.74 -44.68
N ARG C 79 -0.11 -12.59 -44.24
CA ARG C 79 -1.22 -12.39 -45.16
C ARG C 79 -1.21 -10.93 -45.60
N ARG C 80 -2.18 -10.54 -46.42
CA ARG C 80 -2.16 -9.22 -47.05
C ARG C 80 -2.89 -8.15 -46.26
N ARG C 81 -2.74 -8.15 -44.92
CA ARG C 81 -3.52 -7.29 -44.02
C ARG C 81 -4.99 -7.84 -44.01
N PHE C 82 -6.01 -7.30 -43.32
CA PHE C 82 -6.16 -6.02 -42.59
C PHE C 82 -6.49 -4.79 -43.47
N ALA C 83 -7.42 -3.96 -43.01
CA ALA C 83 -8.02 -4.05 -41.68
C ALA C 83 -9.17 -5.02 -41.36
N GLY C 84 -9.92 -4.60 -40.34
CA GLY C 84 -11.16 -5.22 -39.83
C GLY C 84 -11.02 -6.21 -38.65
N VAL C 85 -11.32 -7.48 -38.92
CA VAL C 85 -11.40 -8.52 -37.91
C VAL C 85 -10.07 -9.20 -37.61
N VAL C 86 -9.85 -9.58 -36.36
CA VAL C 86 -8.65 -10.32 -35.96
C VAL C 86 -8.97 -11.83 -35.83
N ILE C 87 -8.02 -12.67 -36.26
CA ILE C 87 -8.22 -14.13 -36.28
C ILE C 87 -7.33 -14.88 -35.29
N GLY C 88 -7.90 -15.89 -34.64
CA GLY C 88 -7.13 -16.88 -33.92
C GLY C 88 -6.67 -16.47 -32.54
N LEU C 89 -7.51 -15.71 -31.85
CA LEU C 89 -7.17 -15.18 -30.53
C LEU C 89 -6.83 -16.28 -29.54
N ALA C 90 -7.05 -17.53 -29.94
CA ALA C 90 -6.71 -18.68 -29.13
C ALA C 90 -5.23 -18.71 -28.80
N ALA C 91 -4.44 -18.04 -29.63
CA ALA C 91 -3.01 -17.96 -29.39
C ALA C 91 -2.70 -17.24 -28.09
N LEU C 92 -3.59 -16.36 -27.65
CA LEU C 92 -3.34 -15.65 -26.40
C LEU C 92 -3.42 -16.56 -25.15
N GLY C 93 -4.13 -17.69 -25.28
CA GLY C 93 -4.40 -18.53 -24.12
C GLY C 93 -5.56 -17.99 -23.29
N VAL C 94 -5.30 -17.69 -22.02
CA VAL C 94 -6.26 -16.95 -21.20
C VAL C 94 -5.92 -15.48 -21.21
N ALA C 95 -6.79 -14.66 -21.80
CA ALA C 95 -6.57 -13.23 -21.94
C ALA C 95 -7.66 -12.36 -21.28
N THR C 96 -7.26 -11.30 -20.59
CA THR C 96 -8.21 -10.32 -20.09
C THR C 96 -8.66 -9.43 -21.25
N ALA C 97 -9.77 -8.71 -21.09
CA ALA C 97 -10.27 -7.83 -22.16
C ALA C 97 -9.28 -6.72 -22.52
N ALA C 98 -8.55 -6.24 -21.52
CA ALA C 98 -7.47 -5.30 -21.78
C ALA C 98 -6.39 -5.96 -22.62
N GLN C 99 -6.10 -7.21 -22.33
CA GLN C 99 -5.08 -7.92 -23.05
C GLN C 99 -5.57 -8.19 -24.46
N VAL C 100 -6.88 -8.41 -24.59
CA VAL C 100 -7.46 -8.61 -25.90
C VAL C 100 -7.45 -7.32 -26.73
N THR C 101 -7.71 -6.18 -26.09
CA THR C 101 -7.61 -4.88 -26.76
C THR C 101 -6.16 -4.60 -27.23
N ALA C 102 -5.20 -4.95 -26.37
CA ALA C 102 -3.77 -4.80 -26.67
C ALA C 102 -3.41 -5.56 -27.93
N ALA C 103 -3.82 -6.83 -27.97
CA ALA C 103 -3.58 -7.73 -29.09
C ALA C 103 -4.07 -7.16 -30.41
N VAL C 104 -5.34 -6.77 -30.49
CA VAL C 104 -5.84 -6.09 -31.70
C VAL C 104 -4.97 -4.89 -32.08
N ALA C 105 -4.60 -4.11 -31.06
CA ALA C 105 -3.73 -2.94 -31.25
C ALA C 105 -2.37 -3.32 -31.85
N LEU C 106 -1.83 -4.45 -31.44
CA LEU C 106 -0.54 -4.93 -31.93
C LEU C 106 -0.56 -5.32 -33.41
N VAL C 107 -1.56 -6.10 -33.81
CA VAL C 107 -1.69 -6.48 -35.21
C VAL C 107 -2.21 -5.32 -36.05
N LYS C 108 -2.66 -4.25 -35.41
CA LYS C 108 -3.11 -3.14 -36.22
C LYS C 108 -1.92 -2.24 -36.52
N ALA C 109 -0.86 -2.37 -35.73
CA ALA C 109 0.35 -1.55 -35.92
C ALA C 109 1.47 -2.32 -36.64
N ASN C 110 1.31 -3.65 -36.71
CA ASN C 110 2.23 -4.58 -37.40
C ASN C 110 3.04 -4.01 -38.57
N GLU C 111 2.34 -3.26 -39.43
CA GLU C 111 2.89 -2.68 -40.67
C GLU C 111 3.81 -1.49 -40.43
N ASN C 112 3.35 -0.54 -39.62
CA ASN C 112 4.16 0.61 -39.27
C ASN C 112 5.38 0.20 -38.45
N ALA C 113 5.27 -0.89 -37.71
CA ALA C 113 6.41 -1.39 -36.94
C ALA C 113 7.40 -1.98 -37.91
N ALA C 114 6.86 -2.74 -38.87
CA ALA C 114 7.64 -3.36 -39.92
C ALA C 114 8.40 -2.31 -40.70
N ALA C 115 7.71 -1.21 -41.02
CA ALA C 115 8.28 -0.10 -41.80
C ALA C 115 9.47 0.54 -41.10
N ILE C 116 9.31 0.84 -39.82
CA ILE C 116 10.38 1.40 -39.02
C ILE C 116 11.49 0.38 -38.79
N LEU C 117 11.15 -0.90 -38.79
CA LEU C 117 12.18 -1.89 -38.53
C LEU C 117 12.99 -2.32 -39.78
N ASN C 118 12.48 -1.97 -40.96
CA ASN C 118 13.24 -2.14 -42.21
C ASN C 118 14.53 -1.35 -42.11
N LEU C 119 14.43 -0.16 -41.52
CA LEU C 119 15.54 0.78 -41.46
C LEU C 119 16.37 0.52 -40.24
N LYS C 120 16.27 -0.67 -39.68
CA LYS C 120 17.02 -1.05 -38.49
C LYS C 120 18.51 -0.74 -38.58
N ASN C 121 19.09 -0.85 -39.77
CA ASN C 121 20.54 -0.68 -39.91
C ASN C 121 20.97 0.76 -40.10
N ALA C 122 20.21 1.52 -40.89
CA ALA C 122 20.40 2.96 -40.98
C ALA C 122 20.43 3.59 -39.59
N ILE C 123 19.39 3.30 -38.80
CA ILE C 123 19.22 3.77 -37.43
C ILE C 123 20.38 3.36 -36.53
N GLN C 124 20.72 2.08 -36.56
CA GLN C 124 21.65 1.50 -35.60
C GLN C 124 23.07 2.03 -35.77
N LYS C 125 23.41 2.47 -36.96
CA LYS C 125 24.74 2.99 -37.20
C LYS C 125 24.72 4.52 -37.33
N THR C 126 23.60 5.11 -36.90
CA THR C 126 23.46 6.56 -36.78
C THR C 126 23.72 6.98 -35.31
N ASN C 127 24.55 7.99 -35.12
CA ASN C 127 24.89 8.44 -33.77
C ASN C 127 24.08 9.66 -33.37
N ALA C 128 22.97 9.40 -32.69
CA ALA C 128 22.08 10.44 -32.22
C ALA C 128 21.33 9.91 -31.02
N ALA C 129 21.28 10.71 -29.95
CA ALA C 129 20.43 10.40 -28.82
C ALA C 129 18.99 10.44 -29.30
N VAL C 130 18.63 11.50 -30.01
CA VAL C 130 17.27 11.61 -30.55
C VAL C 130 17.32 11.69 -32.07
N ALA C 131 17.12 10.55 -32.72
CA ALA C 131 17.19 10.45 -34.18
C ALA C 131 15.80 10.45 -34.82
N ASP C 132 15.55 11.41 -35.70
CA ASP C 132 14.35 11.41 -36.51
C ASP C 132 14.38 10.19 -37.46
N VAL C 133 13.22 9.80 -37.99
CA VAL C 133 13.12 8.66 -38.93
C VAL C 133 12.09 8.94 -40.04
N VAL C 134 12.57 8.96 -41.29
CA VAL C 134 11.72 9.28 -42.43
C VAL C 134 12.04 8.36 -43.62
N GLN C 135 11.02 8.06 -44.42
CA GLN C 135 11.15 7.15 -45.54
C GLN C 135 10.90 7.82 -46.87
N ALA C 136 11.91 8.53 -47.38
CA ALA C 136 11.81 9.15 -48.69
C ALA C 136 10.51 9.97 -48.76
N THR C 137 10.50 11.08 -48.02
CA THR C 137 9.27 11.86 -47.81
C THR C 137 8.11 10.96 -47.37
N GLN C 138 8.14 10.69 -46.06
CA GLN C 138 7.09 10.03 -45.27
C GLN C 138 7.67 9.95 -43.87
N SER C 139 7.09 10.70 -42.95
CA SER C 139 7.50 10.66 -41.54
C SER C 139 7.01 9.37 -40.86
N LEU C 140 7.97 8.52 -40.46
CA LEU C 140 7.65 7.20 -39.93
C LEU C 140 7.60 7.12 -38.42
N GLY C 141 8.43 7.92 -37.76
CA GLY C 141 8.58 7.85 -36.31
C GLY C 141 9.79 8.57 -35.74
N THR C 142 10.29 8.09 -34.60
CA THR C 142 11.39 8.76 -33.91
C THR C 142 12.30 7.75 -33.24
N ALA C 143 13.57 7.73 -33.61
CA ALA C 143 14.50 6.83 -32.94
C ALA C 143 15.10 7.54 -31.76
N VAL C 144 15.38 6.82 -30.69
CA VAL C 144 16.02 7.43 -29.52
C VAL C 144 17.04 6.47 -28.95
N GLN C 145 18.07 7.03 -28.33
CA GLN C 145 19.05 6.24 -27.63
C GLN C 145 19.22 6.91 -26.29
N ALA C 146 19.07 6.14 -25.22
CA ALA C 146 19.09 6.70 -23.87
C ALA C 146 20.46 7.14 -23.33
N VAL C 147 21.52 6.38 -23.59
CA VAL C 147 22.84 6.73 -23.05
C VAL C 147 23.79 7.35 -24.07
N GLN C 148 23.24 7.79 -25.21
CA GLN C 148 24.07 8.16 -26.38
C GLN C 148 25.02 9.33 -26.07
N ASP C 149 24.47 10.44 -25.59
CA ASP C 149 25.31 11.58 -25.27
C ASP C 149 26.27 11.29 -24.12
N HIS C 150 25.90 10.43 -23.18
CA HIS C 150 26.84 10.09 -22.10
C HIS C 150 27.95 9.12 -22.52
N ILE C 151 27.85 8.55 -23.73
CA ILE C 151 29.00 7.83 -24.25
C ILE C 151 29.76 8.69 -25.26
N ASN C 152 29.04 9.58 -25.96
CA ASN C 152 29.66 10.57 -26.84
C ASN C 152 30.69 11.41 -26.08
N SER C 153 30.39 11.66 -24.81
CA SER C 153 31.21 12.47 -23.94
C SER C 153 32.10 11.60 -23.05
N VAL C 154 32.79 10.65 -23.65
CA VAL C 154 33.72 9.79 -22.90
C VAL C 154 34.64 9.04 -23.87
N VAL C 155 34.12 8.70 -25.04
CA VAL C 155 34.90 7.93 -26.02
C VAL C 155 36.15 8.67 -26.52
N SER C 156 37.29 8.01 -26.32
CA SER C 156 38.56 8.47 -26.86
C SER C 156 38.58 8.14 -28.34
N PRO C 157 38.70 9.16 -29.22
CA PRO C 157 38.70 8.91 -30.67
C PRO C 157 39.66 7.80 -31.18
N ALA C 158 40.29 7.06 -30.28
CA ALA C 158 41.03 5.84 -30.64
C ALA C 158 41.26 4.95 -29.42
N ILE C 159 41.11 3.64 -29.63
CA ILE C 159 41.26 2.69 -28.53
C ILE C 159 42.47 1.80 -28.80
N THR C 160 43.53 2.01 -28.04
CA THR C 160 44.73 1.18 -28.13
C THR C 160 44.45 -0.18 -27.50
N ALA C 161 45.49 -0.92 -27.15
CA ALA C 161 45.30 -2.18 -26.41
C ALA C 161 45.86 -2.05 -24.99
N ALA C 162 46.43 -0.88 -24.72
CA ALA C 162 46.94 -0.51 -23.41
C ALA C 162 45.96 0.40 -22.65
N ASN C 163 45.24 1.26 -23.38
CA ASN C 163 44.13 1.99 -22.78
C ASN C 163 42.79 1.23 -22.90
N CYS C 164 42.86 0.02 -23.45
CA CYS C 164 41.69 -0.84 -23.61
C CYS C 164 41.00 -1.08 -22.28
N LYS C 165 41.56 -1.96 -21.44
CA LYS C 165 40.99 -2.31 -20.13
C LYS C 165 40.41 -1.10 -19.37
N ALA C 166 41.06 0.04 -19.52
CA ALA C 166 40.67 1.27 -18.86
C ALA C 166 39.44 1.96 -19.47
N GLN C 167 39.20 1.80 -20.77
CA GLN C 167 37.99 2.40 -21.35
C GLN C 167 36.86 1.38 -21.41
N ASP C 168 37.22 0.10 -21.32
CA ASP C 168 36.23 -0.96 -21.19
C ASP C 168 35.53 -0.80 -19.86
N ALA C 169 36.33 -0.60 -18.80
CA ALA C 169 35.83 -0.48 -17.44
C ALA C 169 34.90 0.72 -17.20
N ILE C 170 34.93 1.71 -18.09
CA ILE C 170 34.06 2.87 -17.90
C ILE C 170 32.93 3.00 -18.94
N ILE C 171 32.94 2.14 -19.95
CA ILE C 171 31.74 1.97 -20.75
C ILE C 171 30.85 0.95 -20.05
N GLY C 172 31.47 -0.11 -19.54
CA GLY C 172 30.76 -1.13 -18.79
C GLY C 172 30.36 -0.73 -17.39
N SER C 173 30.62 0.52 -17.03
CA SER C 173 30.07 1.06 -15.80
C SER C 173 28.80 1.85 -16.13
N ILE C 174 28.77 2.50 -17.30
CA ILE C 174 27.51 3.14 -17.73
C ILE C 174 26.53 2.15 -18.35
N LEU C 175 27.02 1.31 -19.26
CA LEU C 175 26.18 0.27 -19.83
C LEU C 175 25.50 -0.55 -18.73
N ASN C 176 26.26 -0.93 -17.70
CA ASN C 176 25.72 -1.70 -16.59
C ASN C 176 24.65 -1.00 -15.77
N LEU C 177 24.69 0.33 -15.72
CA LEU C 177 23.70 1.10 -14.98
C LEU C 177 22.36 1.10 -15.73
N TYR C 178 22.37 1.64 -16.95
CA TYR C 178 21.22 1.56 -17.84
C TYR C 178 20.69 0.15 -17.97
N LEU C 179 21.54 -0.84 -17.70
CA LEU C 179 21.14 -2.24 -17.67
C LEU C 179 20.34 -2.53 -16.41
N THR C 180 20.88 -2.07 -15.29
CA THR C 180 20.25 -2.32 -14.00
C THR C 180 18.87 -1.64 -13.98
N GLU C 181 18.75 -0.49 -14.65
CA GLU C 181 17.46 0.18 -14.73
C GLU C 181 16.49 -0.64 -15.56
N LEU C 182 17.01 -1.43 -16.50
CA LEU C 182 16.16 -2.29 -17.33
C LEU C 182 15.66 -3.55 -16.61
N THR C 183 16.48 -4.09 -15.70
CA THR C 183 16.07 -5.30 -14.98
C THR C 183 14.87 -5.05 -14.07
N THR C 184 14.59 -3.79 -13.78
CA THR C 184 13.42 -3.48 -12.98
C THR C 184 12.14 -3.59 -13.82
N ILE C 185 11.98 -2.72 -14.82
CA ILE C 185 10.75 -2.72 -15.64
C ILE C 185 10.47 -3.94 -16.54
N PHE C 186 11.41 -4.88 -16.65
CA PHE C 186 11.22 -6.04 -17.55
C PHE C 186 11.26 -7.40 -16.87
N HIS C 187 10.50 -7.58 -15.80
CA HIS C 187 10.34 -8.92 -15.28
C HIS C 187 9.42 -9.62 -16.26
N ASN C 188 9.39 -10.95 -16.21
CA ASN C 188 8.30 -11.70 -16.84
C ASN C 188 7.50 -12.55 -15.83
N GLN C 189 6.22 -12.23 -15.70
CA GLN C 189 5.37 -12.89 -14.71
C GLN C 189 4.17 -13.52 -15.39
N ILE C 190 3.62 -12.80 -16.37
CA ILE C 190 2.36 -13.19 -17.01
C ILE C 190 2.59 -13.99 -18.28
N THR C 191 1.52 -14.53 -18.84
CA THR C 191 1.62 -15.39 -20.04
C THR C 191 1.98 -14.62 -21.34
N ASN C 192 1.48 -13.40 -21.48
CA ASN C 192 1.69 -12.61 -22.71
C ASN C 192 2.35 -11.26 -22.47
N PRO C 193 3.63 -11.25 -22.07
CA PRO C 193 4.32 -10.01 -21.69
C PRO C 193 4.38 -8.94 -22.79
N ALA C 194 4.25 -9.28 -24.05
CA ALA C 194 4.29 -8.24 -25.08
C ALA C 194 3.03 -7.35 -25.07
N LEU C 195 2.04 -7.76 -24.29
CA LEU C 195 0.78 -7.03 -24.21
C LEU C 195 0.74 -6.07 -23.02
N SER C 196 1.52 -6.37 -21.98
CA SER C 196 1.69 -5.48 -20.80
C SER C 196 1.91 -4.04 -21.20
N PRO C 197 1.11 -3.13 -20.65
CA PRO C 197 1.24 -1.72 -21.00
C PRO C 197 2.55 -1.13 -20.46
N ILE C 198 3.11 -0.17 -21.19
CA ILE C 198 4.23 0.60 -20.67
C ILE C 198 3.72 1.86 -19.93
N THR C 199 4.03 1.92 -18.64
CA THR C 199 3.65 3.07 -17.82
C THR C 199 4.59 4.22 -18.09
N ILE C 200 4.22 5.41 -17.63
CA ILE C 200 5.12 6.54 -17.80
C ILE C 200 6.38 6.33 -16.94
N GLN C 201 6.23 5.66 -15.80
CA GLN C 201 7.37 5.26 -14.98
C GLN C 201 8.38 4.51 -15.81
N ALA C 202 7.88 3.61 -16.65
CA ALA C 202 8.72 2.75 -17.48
C ALA C 202 9.31 3.49 -18.67
N LEU C 203 8.51 4.33 -19.31
CA LEU C 203 8.99 5.17 -20.41
C LEU C 203 10.14 6.08 -19.96
N ARG C 204 10.18 6.42 -18.66
CA ARG C 204 11.24 7.28 -18.16
C ARG C 204 12.56 6.55 -18.07
N ILE C 205 12.51 5.25 -17.85
CA ILE C 205 13.73 4.46 -17.78
C ILE C 205 14.22 4.17 -19.19
N LEU C 206 13.31 3.80 -20.08
CA LEU C 206 13.69 3.47 -21.45
C LEU C 206 14.26 4.64 -22.23
N LEU C 207 13.64 5.80 -22.09
CA LEU C 207 14.00 6.93 -22.94
C LEU C 207 15.01 7.86 -22.26
N GLY C 208 15.12 7.75 -20.94
CA GLY C 208 15.99 8.64 -20.17
C GLY C 208 15.90 10.11 -20.56
N SER C 209 17.05 10.72 -20.75
CA SER C 209 17.14 12.15 -21.08
C SER C 209 16.32 12.58 -22.30
N THR C 210 15.93 11.60 -23.12
CA THR C 210 15.34 11.87 -24.42
C THR C 210 13.85 12.13 -24.33
N LEU C 211 13.26 11.77 -23.20
CA LEU C 211 11.81 11.76 -23.05
C LEU C 211 11.11 13.09 -23.35
N PRO C 212 11.55 14.20 -22.71
CA PRO C 212 10.83 15.46 -22.94
C PRO C 212 10.91 15.90 -24.40
N THR C 213 12.00 15.54 -25.06
CA THR C 213 12.19 15.83 -26.49
C THR C 213 11.13 15.09 -27.29
N VAL C 214 11.15 13.76 -27.19
CA VAL C 214 10.14 12.87 -27.76
C VAL C 214 8.72 13.40 -27.54
N VAL C 215 8.35 13.61 -26.28
CA VAL C 215 7.03 14.14 -25.92
C VAL C 215 6.69 15.43 -26.68
N GLU C 216 7.68 16.31 -26.82
CA GLU C 216 7.50 17.57 -27.54
C GLU C 216 7.18 17.38 -29.02
N LYS C 217 7.94 16.53 -29.70
CA LYS C 217 7.78 16.44 -31.15
C LYS C 217 6.79 15.39 -31.60
N SER C 218 6.57 14.39 -30.74
CA SER C 218 5.64 13.30 -31.04
C SER C 218 4.18 13.75 -31.19
N PHE C 219 3.74 14.66 -30.32
CA PHE C 219 2.35 15.12 -30.33
C PHE C 219 2.24 16.61 -30.64
N ASN C 220 1.48 16.92 -31.69
CA ASN C 220 1.05 18.29 -31.94
C ASN C 220 -0.25 18.55 -31.19
N THR C 221 -0.14 19.16 -30.02
CA THR C 221 -1.31 19.35 -29.17
C THR C 221 -1.31 20.69 -28.42
N GLN C 222 -2.44 21.01 -27.81
CA GLN C 222 -2.57 22.23 -27.02
C GLN C 222 -1.98 22.04 -25.63
N ILE C 223 -2.22 20.86 -25.06
CA ILE C 223 -1.61 20.46 -23.81
C ILE C 223 -0.09 20.65 -23.80
N SER C 224 0.41 21.29 -22.75
CA SER C 224 1.83 21.61 -22.64
C SER C 224 2.66 20.35 -22.48
N ALA C 225 3.97 20.48 -22.67
CA ALA C 225 4.87 19.35 -22.47
C ALA C 225 5.08 19.11 -20.98
N ALA C 226 5.03 20.20 -20.20
CA ALA C 226 5.12 20.12 -18.74
C ALA C 226 3.97 19.32 -18.16
N GLU C 227 2.78 19.55 -18.70
CA GLU C 227 1.62 18.78 -18.30
C GLU C 227 1.87 17.30 -18.58
N LEU C 228 2.03 16.94 -19.85
CA LEU C 228 2.22 15.54 -20.25
C LEU C 228 3.29 14.75 -19.47
N LEU C 229 4.46 15.35 -19.30
CA LEU C 229 5.56 14.66 -18.63
C LEU C 229 5.25 14.33 -17.17
N SER C 230 4.38 15.16 -16.57
CA SER C 230 4.17 15.18 -15.14
C SER C 230 2.88 14.50 -14.72
N SER C 231 1.89 14.50 -15.63
CA SER C 231 0.63 13.78 -15.47
C SER C 231 0.82 12.26 -15.58
N GLY C 232 -0.22 11.57 -16.02
CA GLY C 232 -0.13 10.14 -16.21
C GLY C 232 -0.71 9.73 -17.54
N LEU C 233 -1.19 10.72 -18.29
CA LEU C 233 -1.90 10.52 -19.55
C LEU C 233 -1.15 9.67 -20.60
N LEU C 234 0.17 9.56 -20.45
CA LEU C 234 1.00 8.83 -21.41
C LEU C 234 1.10 7.34 -21.13
N THR C 235 0.88 6.55 -22.17
CA THR C 235 0.95 5.09 -22.09
C THR C 235 1.54 4.52 -23.35
N GLY C 236 2.27 3.42 -23.21
CA GLY C 236 2.91 2.81 -24.35
C GLY C 236 2.67 1.31 -24.44
N GLN C 237 2.77 0.78 -25.65
CA GLN C 237 2.74 -0.67 -25.88
C GLN C 237 3.79 -1.04 -26.94
N ILE C 238 4.63 -2.03 -26.62
CA ILE C 238 5.60 -2.61 -27.55
C ILE C 238 4.93 -3.17 -28.81
N VAL C 239 5.32 -2.75 -29.98
CA VAL C 239 4.70 -3.32 -31.18
C VAL C 239 5.69 -4.03 -32.11
N GLY C 240 6.97 -3.95 -31.77
CA GLY C 240 8.01 -4.56 -32.57
C GLY C 240 9.29 -4.71 -31.78
N LEU C 241 9.98 -5.83 -31.96
CA LEU C 241 11.28 -5.98 -31.34
C LEU C 241 12.23 -6.66 -32.32
N ASP C 242 13.52 -6.32 -32.27
CA ASP C 242 14.56 -7.02 -33.02
C ASP C 242 15.83 -7.24 -32.16
N LEU C 243 15.94 -8.42 -31.57
CA LEU C 243 17.00 -8.73 -30.62
C LEU C 243 18.43 -8.64 -31.17
N THR C 244 18.60 -8.90 -32.47
CA THR C 244 19.94 -8.87 -33.03
C THR C 244 20.42 -7.42 -32.96
N TYR C 245 19.57 -6.53 -33.45
CA TYR C 245 19.82 -5.09 -33.46
C TYR C 245 19.48 -4.36 -32.14
N MET C 246 18.89 -5.08 -31.21
CA MET C 246 18.53 -4.51 -29.93
C MET C 246 17.75 -3.21 -30.07
N GLN C 247 16.75 -3.23 -30.94
CA GLN C 247 15.82 -2.11 -31.07
C GLN C 247 14.39 -2.56 -30.72
N MET C 248 13.59 -1.63 -30.22
CA MET C 248 12.27 -1.96 -29.69
C MET C 248 11.27 -0.88 -30.12
N VAL C 249 10.42 -1.19 -31.10
CA VAL C 249 9.43 -0.22 -31.54
C VAL C 249 8.36 -0.11 -30.47
N ILE C 250 8.12 1.10 -30.02
CA ILE C 250 7.12 1.33 -28.97
C ILE C 250 6.11 2.32 -29.52
N LYS C 251 4.83 2.00 -29.38
CA LYS C 251 3.78 2.92 -29.77
C LYS C 251 3.36 3.68 -28.53
N ILE C 252 3.19 4.98 -28.66
CA ILE C 252 2.89 5.80 -27.50
C ILE C 252 1.62 6.57 -27.79
N GLU C 253 0.69 6.56 -26.84
CA GLU C 253 -0.65 7.10 -27.08
C GLU C 253 -1.01 8.20 -26.14
N LEU C 254 -1.79 9.14 -26.66
CA LEU C 254 -2.21 10.32 -25.91
C LEU C 254 -3.69 10.48 -26.11
N PRO C 255 -4.46 10.14 -25.08
CA PRO C 255 -5.92 10.12 -25.16
C PRO C 255 -6.43 11.53 -25.37
N THR C 256 -7.34 11.71 -26.34
CA THR C 256 -8.02 12.99 -26.51
C THR C 256 -9.29 12.98 -25.65
N LEU C 257 -9.47 14.01 -24.84
CA LEU C 257 -10.45 13.96 -23.76
C LEU C 257 -11.62 14.90 -23.95
N THR C 258 -12.77 14.48 -23.48
CA THR C 258 -13.96 15.32 -23.57
C THR C 258 -14.70 15.22 -22.25
N VAL C 259 -15.20 16.37 -21.81
CA VAL C 259 -15.95 16.47 -20.56
C VAL C 259 -17.29 15.70 -20.55
N GLN C 260 -17.42 14.73 -19.65
CA GLN C 260 -18.68 14.02 -19.46
C GLN C 260 -19.74 14.94 -18.83
N PRO C 261 -20.87 15.10 -19.54
CA PRO C 261 -21.84 16.16 -19.24
C PRO C 261 -22.78 15.80 -18.08
N ALA C 262 -23.12 16.82 -17.28
CA ALA C 262 -24.00 16.65 -16.12
C ALA C 262 -23.46 15.57 -15.19
N THR C 263 -22.18 15.70 -14.84
CA THR C 263 -21.54 14.79 -13.92
C THR C 263 -20.49 15.62 -13.24
N GLN C 264 -20.15 15.27 -12.01
CA GLN C 264 -19.12 15.95 -11.25
C GLN C 264 -18.44 14.92 -10.36
N ILE C 265 -17.17 15.13 -10.05
CA ILE C 265 -16.49 14.28 -9.07
C ILE C 265 -16.17 15.04 -7.78
N ILE C 266 -16.78 14.61 -6.68
CA ILE C 266 -16.72 15.36 -5.45
C ILE C 266 -15.89 14.69 -4.35
N ASP C 267 -14.93 15.42 -3.81
CA ASP C 267 -14.12 14.94 -2.71
C ASP C 267 -14.77 15.37 -1.41
N LEU C 268 -14.82 14.47 -0.44
CA LEU C 268 -15.48 14.76 0.82
C LEU C 268 -14.55 14.53 1.99
N ALA C 269 -14.26 15.59 2.73
CA ALA C 269 -13.44 15.48 3.94
C ALA C 269 -14.31 15.35 5.20
N THR C 270 -13.80 14.72 6.23
CA THR C 270 -14.54 14.80 7.47
C THR C 270 -13.74 15.36 8.64
N ILE C 271 -14.18 16.51 9.16
CA ILE C 271 -13.75 16.91 10.48
C ILE C 271 -14.54 16.13 11.56
N SER C 272 -13.99 16.08 12.77
CA SER C 272 -14.63 15.32 13.82
C SER C 272 -15.84 16.05 14.40
N ALA C 273 -16.81 15.26 14.83
CA ALA C 273 -18.04 15.78 15.38
C ALA C 273 -18.16 15.32 16.82
N PHE C 274 -18.93 16.05 17.63
CA PHE C 274 -19.25 15.59 18.97
C PHE C 274 -20.71 15.18 19.06
N ILE C 275 -20.95 13.89 19.25
CA ILE C 275 -22.31 13.35 19.25
C ILE C 275 -22.50 12.29 20.33
N ASN C 276 -23.59 12.42 21.10
CA ASN C 276 -23.91 11.49 22.20
C ASN C 276 -22.72 11.23 23.10
N ASN C 277 -22.09 12.32 23.51
CA ASN C 277 -20.90 12.31 24.36
C ASN C 277 -19.71 11.52 23.83
N GLN C 278 -19.50 11.61 22.51
CA GLN C 278 -18.35 11.02 21.83
C GLN C 278 -17.72 11.95 20.76
N GLU C 279 -16.41 11.84 20.54
CA GLU C 279 -15.84 12.47 19.35
C GLU C 279 -15.85 11.44 18.25
N VAL C 280 -16.45 11.79 17.11
CA VAL C 280 -16.61 10.83 16.02
C VAL C 280 -16.23 11.40 14.65
N MET C 281 -16.26 10.56 13.61
CA MET C 281 -16.25 11.05 12.24
C MET C 281 -17.32 10.33 11.45
N ALA C 282 -18.00 11.06 10.57
CA ALA C 282 -18.96 10.44 9.68
C ALA C 282 -18.22 9.44 8.79
N GLN C 283 -18.83 8.29 8.49
CA GLN C 283 -18.22 7.28 7.64
C GLN C 283 -18.83 7.29 6.27
N LEU C 284 -18.14 7.92 5.32
CA LEU C 284 -18.59 8.01 3.93
C LEU C 284 -17.41 7.87 2.96
N PRO C 285 -17.70 7.52 1.70
CA PRO C 285 -16.70 7.53 0.62
C PRO C 285 -16.04 8.90 0.44
N THR C 286 -14.71 8.93 0.40
CA THR C 286 -13.96 10.19 0.33
C THR C 286 -14.01 10.89 -1.04
N ARG C 287 -14.43 10.15 -2.08
CA ARG C 287 -14.58 10.74 -3.40
C ARG C 287 -15.72 10.06 -4.10
N VAL C 288 -16.67 10.83 -4.64
CA VAL C 288 -17.86 10.20 -5.21
C VAL C 288 -18.23 10.72 -6.58
N MET C 289 -18.86 9.88 -7.40
CA MET C 289 -19.43 10.40 -8.65
C MET C 289 -20.89 10.76 -8.48
N VAL C 290 -21.29 11.84 -9.14
CA VAL C 290 -22.62 12.37 -8.99
C VAL C 290 -23.17 12.79 -10.35
N THR C 291 -24.22 12.12 -10.79
CA THR C 291 -24.84 12.46 -12.07
C THR C 291 -26.34 12.15 -12.08
N GLY C 292 -27.12 13.21 -12.20
CA GLY C 292 -28.57 13.10 -12.09
C GLY C 292 -28.96 12.72 -10.67
N SER C 293 -29.72 11.64 -10.55
CA SER C 293 -30.16 11.16 -9.24
C SER C 293 -29.19 10.11 -8.70
N LEU C 294 -28.05 9.96 -9.37
CA LEU C 294 -27.12 8.89 -9.03
C LEU C 294 -25.96 9.36 -8.18
N ILE C 295 -25.43 8.44 -7.38
CA ILE C 295 -24.26 8.67 -6.57
C ILE C 295 -23.52 7.35 -6.42
N GLN C 296 -22.26 7.32 -6.86
CA GLN C 296 -21.40 6.14 -6.70
C GLN C 296 -20.06 6.53 -6.08
N ALA C 297 -19.44 5.58 -5.39
CA ALA C 297 -18.11 5.79 -4.84
C ALA C 297 -17.12 5.67 -5.98
N TYR C 298 -16.22 6.65 -6.09
CA TYR C 298 -15.34 6.80 -7.25
C TYR C 298 -13.91 7.04 -6.82
N PRO C 299 -13.24 6.02 -6.29
CA PRO C 299 -11.88 6.31 -5.86
C PRO C 299 -10.95 6.28 -7.08
N ALA C 300 -10.62 7.43 -7.63
CA ALA C 300 -9.85 7.44 -8.87
C ALA C 300 -8.35 7.27 -8.60
N SER C 301 -8.00 6.18 -7.92
CA SER C 301 -6.66 6.03 -7.34
C SER C 301 -5.57 5.92 -8.40
N GLN C 302 -5.93 5.40 -9.57
CA GLN C 302 -4.96 5.24 -10.64
C GLN C 302 -5.18 6.29 -11.73
N CYS C 303 -6.30 7.00 -11.67
CA CYS C 303 -6.59 8.02 -12.68
C CYS C 303 -5.83 9.32 -12.47
N THR C 304 -6.01 10.22 -13.43
CA THR C 304 -5.26 11.46 -13.48
C THR C 304 -6.12 12.61 -12.95
N ILE C 305 -5.62 13.29 -11.93
CA ILE C 305 -6.35 14.38 -11.32
C ILE C 305 -5.65 15.73 -11.49
N THR C 306 -6.41 16.73 -11.94
CA THR C 306 -6.02 18.13 -11.95
C THR C 306 -7.04 18.89 -11.10
N PRO C 307 -6.85 20.20 -10.94
CA PRO C 307 -7.84 20.88 -10.09
C PRO C 307 -9.29 20.97 -10.59
N ASN C 308 -9.57 20.81 -11.87
CA ASN C 308 -10.96 20.90 -12.32
C ASN C 308 -11.50 19.61 -12.92
N THR C 309 -10.63 18.63 -13.08
CA THR C 309 -10.82 17.59 -14.06
C THR C 309 -10.35 16.23 -13.54
N VAL C 310 -11.14 15.19 -13.80
CA VAL C 310 -10.65 13.85 -13.54
C VAL C 310 -10.79 12.99 -14.78
N TYR C 311 -9.66 12.65 -15.40
CA TYR C 311 -9.65 11.69 -16.51
C TYR C 311 -9.49 10.24 -16.05
N CYS C 312 -10.43 9.40 -16.50
CA CYS C 312 -10.46 7.99 -16.14
C CYS C 312 -10.76 7.11 -17.35
N ARG C 313 -9.69 6.49 -17.88
CA ARG C 313 -9.85 5.48 -18.89
C ARG C 313 -10.47 4.31 -18.17
N TYR C 314 -9.95 4.07 -16.97
CA TYR C 314 -10.41 2.96 -16.15
C TYR C 314 -11.53 3.39 -15.20
N ASN C 315 -12.74 2.87 -15.45
CA ASN C 315 -13.95 3.26 -14.71
C ASN C 315 -14.34 2.32 -13.57
N ASP C 316 -13.82 2.60 -12.37
CA ASP C 316 -13.91 1.67 -11.24
C ASP C 316 -14.91 2.05 -10.12
N ALA C 317 -16.11 2.51 -10.48
CA ALA C 317 -17.13 2.89 -9.48
C ALA C 317 -17.50 1.80 -8.47
N GLN C 318 -17.41 2.15 -7.19
CA GLN C 318 -17.92 1.31 -6.10
C GLN C 318 -19.39 1.68 -5.90
N VAL C 319 -20.24 0.68 -5.67
CA VAL C 319 -21.68 0.93 -5.53
C VAL C 319 -22.03 1.06 -4.05
N LEU C 320 -23.02 1.91 -3.76
CA LEU C 320 -23.30 2.35 -2.37
C LEU C 320 -24.56 1.74 -1.74
N SER C 321 -24.47 1.40 -0.46
CA SER C 321 -25.62 0.86 0.26
C SER C 321 -26.75 1.90 0.31
N ASP C 322 -27.99 1.45 0.56
CA ASP C 322 -29.13 2.37 0.56
C ASP C 322 -29.10 3.29 1.76
N ASP C 323 -28.40 2.83 2.80
CA ASP C 323 -28.19 3.62 4.00
C ASP C 323 -27.30 4.82 3.68
N THR C 324 -26.09 4.54 3.20
CA THR C 324 -25.21 5.58 2.71
C THR C 324 -25.93 6.47 1.69
N MET C 325 -26.63 5.86 0.73
CA MET C 325 -27.39 6.60 -0.29
C MET C 325 -28.36 7.61 0.31
N ALA C 326 -28.94 7.25 1.45
CA ALA C 326 -29.96 8.10 2.04
C ALA C 326 -29.27 9.16 2.87
N CYS C 327 -28.08 8.81 3.36
CA CYS C 327 -27.27 9.70 4.17
C CYS C 327 -26.82 10.90 3.35
N LEU C 328 -26.36 10.62 2.14
CA LEU C 328 -25.84 11.64 1.25
C LEU C 328 -26.98 12.44 0.65
N GLN C 329 -28.10 11.77 0.40
CA GLN C 329 -29.23 12.46 -0.22
C GLN C 329 -29.95 13.40 0.75
N GLY C 330 -29.62 13.34 2.04
CA GLY C 330 -30.15 14.30 2.99
C GLY C 330 -30.45 13.78 4.40
N ASN C 331 -30.92 12.53 4.49
CA ASN C 331 -31.44 11.97 5.76
C ASN C 331 -30.33 11.63 6.76
N LEU C 332 -29.97 12.59 7.60
CA LEU C 332 -28.86 12.45 8.54
C LEU C 332 -29.02 11.33 9.56
N THR C 333 -30.27 10.87 9.76
CA THR C 333 -30.59 9.90 10.79
C THR C 333 -30.11 8.52 10.38
N ARG C 334 -29.93 8.34 9.08
CA ARG C 334 -29.40 7.10 8.55
C ARG C 334 -27.87 7.01 8.51
N CYS C 335 -27.20 8.16 8.51
CA CYS C 335 -25.72 8.25 8.57
C CYS C 335 -25.07 7.36 9.62
N THR C 336 -23.81 7.02 9.37
CA THR C 336 -23.07 6.23 10.33
C THR C 336 -21.90 7.07 10.80
N PHE C 337 -21.33 6.72 11.95
CA PHE C 337 -20.18 7.43 12.50
C PHE C 337 -19.32 6.40 13.18
N SER C 338 -18.12 6.80 13.58
CA SER C 338 -17.24 5.96 14.36
C SER C 338 -16.42 6.86 15.27
N PRO C 339 -16.08 6.35 16.47
CA PRO C 339 -15.20 7.05 17.41
C PRO C 339 -13.85 7.30 16.77
N VAL C 340 -13.28 8.48 17.06
CA VAL C 340 -11.96 8.85 16.56
C VAL C 340 -11.20 9.58 17.67
N VAL C 341 -9.89 9.61 17.56
CA VAL C 341 -9.08 10.44 18.45
C VAL C 341 -8.71 11.72 17.73
N GLY C 342 -9.50 12.75 17.93
CA GLY C 342 -9.22 14.04 17.35
C GLY C 342 -7.80 14.57 17.56
N SER C 343 -7.35 15.31 16.58
CA SER C 343 -6.14 16.05 16.69
C SER C 343 -6.53 17.42 16.19
N PHE C 344 -5.64 18.38 16.40
CA PHE C 344 -5.81 19.75 15.94
C PHE C 344 -6.01 19.81 14.42
N LEU C 345 -5.35 18.92 13.70
CA LEU C 345 -5.45 18.88 12.25
C LEU C 345 -6.82 18.42 11.74
N THR C 346 -7.46 17.52 12.48
CA THR C 346 -8.75 16.95 12.08
C THR C 346 -9.97 17.62 12.73
N ARG C 347 -9.75 18.36 13.81
CA ARG C 347 -10.88 19.01 14.47
C ARG C 347 -11.47 20.23 13.75
N PHE C 348 -10.84 20.67 12.66
CA PHE C 348 -11.39 21.81 11.89
C PHE C 348 -11.01 21.96 10.40
N VAL C 349 -11.67 22.94 9.79
CA VAL C 349 -11.58 23.14 8.36
C VAL C 349 -12.06 24.55 8.09
N LEU C 350 -11.46 25.24 7.11
CA LEU C 350 -11.86 26.60 6.81
C LEU C 350 -12.50 26.65 5.43
N PHE C 351 -13.67 27.25 5.34
CA PHE C 351 -14.53 27.10 4.19
C PHE C 351 -14.96 28.45 3.62
N ASP C 352 -14.29 28.90 2.56
CA ASP C 352 -14.53 30.24 1.98
C ASP C 352 -14.52 31.32 3.06
N GLY C 353 -13.52 31.29 3.92
CA GLY C 353 -13.41 32.25 5.01
C GLY C 353 -14.06 31.88 6.34
N ILE C 354 -14.93 30.88 6.34
CA ILE C 354 -15.74 30.55 7.54
C ILE C 354 -15.36 29.25 8.21
N VAL C 355 -15.01 29.31 9.48
CA VAL C 355 -14.49 28.14 10.18
C VAL C 355 -15.58 27.13 10.49
N TYR C 356 -15.29 25.86 10.24
CA TYR C 356 -16.12 24.76 10.69
C TYR C 356 -15.28 23.96 11.66
N ALA C 357 -15.77 23.82 12.89
CA ALA C 357 -14.97 23.15 13.91
C ALA C 357 -15.76 22.47 15.02
N ASN C 358 -15.11 21.45 15.58
CA ASN C 358 -15.57 20.74 16.74
C ASN C 358 -15.09 21.53 17.95
N CYS C 359 -15.86 22.56 18.28
CA CYS C 359 -15.57 23.46 19.38
C CYS C 359 -15.89 22.87 20.75
N ARG C 360 -16.10 21.56 20.79
CA ARG C 360 -16.20 20.84 22.03
C ARG C 360 -14.84 20.22 22.36
N SER C 361 -14.39 19.34 21.46
CA SER C 361 -13.11 18.63 21.64
C SER C 361 -11.93 19.59 21.63
N MET C 362 -12.08 20.71 20.92
CA MET C 362 -11.00 21.67 20.76
C MET C 362 -11.42 23.06 21.25
N LEU C 363 -10.49 23.81 21.85
CA LEU C 363 -10.84 25.14 22.38
C LEU C 363 -10.92 26.18 21.28
N CYS C 364 -12.13 26.59 20.97
CA CYS C 364 -12.33 27.67 20.01
C CYS C 364 -12.29 29.06 20.68
N LYS C 365 -11.11 29.52 21.08
CA LYS C 365 -11.01 30.78 21.84
C LYS C 365 -11.19 32.01 20.98
N CYS C 366 -12.36 32.62 21.04
CA CYS C 366 -12.60 33.84 20.27
C CYS C 366 -11.90 35.05 20.93
N MET C 367 -11.03 35.73 20.17
CA MET C 367 -10.16 36.81 20.69
C MET C 367 -10.83 38.17 20.84
N GLN C 368 -11.66 38.52 19.87
CA GLN C 368 -12.43 39.77 19.88
C GLN C 368 -13.74 39.48 19.15
N PRO C 369 -14.88 39.55 19.86
CA PRO C 369 -15.00 39.86 21.29
C PRO C 369 -14.67 38.64 22.18
N ALA C 370 -13.71 38.83 23.09
CA ALA C 370 -13.12 37.73 23.86
C ALA C 370 -14.14 36.81 24.53
N ALA C 371 -14.02 35.51 24.26
CA ALA C 371 -14.99 34.51 24.72
C ALA C 371 -14.52 33.10 24.35
N VAL C 372 -14.79 32.13 25.22
CA VAL C 372 -14.64 30.76 24.80
C VAL C 372 -15.93 30.49 24.03
N ILE C 373 -15.83 29.86 22.87
CA ILE C 373 -17.01 29.55 22.12
C ILE C 373 -17.40 28.17 22.58
N LEU C 374 -18.64 28.04 23.02
CA LEU C 374 -19.11 26.75 23.52
C LEU C 374 -19.97 26.10 22.45
N GLN C 375 -19.98 24.77 22.45
CA GLN C 375 -20.71 24.02 21.43
C GLN C 375 -21.79 23.13 22.05
N PRO C 376 -23.05 23.57 21.94
CA PRO C 376 -24.20 22.85 22.49
C PRO C 376 -24.27 21.42 21.92
N SER C 377 -24.48 20.43 22.79
CA SER C 377 -24.55 19.02 22.37
C SER C 377 -25.59 18.78 21.26
N SER C 378 -26.56 19.68 21.16
CA SER C 378 -27.52 19.70 20.05
C SER C 378 -26.80 19.78 18.70
N SER C 379 -25.78 20.62 18.64
CA SER C 379 -24.94 20.81 17.46
C SER C 379 -23.76 19.82 17.45
N PRO C 380 -23.63 19.03 16.37
CA PRO C 380 -22.50 18.13 16.35
C PRO C 380 -21.25 18.91 15.99
N VAL C 381 -21.37 19.92 15.11
CA VAL C 381 -20.28 20.88 14.90
C VAL C 381 -20.73 22.35 14.97
N THR C 382 -19.78 23.24 15.24
CA THR C 382 -20.04 24.68 15.34
C THR C 382 -19.73 25.37 14.02
N VAL C 383 -20.59 26.30 13.62
CA VAL C 383 -20.29 27.13 12.47
C VAL C 383 -19.87 28.53 12.89
N ILE C 384 -18.57 28.85 12.78
CA ILE C 384 -18.08 30.17 13.16
C ILE C 384 -18.04 31.16 12.01
N ASP C 385 -18.88 32.19 12.07
CA ASP C 385 -18.75 33.29 11.13
C ASP C 385 -18.70 34.62 11.87
N MET C 386 -18.94 35.70 11.15
CA MET C 386 -18.68 37.05 11.65
C MET C 386 -19.40 37.30 12.97
N TYR C 387 -20.61 36.77 13.10
CA TYR C 387 -21.39 36.98 14.31
C TYR C 387 -20.78 36.31 15.53
N LYS C 388 -20.41 35.04 15.42
CA LYS C 388 -19.80 34.32 16.55
C LYS C 388 -18.39 34.78 16.87
N CYS C 389 -17.62 35.11 15.85
CA CYS C 389 -16.27 35.60 16.10
C CYS C 389 -15.76 36.49 14.98
N VAL C 390 -15.00 37.50 15.35
CA VAL C 390 -14.46 38.39 14.35
C VAL C 390 -12.97 38.09 14.20
N SER C 391 -12.31 37.81 15.32
CA SER C 391 -10.90 37.44 15.32
C SER C 391 -10.67 36.18 16.18
N LEU C 392 -10.26 35.08 15.56
CA LEU C 392 -10.25 33.78 16.23
C LEU C 392 -8.84 33.25 16.51
N GLN C 393 -8.67 32.63 17.67
CA GLN C 393 -7.39 32.01 18.02
C GLN C 393 -7.46 30.47 18.22
N LEU C 394 -7.02 29.73 17.20
CA LEU C 394 -6.93 28.28 17.30
C LEU C 394 -5.47 27.92 17.47
N ASP C 395 -5.06 27.74 18.72
CA ASP C 395 -3.63 27.68 19.08
C ASP C 395 -2.81 28.79 18.42
N ASN C 396 -1.75 28.40 17.73
CA ASN C 396 -0.87 29.33 17.08
C ASN C 396 -1.55 30.12 15.95
N LEU C 397 -2.77 29.77 15.59
CA LEU C 397 -3.42 30.46 14.49
C LEU C 397 -4.34 31.59 14.96
N ARG C 398 -3.97 32.81 14.58
CA ARG C 398 -4.80 33.97 14.88
C ARG C 398 -5.24 34.63 13.59
N PHE C 399 -6.53 34.81 13.43
CA PHE C 399 -7.03 35.28 12.15
C PHE C 399 -8.45 35.78 12.23
N THR C 400 -8.73 36.78 11.40
CA THR C 400 -10.05 37.39 11.34
C THR C 400 -11.11 36.46 10.73
N ILE C 401 -12.37 36.88 10.77
CA ILE C 401 -13.43 36.29 9.98
C ILE C 401 -14.41 37.41 9.71
N THR C 402 -14.74 37.63 8.45
CA THR C 402 -15.55 38.78 8.10
C THR C 402 -16.85 38.43 7.36
N GLN C 403 -16.97 37.18 6.93
CA GLN C 403 -18.15 36.74 6.19
C GLN C 403 -19.26 36.10 7.04
N LEU C 404 -20.45 36.02 6.47
CA LEU C 404 -21.60 35.41 7.11
C LEU C 404 -22.07 34.17 6.34
N ALA C 405 -22.32 33.09 7.07
CA ALA C 405 -22.71 31.83 6.48
C ALA C 405 -24.16 31.85 5.96
N ASN C 406 -24.38 31.13 4.86
CA ASN C 406 -25.72 30.94 4.29
C ASN C 406 -26.62 30.23 5.32
N VAL C 407 -27.83 30.75 5.50
CA VAL C 407 -28.63 30.45 6.68
C VAL C 407 -29.41 29.11 6.67
N THR C 408 -29.07 28.20 5.75
CA THR C 408 -29.78 26.91 5.69
C THR C 408 -29.60 26.09 6.98
N TYR C 409 -30.72 25.79 7.62
CA TYR C 409 -30.79 25.50 9.06
C TYR C 409 -32.25 25.02 9.28
N ASN C 410 -32.75 24.79 10.51
CA ASN C 410 -32.09 25.05 11.79
C ASN C 410 -31.45 23.83 12.44
N SER C 411 -30.79 24.06 13.59
CA SER C 411 -29.97 23.05 14.26
C SER C 411 -30.76 21.86 14.85
N THR C 412 -31.91 21.53 14.24
CA THR C 412 -32.78 20.46 14.73
C THR C 412 -32.45 19.09 14.13
N ILE C 413 -31.32 18.51 14.53
CA ILE C 413 -30.96 17.15 14.13
C ILE C 413 -30.70 16.29 15.35
N LYS C 414 -31.39 15.16 15.41
CA LYS C 414 -31.21 14.26 16.54
C LYS C 414 -30.63 12.97 16.04
N LEU C 415 -29.67 12.46 16.80
CA LEU C 415 -28.85 11.35 16.34
C LEU C 415 -28.74 10.25 17.41
N GLU C 416 -29.14 9.04 17.06
CA GLU C 416 -29.10 7.88 17.94
C GLU C 416 -27.69 7.33 18.14
N SER C 417 -27.43 6.77 19.32
CA SER C 417 -26.21 6.04 19.57
C SER C 417 -26.15 4.77 18.74
N SER C 418 -27.31 4.31 18.26
CA SER C 418 -27.37 3.13 17.38
C SER C 418 -26.80 3.47 16.01
N GLN C 419 -26.35 4.72 15.88
CA GLN C 419 -25.72 5.24 14.67
C GLN C 419 -24.20 5.23 14.80
N ILE C 420 -23.69 4.98 15.98
CA ILE C 420 -22.24 4.90 16.19
C ILE C 420 -21.84 3.43 16.10
N LEU C 421 -21.35 3.04 14.93
CA LEU C 421 -20.95 1.66 14.65
C LEU C 421 -19.44 1.55 14.60
N PRO C 422 -18.91 0.32 14.59
CA PRO C 422 -17.47 0.20 14.33
C PRO C 422 -17.17 0.08 12.83
N ILE C 423 -15.96 0.43 12.38
CA ILE C 423 -15.59 0.11 11.01
C ILE C 423 -14.36 -0.78 10.87
N ASP C 424 -13.52 -0.83 11.90
CA ASP C 424 -12.44 -1.80 11.92
C ASP C 424 -13.04 -3.20 11.90
N PRO C 425 -12.60 -4.07 10.96
CA PRO C 425 -13.17 -5.42 10.92
C PRO C 425 -13.17 -6.17 12.27
N LEU C 426 -12.02 -6.25 12.94
CA LEU C 426 -11.91 -6.92 14.23
C LEU C 426 -13.01 -6.51 15.19
N ASP C 427 -13.28 -5.20 15.26
CA ASP C 427 -14.40 -4.72 16.07
C ASP C 427 -15.74 -5.23 15.51
N ILE C 428 -15.97 -5.06 14.21
CA ILE C 428 -17.22 -5.50 13.60
C ILE C 428 -17.45 -6.97 13.89
N SER C 429 -16.38 -7.76 13.92
CA SER C 429 -16.47 -9.19 14.22
C SER C 429 -16.90 -9.44 15.67
N GLN C 430 -16.22 -8.80 16.62
CA GLN C 430 -16.58 -8.91 18.02
C GLN C 430 -18.06 -8.58 18.23
N ASN C 431 -18.49 -7.47 17.62
CA ASN C 431 -19.87 -7.04 17.70
C ASN C 431 -20.80 -8.10 17.17
N LEU C 432 -20.37 -8.82 16.14
CA LEU C 432 -21.20 -9.89 15.63
C LEU C 432 -21.28 -11.03 16.65
N ALA C 433 -20.15 -11.40 17.25
CA ALA C 433 -20.12 -12.43 18.29
C ALA C 433 -21.12 -12.10 19.38
N ALA C 434 -21.14 -10.83 19.77
CA ALA C 434 -22.07 -10.33 20.77
C ALA C 434 -23.53 -10.41 20.33
N VAL C 435 -23.83 -10.07 19.08
CA VAL C 435 -25.19 -10.29 18.58
C VAL C 435 -25.58 -11.77 18.63
N ASN C 436 -24.64 -12.67 18.29
CA ASN C 436 -24.89 -14.14 18.31
C ASN C 436 -25.07 -14.75 19.71
N LYS C 437 -24.29 -14.29 20.69
CA LYS C 437 -24.54 -14.67 22.07
C LYS C 437 -25.98 -14.25 22.41
N SER C 438 -26.33 -13.02 22.03
CA SER C 438 -27.66 -12.47 22.26
C SER C 438 -28.83 -13.20 21.58
N LEU C 439 -28.60 -13.77 20.40
CA LEU C 439 -29.61 -14.60 19.73
C LEU C 439 -29.71 -15.94 20.44
N SER C 440 -28.56 -16.44 20.85
CA SER C 440 -28.49 -17.73 21.53
C SER C 440 -29.19 -17.70 22.87
N ASP C 441 -29.23 -16.54 23.49
CA ASP C 441 -29.93 -16.37 24.76
C ASP C 441 -31.42 -16.09 24.54
N ALA C 442 -31.76 -15.57 23.37
CA ALA C 442 -33.16 -15.44 22.98
C ALA C 442 -33.68 -16.72 22.34
N LEU C 443 -32.85 -17.76 22.26
CA LEU C 443 -33.30 -19.05 21.74
C LEU C 443 -33.52 -20.04 22.87
N GLN C 444 -32.76 -19.85 23.93
CA GLN C 444 -32.98 -20.58 25.17
C GLN C 444 -34.24 -20.03 25.82
N HIS C 445 -34.59 -18.79 25.49
CA HIS C 445 -35.76 -18.19 26.09
C HIS C 445 -37.01 -18.75 25.47
N LEU C 446 -37.08 -18.85 24.15
CA LEU C 446 -38.32 -19.38 23.57
C LEU C 446 -38.47 -20.88 23.80
N ALA C 447 -37.33 -21.56 23.93
CA ALA C 447 -37.30 -22.95 24.37
C ALA C 447 -38.08 -23.15 25.68
N GLN C 448 -37.69 -22.41 26.72
CA GLN C 448 -38.34 -22.42 28.01
C GLN C 448 -39.79 -21.94 27.92
N SER C 449 -40.06 -20.91 27.11
CA SER C 449 -41.43 -20.49 26.83
C SER C 449 -42.21 -21.57 26.06
N ASP C 450 -41.50 -22.50 25.44
CA ASP C 450 -42.22 -23.62 24.86
C ASP C 450 -42.44 -24.71 25.91
N THR C 451 -41.53 -24.80 26.89
CA THR C 451 -41.67 -25.76 28.00
C THR C 451 -42.91 -25.43 28.85
N TYR C 452 -43.10 -24.15 29.15
CA TYR C 452 -44.29 -23.70 29.85
C TYR C 452 -45.52 -24.01 29.01
N LEU C 453 -45.45 -23.78 27.71
CA LEU C 453 -46.61 -24.03 26.88
C LEU C 453 -47.08 -25.49 26.94
N SER C 454 -46.14 -26.41 27.15
CA SER C 454 -46.46 -27.82 27.29
C SER C 454 -47.00 -28.09 28.68
N ALA C 455 -46.36 -27.48 29.68
CA ALA C 455 -46.76 -27.65 31.08
C ALA C 455 -48.16 -27.11 31.35
N ILE C 456 -48.60 -26.09 30.62
CA ILE C 456 -49.95 -25.62 30.80
C ILE C 456 -50.97 -26.50 30.04
N GLU C 457 -50.61 -27.01 28.87
CA GLU C 457 -51.45 -28.00 28.18
C GLU C 457 -51.72 -29.22 29.06
N ASP C 458 -50.73 -29.57 29.88
CA ASP C 458 -50.88 -30.60 30.90
C ASP C 458 -51.94 -30.25 31.94
N LYS C 459 -51.73 -29.11 32.59
CA LYS C 459 -52.65 -28.62 33.62
C LYS C 459 -54.06 -28.52 33.06
N ILE C 460 -54.26 -27.82 31.95
CA ILE C 460 -55.62 -27.65 31.45
C ILE C 460 -56.27 -28.98 31.03
N GLU C 461 -55.47 -30.00 30.76
CA GLU C 461 -56.04 -31.35 30.62
C GLU C 461 -56.50 -31.85 32.00
N GLU C 462 -55.60 -31.79 32.98
CA GLU C 462 -55.89 -32.27 34.33
C GLU C 462 -57.06 -31.50 34.96
N ILE C 463 -57.33 -30.29 34.45
CA ILE C 463 -58.50 -29.51 34.85
C ILE C 463 -59.75 -30.08 34.17
N LEU C 464 -59.62 -30.41 32.89
CA LEU C 464 -60.70 -31.00 32.11
C LEU C 464 -61.25 -32.35 32.66
N SER C 465 -60.39 -33.09 33.35
CA SER C 465 -60.80 -34.34 33.97
C SER C 465 -61.46 -34.03 35.32
N LYS C 466 -60.98 -33.01 36.01
CA LYS C 466 -61.63 -32.56 37.23
C LYS C 466 -63.06 -32.11 36.93
N ILE C 467 -63.28 -31.36 35.87
CA ILE C 467 -64.65 -30.93 35.55
C ILE C 467 -65.57 -32.10 35.18
N TYR C 468 -65.00 -33.15 34.61
CA TYR C 468 -65.75 -34.36 34.26
C TYR C 468 -66.30 -35.01 35.52
N HIS C 469 -65.37 -35.54 36.33
CA HIS C 469 -65.69 -36.23 37.58
C HIS C 469 -66.63 -35.41 38.43
N ILE C 470 -66.51 -34.09 38.31
CA ILE C 470 -67.43 -33.19 38.97
C ILE C 470 -68.82 -33.21 38.33
N GLU C 471 -68.89 -33.03 37.01
CA GLU C 471 -70.17 -33.11 36.29
C GLU C 471 -70.88 -34.44 36.58
N ASN C 472 -70.07 -35.48 36.81
CA ASN C 472 -70.60 -36.82 37.02
C ASN C 472 -71.16 -37.06 38.40
N GLU C 473 -70.49 -36.52 39.42
CA GLU C 473 -71.04 -36.57 40.76
C GLU C 473 -72.27 -35.67 40.87
N ILE C 474 -72.39 -34.69 39.99
CA ILE C 474 -73.63 -33.94 39.84
C ILE C 474 -74.75 -34.79 39.24
N ALA C 475 -74.48 -35.43 38.10
CA ALA C 475 -75.48 -36.33 37.51
C ALA C 475 -75.81 -37.45 38.49
N ARG C 476 -74.78 -37.99 39.13
CA ARG C 476 -74.92 -39.07 40.11
C ARG C 476 -75.88 -38.70 41.21
N ILE C 477 -76.08 -37.40 41.41
CA ILE C 477 -77.08 -36.92 42.35
C ILE C 477 -78.49 -36.82 41.73
N LYS C 478 -79.19 -37.96 41.79
CA LYS C 478 -80.57 -38.11 41.34
C LYS C 478 -81.47 -38.40 42.51
N LYS C 479 -81.97 -37.32 43.13
CA LYS C 479 -82.94 -37.38 44.23
C LYS C 479 -83.37 -35.96 44.64
C1 NAG D . 14.08 32.67 -18.92
C2 NAG D . 15.16 33.72 -18.60
C3 NAG D . 14.58 35.15 -18.50
C4 NAG D . 13.70 35.45 -19.73
C5 NAG D . 12.62 34.34 -19.79
C6 NAG D . 11.63 34.49 -20.93
C7 NAG D . 16.71 32.19 -17.39
C8 NAG D . 17.39 31.84 -16.10
N2 NAG D . 15.86 33.24 -17.41
O3 NAG D . 15.53 36.22 -18.32
O4 NAG D . 13.21 36.80 -19.76
O5 NAG D . 13.23 33.07 -19.96
O6 NAG D . 12.18 33.94 -22.11
O7 NAG D . 16.94 31.50 -18.38
C1 NAG E . -32.41 -11.04 6.92
C2 NAG E . -32.23 -9.99 5.81
C3 NAG E . -33.62 -9.56 5.35
C4 NAG E . -34.34 -10.79 4.78
C5 NAG E . -34.33 -11.98 5.76
C6 NAG E . -34.68 -13.29 5.05
C7 NAG E . -30.08 -8.85 5.79
C8 NAG E . -29.01 -9.56 6.57
N2 NAG E . -31.34 -8.91 6.24
O3 NAG E . -33.54 -8.55 4.35
O4 NAG E . -35.66 -10.45 4.39
O5 NAG E . -33.08 -12.18 6.40
O6 NAG E . -33.80 -14.32 5.45
O7 NAG E . -29.75 -8.24 4.77
C1 NAG F . 38.70 7.78 7.80
C2 NAG F . 39.77 6.90 7.17
C3 NAG F . 40.69 6.21 8.19
C4 NAG F . 41.06 7.09 9.39
C5 NAG F . 39.80 7.75 9.93
C6 NAG F . 40.15 8.61 11.14
C7 NAG F . 39.40 5.65 5.01
C8 NAG F . 40.35 4.52 4.77
N2 NAG F . 39.11 5.93 6.30
O3 NAG F . 41.92 5.84 7.57
O4 NAG F . 41.73 6.36 10.42
O5 NAG F . 39.20 8.53 8.91
O6 NAG F . 39.02 9.36 11.51
O7 NAG F . 38.92 6.26 4.04
C1 NAG G . 24.54 -8.49 -30.59
C2 NAG G . 24.79 -7.62 -31.81
C3 NAG G . 24.53 -8.38 -33.11
C4 NAG G . 25.33 -9.69 -33.11
C5 NAG G . 25.08 -10.46 -31.82
C6 NAG G . 25.99 -11.66 -31.68
C7 NAG G . 24.51 -5.30 -31.34
C8 NAG G . 23.92 -4.06 -31.96
N2 NAG G . 23.96 -6.45 -31.73
O3 NAG G . 24.89 -7.60 -34.23
O4 NAG G . 24.98 -10.47 -34.24
O5 NAG G . 25.31 -9.65 -30.67
O6 NAG G . 25.67 -12.31 -30.47
O7 NAG G . 25.44 -5.28 -30.54
#